data_1WA5
#
_entry.id   1WA5
#
_cell.length_a   272.672
_cell.length_b   72.261
_cell.length_c   97.640
_cell.angle_alpha   90.000
_cell.angle_beta   92.570
_cell.angle_gamma   90.000
#
_symmetry.space_group_name_H-M   'C 1 2 1'
#
loop_
_entity.id
_entity.type
_entity.pdbx_description
1 polymer 'GTP-binding nuclear protein Ran'
2 polymer 'SRP1 isoform 1'
3 polymer 'Importin alpha re-exporter'
4 non-polymer "GUANOSINE-5'-TRIPHOSPHATE"
5 non-polymer 'MAGNESIUM ION'
6 water water
#
loop_
_entity_poly.entity_id
_entity_poly.type
_entity_poly.pdbx_seq_one_letter_code
_entity_poly.pdbx_strand_id
1 'polypeptide(L)'
;MAAQGEPQVQFKLVLVGDGGTGKTTFVKRHLTGEFEKKYVATLGVEVHPLVFHTNRGPIKFNVWDTAGQEKFGGLRDGYY
IQAQCAIIMFDVTSRVTYKNVPNWHRDLVRVCENIPIVLCGNKVDIKDRKVKAKSIVFHRKKNLQYYDISAKSNYNFEKP
FLWLARKLIGDPNLEF
;
A
2 'polypeptide(L)'
;MDNGTDSSTSKFVPEYRRTNFKNKGRFSADELRRRRDTQQVELRKAKRDEALAKRRNFIPPTDGADSDEEDESSVSADQQ
FYSQLQQELPQMTQQLNSDDMQEQLSATVKFRQILSQEHRPPIDVVIQAGVVPRLVEFMRENQPEMLQLEAAWALTNIAS
GTSAQTKVVVDADAVPLFIQLLYTGSVEVKEQAIWALGNVAGDSTDYRDYVLQCNAMEPILGLFNSNKPSLIRTATWTLS
NLCRGKKPQPDWSVVSQALPTLAKLIYSMDTETLVDACWAISYLSDGPQEAIQAVIDVRIPKRLVELLSHESTLVQTPAL
RAVGNIVTGNDLQTQVVINAGVLPALRLLLSSPKENIKKEACWTISNITAGNTEQIQAVIDANLIPPLVKLLEVAEYKTK
KEACWAISNASSGGLQRPDIIRYLVSQGCIKPLCDLLEIADNRIIEVTLDALENILKMGEADKEARGLNINENADFIEKA
GGMEKIFNCQQNENDKIYEKAYKIIETYFGEEEDAVDETMAPQNAGNTFG
;
B
3 'polypeptide(L)'
;MSDLETVAKFLAESVIASTAKTSERNLRQLETQDGFGLTLLHVIASTNLPLSTRLAGALFFKNFIKRKWVDENGNHLLPA
NNVELIKKEIVPLMISLPNNLQVQIGEAISSIADSDFPDRWPTLLSDLASRLSNDDMVTNKGVLTVAHSIFKRWRPLFRS
DELFLEIKLVLDVFTAPFLNLLKTVDEQITANENNKASLNILFDVLLVLIKLYYDFNCQDIPEFFEDNIQVGMGIFHKYL
SYSNPLLEDPDETEHASVLIKVKSSIQELVQLYTTRYEDVFGPMINEFIQITWNLLTSISNQPKYDILVSKSLSFLTAVT
RIPKYFEIFNNESAMNNITEQIILPNVTLREEDVELFEDDPIEYIRRDLEGSDTDTRRRACTDFLKELKEKNEVLVTNIF
LAHMKGFVDQYMSDPSKNWKFKDLYIYLFTALAINGNITNAGVSSTNNLLNVVDFFTKEIAPDLTSNNIPHIILRVDAIK
YIYTFRNQLTKAQLIELMPILATFLQTDEYVVYTYAAITIEKILTIRESNTSPAFIFHKEDISNSTEILLKNLIALILKH
GSSPEKLAENEFLMRSIFRVLQTSEDSIQPLFPQLLAQFIEIVTIMAKNPSNPRFTHYTFESIGAILNYTQRQNLPLLVD
SMMPTFLTVFSEDIQEFIPYVFQIIAFVVEQSATIPESIKPLAQPLLAPNVWELKGNIPAVTRLLKSFIKTDSSIFPDLV
PVLGIFQRLIASKAYEVHGFDLLEHIMLLIDMNRLRPYIKQIAVLLLQRLQNSKTERYVKKLTVFFGLISNKLGSDFLIH
FIDEVQDGLFQQIWGNFIITTLPTIGNLLDRKIALIGVLNMVINGQFFQSKYPTLISSTMNSIIETASSQSIANLKNDYV
DLDNLEEISTFGSHFSKLVSISEKPFDPLPEIDVNNGVRLYVAEALNKYNAISGNTFLNTILPQLTQENQVKLNQLLVGN
;
C
#
# COMPACT_ATOMS: atom_id res chain seq x y z
N PRO A 7 -15.13 -32.08 -37.49
CA PRO A 7 -15.06 -31.62 -36.10
C PRO A 7 -16.29 -32.03 -35.30
N GLN A 8 -16.43 -33.34 -35.06
CA GLN A 8 -17.65 -33.85 -34.44
C GLN A 8 -17.59 -33.84 -32.92
N VAL A 9 -16.41 -33.94 -32.33
CA VAL A 9 -16.26 -33.68 -30.90
C VAL A 9 -16.17 -32.17 -30.71
N GLN A 10 -17.11 -31.60 -29.97
CA GLN A 10 -17.25 -30.16 -29.84
C GLN A 10 -17.33 -29.75 -28.37
N PHE A 11 -16.69 -28.63 -28.04
CA PHE A 11 -16.71 -28.12 -26.68
C PHE A 11 -16.93 -26.61 -26.68
N LYS A 12 -17.79 -26.15 -25.77
CA LYS A 12 -17.98 -24.71 -25.55
C LYS A 12 -16.89 -24.22 -24.61
N LEU A 13 -16.02 -23.35 -25.12
CA LEU A 13 -14.91 -22.78 -24.37
C LEU A 13 -15.14 -21.28 -24.27
N VAL A 14 -15.20 -20.76 -23.05
CA VAL A 14 -15.36 -19.32 -22.84
C VAL A 14 -13.99 -18.74 -22.50
N LEU A 15 -13.62 -17.70 -23.24
CA LEU A 15 -12.34 -17.01 -23.08
C LEU A 15 -12.63 -15.62 -22.49
N VAL A 16 -12.15 -15.40 -21.26
CA VAL A 16 -12.47 -14.20 -20.51
C VAL A 16 -11.18 -13.57 -19.99
N GLY A 17 -11.29 -12.33 -19.58
CA GLY A 17 -10.14 -11.56 -19.09
C GLY A 17 -10.32 -10.09 -19.39
N ASP A 18 -9.54 -9.28 -18.69
CA ASP A 18 -9.61 -7.82 -18.82
C ASP A 18 -9.46 -7.37 -20.27
N GLY A 19 -9.96 -6.17 -20.56
CA GLY A 19 -9.78 -5.62 -21.89
C GLY A 19 -8.31 -5.42 -22.20
N GLY A 20 -7.95 -5.72 -23.45
CA GLY A 20 -6.59 -5.50 -23.93
C GLY A 20 -5.58 -6.57 -23.56
N THR A 21 -6.00 -7.66 -22.92
CA THR A 21 -5.05 -8.69 -22.51
C THR A 21 -4.61 -9.59 -23.66
N GLY A 22 -5.27 -9.52 -24.81
CA GLY A 22 -4.88 -10.27 -25.98
C GLY A 22 -5.76 -11.46 -26.32
N LYS A 23 -6.98 -11.52 -25.82
CA LYS A 23 -7.84 -12.68 -26.08
C LYS A 23 -8.14 -12.83 -27.56
N THR A 24 -8.52 -11.73 -28.23
CA THR A 24 -8.85 -11.80 -29.64
C THR A 24 -7.61 -12.06 -30.49
N THR A 25 -6.51 -11.39 -30.17
CA THR A 25 -5.25 -11.64 -30.87
C THR A 25 -4.87 -13.12 -30.78
N PHE A 26 -5.04 -13.71 -29.61
CA PHE A 26 -4.71 -15.11 -29.40
C PHE A 26 -5.56 -16.02 -30.28
N VAL A 27 -6.88 -15.79 -30.30
CA VAL A 27 -7.78 -16.61 -31.11
C VAL A 27 -7.47 -16.44 -32.59
N LYS A 28 -7.29 -15.20 -33.05
CA LYS A 28 -7.05 -14.97 -34.47
C LYS A 28 -5.73 -15.59 -34.91
N ARG A 29 -4.73 -15.60 -34.02
CA ARG A 29 -3.48 -16.28 -34.34
C ARG A 29 -3.70 -17.77 -34.56
N HIS A 30 -4.55 -18.39 -33.72
CA HIS A 30 -4.86 -19.80 -33.92
C HIS A 30 -5.71 -20.01 -35.18
N LEU A 31 -6.60 -19.08 -35.47
CA LEU A 31 -7.53 -19.27 -36.58
C LEU A 31 -6.83 -19.12 -37.92
N THR A 32 -6.04 -18.05 -38.09
CA THR A 32 -5.46 -17.70 -39.38
C THR A 32 -3.94 -17.63 -39.38
N GLY A 33 -3.30 -17.59 -38.21
CA GLY A 33 -1.86 -17.40 -38.13
C GLY A 33 -1.42 -15.96 -38.17
N GLU A 34 -2.32 -15.02 -38.44
CA GLU A 34 -2.00 -13.61 -38.47
C GLU A 34 -1.94 -13.03 -37.07
N PHE A 35 -1.00 -12.10 -36.84
CA PHE A 35 -0.92 -11.37 -35.58
C PHE A 35 -1.53 -9.99 -35.76
N GLU A 36 -2.55 -9.68 -34.97
CA GLU A 36 -3.22 -8.38 -35.02
C GLU A 36 -2.50 -7.40 -34.12
N LYS A 37 -2.07 -6.27 -34.69
CA LYS A 37 -1.31 -5.27 -33.95
C LYS A 37 -2.19 -4.22 -33.29
N LYS A 38 -3.37 -3.96 -33.82
CA LYS A 38 -4.25 -2.91 -33.31
C LYS A 38 -5.20 -3.48 -32.27
N TYR A 39 -5.64 -2.62 -31.36
CA TYR A 39 -6.60 -2.99 -30.32
C TYR A 39 -7.98 -2.49 -30.72
N VAL A 40 -8.81 -3.40 -31.17
CA VAL A 40 -10.21 -3.13 -31.47
C VAL A 40 -11.02 -3.94 -30.46
N ALA A 41 -11.56 -3.26 -29.46
CA ALA A 41 -12.27 -3.94 -28.39
C ALA A 41 -13.39 -4.81 -28.93
N THR A 42 -13.54 -5.99 -28.34
CA THR A 42 -14.62 -6.90 -28.71
C THR A 42 -15.93 -6.43 -28.10
N LEU A 43 -17.02 -6.57 -28.84
CA LEU A 43 -18.35 -6.12 -28.42
C LEU A 43 -19.18 -7.34 -28.02
N GLY A 44 -19.29 -7.58 -26.72
CA GLY A 44 -20.02 -8.73 -26.22
C GLY A 44 -19.26 -10.03 -26.40
N VAL A 45 -19.50 -10.72 -27.52
CA VAL A 45 -18.82 -11.98 -27.80
C VAL A 45 -18.66 -12.14 -29.31
N GLU A 46 -17.62 -12.88 -29.69
CA GLU A 46 -17.51 -13.45 -31.02
C GLU A 46 -17.14 -14.92 -30.85
N VAL A 47 -17.94 -15.80 -31.45
CA VAL A 47 -17.71 -17.23 -31.35
C VAL A 47 -16.88 -17.67 -32.55
N HIS A 48 -15.76 -18.33 -32.29
CA HIS A 48 -14.83 -18.75 -33.33
C HIS A 48 -14.58 -20.24 -33.19
N PRO A 49 -14.83 -21.05 -34.22
CA PRO A 49 -14.50 -22.47 -34.14
C PRO A 49 -13.01 -22.72 -34.39
N LEU A 50 -12.40 -23.47 -33.47
CA LEU A 50 -11.01 -23.89 -33.58
C LEU A 50 -10.97 -25.40 -33.64
N VAL A 51 -10.34 -25.94 -34.68
CA VAL A 51 -10.24 -27.38 -34.88
C VAL A 51 -8.80 -27.81 -34.69
N PHE A 52 -8.58 -28.83 -33.88
CA PHE A 52 -7.28 -29.47 -33.70
C PHE A 52 -7.39 -30.92 -34.16
N HIS A 53 -6.37 -31.39 -34.88
CA HIS A 53 -6.33 -32.75 -35.39
C HIS A 53 -5.38 -33.54 -34.51
N THR A 54 -5.94 -34.43 -33.67
CA THR A 54 -5.21 -35.08 -32.60
C THR A 54 -5.07 -36.58 -32.88
N ASN A 55 -4.26 -37.23 -32.06
CA ASN A 55 -4.12 -38.69 -32.13
C ASN A 55 -5.38 -39.40 -31.63
N ARG A 56 -6.40 -38.66 -31.20
CA ARG A 56 -7.69 -39.22 -30.84
C ARG A 56 -8.80 -38.69 -31.75
N GLY A 57 -8.43 -38.11 -32.90
CA GLY A 57 -9.39 -37.59 -33.83
C GLY A 57 -9.44 -36.08 -33.83
N PRO A 58 -10.32 -35.51 -34.67
CA PRO A 58 -10.46 -34.05 -34.71
C PRO A 58 -11.26 -33.56 -33.51
N ILE A 59 -10.75 -32.52 -32.85
CA ILE A 59 -11.38 -31.91 -31.69
C ILE A 59 -11.69 -30.46 -32.03
N LYS A 60 -12.93 -30.05 -31.79
CA LYS A 60 -13.38 -28.71 -32.11
C LYS A 60 -13.66 -27.94 -30.83
N PHE A 61 -13.04 -26.77 -30.70
CA PHE A 61 -13.35 -25.82 -29.64
C PHE A 61 -14.14 -24.67 -30.25
N ASN A 62 -15.36 -24.47 -29.78
CA ASN A 62 -16.11 -23.25 -30.10
C ASN A 62 -15.71 -22.20 -29.07
N VAL A 63 -14.80 -21.32 -29.47
CA VAL A 63 -14.22 -20.32 -28.57
C VAL A 63 -15.16 -19.13 -28.53
N TRP A 64 -15.80 -18.91 -27.38
CA TRP A 64 -16.58 -17.70 -27.14
C TRP A 64 -15.61 -16.63 -26.65
N ASP A 65 -15.14 -15.81 -27.58
CA ASP A 65 -14.20 -14.72 -27.29
C ASP A 65 -15.00 -13.55 -26.75
N THR A 66 -15.03 -13.39 -25.43
CA THR A 66 -15.91 -12.42 -24.81
C THR A 66 -15.19 -11.09 -24.61
N ALA A 67 -15.98 -10.04 -24.37
CA ALA A 67 -15.45 -8.70 -24.18
C ALA A 67 -14.99 -8.50 -22.75
N GLY A 68 -13.79 -7.93 -22.59
CA GLY A 68 -13.24 -7.65 -21.28
C GLY A 68 -13.57 -6.29 -20.73
N GLN A 69 -13.97 -5.36 -21.59
CA GLN A 69 -14.37 -4.02 -21.15
C GLN A 69 -15.82 -4.06 -20.68
N GLU A 70 -16.07 -3.56 -19.48
CA GLU A 70 -17.39 -3.66 -18.89
C GLU A 70 -18.45 -3.04 -19.80
N LYS A 71 -18.19 -1.86 -20.36
CA LYS A 71 -19.19 -1.19 -21.17
C LYS A 71 -19.56 -1.99 -22.42
N PHE A 72 -18.67 -2.86 -22.89
CA PHE A 72 -18.96 -3.74 -24.03
C PHE A 72 -19.24 -5.17 -23.58
N GLY A 73 -19.47 -5.39 -22.30
CA GLY A 73 -19.54 -6.75 -21.77
C GLY A 73 -20.66 -7.60 -22.34
N GLY A 74 -21.68 -6.98 -22.90
CA GLY A 74 -22.77 -7.76 -23.47
C GLY A 74 -23.50 -8.54 -22.38
N LEU A 75 -23.67 -9.85 -22.62
CA LEU A 75 -24.31 -10.71 -21.63
C LEU A 75 -23.40 -11.02 -20.44
N ARG A 76 -22.10 -10.75 -20.54
CA ARG A 76 -21.16 -10.96 -19.44
CA ARG A 76 -21.15 -10.96 -19.45
C ARG A 76 -21.20 -12.44 -19.07
N ASP A 77 -21.39 -12.79 -17.79
CA ASP A 77 -21.36 -14.20 -17.43
C ASP A 77 -22.56 -14.98 -17.96
N GLY A 78 -23.52 -14.31 -18.61
CA GLY A 78 -24.52 -15.02 -19.37
C GLY A 78 -23.94 -15.88 -20.48
N TYR A 79 -22.73 -15.55 -20.93
CA TYR A 79 -22.05 -16.36 -21.94
C TYR A 79 -21.55 -17.69 -21.39
N TYR A 80 -21.45 -17.85 -20.07
CA TYR A 80 -20.79 -19.02 -19.49
C TYR A 80 -21.70 -20.23 -19.36
N ILE A 81 -23.00 -20.07 -19.62
CA ILE A 81 -23.95 -21.16 -19.39
C ILE A 81 -23.59 -22.35 -20.27
N GLN A 82 -23.48 -23.52 -19.65
CA GLN A 82 -23.16 -24.78 -20.32
C GLN A 82 -21.79 -24.76 -20.99
N ALA A 83 -20.89 -23.88 -20.55
CA ALA A 83 -19.51 -23.97 -20.98
C ALA A 83 -18.87 -25.22 -20.38
N GLN A 84 -18.04 -25.90 -21.17
CA GLN A 84 -17.37 -27.11 -20.73
C GLN A 84 -15.92 -26.86 -20.33
N CYS A 85 -15.37 -25.70 -20.64
CA CYS A 85 -14.02 -25.33 -20.24
C CYS A 85 -13.87 -23.82 -20.42
N ALA A 86 -12.77 -23.28 -19.92
CA ALA A 86 -12.54 -21.85 -19.98
C ALA A 86 -11.05 -21.53 -19.99
N ILE A 87 -10.73 -20.36 -20.55
CA ILE A 87 -9.41 -19.75 -20.44
C ILE A 87 -9.61 -18.37 -19.84
N ILE A 88 -8.94 -18.09 -18.72
CA ILE A 88 -8.85 -16.76 -18.14
C ILE A 88 -7.52 -16.17 -18.57
N MET A 89 -7.54 -15.01 -19.22
CA MET A 89 -6.32 -14.38 -19.69
C MET A 89 -6.04 -13.10 -18.92
N PHE A 90 -4.75 -12.85 -18.67
CA PHE A 90 -4.30 -11.56 -18.20
C PHE A 90 -3.05 -11.19 -18.98
N ASP A 91 -2.54 -10.00 -18.70
CA ASP A 91 -1.41 -9.42 -19.40
C ASP A 91 -0.29 -9.26 -18.38
N VAL A 92 0.82 -9.97 -18.59
CA VAL A 92 1.88 -9.95 -17.58
C VAL A 92 2.55 -8.60 -17.44
N THR A 93 2.31 -7.69 -18.38
CA THR A 93 2.82 -6.33 -18.27
C THR A 93 1.86 -5.38 -17.56
N SER A 94 0.68 -5.85 -17.15
CA SER A 94 -0.32 -5.01 -16.49
C SER A 94 -0.76 -5.69 -15.20
N ARG A 95 -0.25 -5.20 -14.07
CA ARG A 95 -0.55 -5.83 -12.77
C ARG A 95 -2.04 -5.85 -12.48
N VAL A 96 -2.80 -4.87 -12.98
CA VAL A 96 -4.22 -4.80 -12.64
C VAL A 96 -4.99 -5.95 -13.29
N THR A 97 -4.55 -6.43 -14.46
CA THR A 97 -5.28 -7.52 -15.10
C THR A 97 -5.13 -8.82 -14.33
N TYR A 98 -4.01 -9.02 -13.64
CA TYR A 98 -3.89 -10.17 -12.76
C TYR A 98 -4.69 -9.98 -11.48
N LYS A 99 -4.77 -8.74 -10.99
CA LYS A 99 -5.55 -8.47 -9.79
C LYS A 99 -7.03 -8.76 -10.02
N ASN A 100 -7.49 -8.69 -11.27
CA ASN A 100 -8.88 -8.98 -11.60
C ASN A 100 -9.12 -10.45 -11.92
N VAL A 101 -8.08 -11.28 -11.98
CA VAL A 101 -8.28 -12.70 -12.29
C VAL A 101 -9.25 -13.36 -11.31
N PRO A 102 -9.16 -13.11 -9.99
CA PRO A 102 -10.14 -13.73 -9.07
C PRO A 102 -11.57 -13.35 -9.38
N ASN A 103 -11.83 -12.13 -9.85
CA ASN A 103 -13.18 -11.74 -10.23
C ASN A 103 -13.68 -12.59 -11.40
N TRP A 104 -12.85 -12.74 -12.45
CA TRP A 104 -13.27 -13.56 -13.59
C TRP A 104 -13.49 -15.01 -13.16
N HIS A 105 -12.59 -15.54 -12.33
CA HIS A 105 -12.71 -16.92 -11.90
C HIS A 105 -13.95 -17.12 -11.03
N ARG A 106 -14.20 -16.20 -10.11
CA ARG A 106 -15.37 -16.28 -9.25
C ARG A 106 -16.65 -16.34 -10.08
N ASP A 107 -16.77 -15.48 -11.08
CA ASP A 107 -17.98 -15.45 -11.91
C ASP A 107 -18.10 -16.72 -12.75
N LEU A 108 -16.98 -17.26 -13.23
CA LEU A 108 -17.02 -18.51 -13.98
C LEU A 108 -17.54 -19.66 -13.12
N VAL A 109 -16.92 -19.89 -11.96
CA VAL A 109 -17.25 -21.09 -11.20
C VAL A 109 -18.65 -20.99 -10.59
N ARG A 110 -19.17 -19.79 -10.41
CA ARG A 110 -20.53 -19.64 -9.94
C ARG A 110 -21.54 -20.15 -10.96
N VAL A 111 -21.19 -20.09 -12.25
CA VAL A 111 -22.04 -20.64 -13.30
C VAL A 111 -21.66 -22.08 -13.63
N CYS A 112 -20.36 -22.38 -13.70
CA CYS A 112 -19.87 -23.71 -14.07
C CYS A 112 -19.01 -24.21 -12.91
N GLU A 113 -19.55 -25.13 -12.12
CA GLU A 113 -18.92 -25.45 -10.85
C GLU A 113 -17.55 -26.09 -11.03
N ASN A 114 -17.42 -27.07 -11.95
CA ASN A 114 -16.27 -27.97 -11.92
C ASN A 114 -15.56 -28.10 -13.26
N ILE A 115 -15.65 -27.10 -14.14
CA ILE A 115 -15.04 -27.23 -15.46
C ILE A 115 -13.53 -27.04 -15.36
N PRO A 116 -12.74 -27.59 -16.28
CA PRO A 116 -11.32 -27.27 -16.32
C PRO A 116 -11.10 -25.86 -16.83
N ILE A 117 -10.18 -25.15 -16.17
CA ILE A 117 -9.89 -23.75 -16.48
C ILE A 117 -8.38 -23.59 -16.59
N VAL A 118 -7.94 -22.92 -17.65
CA VAL A 118 -6.53 -22.59 -17.84
C VAL A 118 -6.37 -21.09 -17.62
N LEU A 119 -5.40 -20.74 -16.79
CA LEU A 119 -5.04 -19.34 -16.56
C LEU A 119 -3.83 -19.03 -17.42
N CYS A 120 -3.95 -18.03 -18.30
CA CYS A 120 -2.90 -17.69 -19.25
C CYS A 120 -2.38 -16.29 -18.97
N GLY A 121 -1.08 -16.19 -18.70
CA GLY A 121 -0.41 -14.90 -18.61
C GLY A 121 0.23 -14.56 -19.94
N ASN A 122 -0.37 -13.63 -20.67
CA ASN A 122 0.02 -13.34 -22.03
C ASN A 122 1.03 -12.19 -22.11
N LYS A 123 1.68 -12.09 -23.27
CA LYS A 123 2.60 -10.99 -23.60
C LYS A 123 3.95 -11.12 -22.88
N VAL A 124 4.44 -12.36 -22.72
CA VAL A 124 5.72 -12.56 -22.04
C VAL A 124 6.85 -12.17 -22.98
N ASP A 125 6.52 -11.80 -24.21
CA ASP A 125 7.51 -11.30 -25.15
C ASP A 125 7.89 -9.85 -24.90
N ILE A 126 7.23 -9.16 -23.97
CA ILE A 126 7.51 -7.75 -23.65
C ILE A 126 8.44 -7.70 -22.45
N LYS A 127 9.44 -6.81 -22.51
CA LYS A 127 10.49 -6.81 -21.50
C LYS A 127 9.97 -6.43 -20.11
N ASP A 128 9.11 -5.42 -20.03
CA ASP A 128 8.73 -4.85 -18.73
C ASP A 128 7.59 -5.68 -18.13
N ARG A 129 7.95 -6.88 -17.68
CA ARG A 129 7.00 -7.79 -17.05
C ARG A 129 6.75 -7.36 -15.60
N LYS A 130 5.49 -7.10 -15.28
CA LYS A 130 5.11 -6.68 -13.93
C LYS A 130 4.61 -7.83 -13.07
N VAL A 131 4.00 -8.85 -13.67
CA VAL A 131 3.44 -9.99 -12.95
C VAL A 131 4.43 -11.13 -13.09
N LYS A 132 5.32 -11.25 -12.11
CA LYS A 132 6.32 -12.31 -12.14
C LYS A 132 5.71 -13.63 -11.65
N ALA A 133 6.42 -14.71 -11.91
CA ALA A 133 5.96 -16.02 -11.46
C ALA A 133 5.75 -16.05 -9.95
N LYS A 134 6.54 -15.27 -9.22
CA LYS A 134 6.38 -15.19 -7.77
C LYS A 134 4.97 -14.73 -7.40
N SER A 135 4.47 -13.71 -8.09
CA SER A 135 3.13 -13.20 -7.79
C SER A 135 2.03 -14.13 -8.27
N ILE A 136 2.31 -14.95 -9.30
CA ILE A 136 1.29 -15.78 -9.93
C ILE A 136 1.11 -17.02 -9.05
N VAL A 137 0.12 -16.99 -8.16
CA VAL A 137 -0.18 -18.10 -7.27
C VAL A 137 -1.66 -18.45 -7.27
N PHE A 138 -2.51 -17.70 -7.95
CA PHE A 138 -3.95 -17.96 -7.91
C PHE A 138 -4.28 -19.38 -8.35
N HIS A 139 -3.47 -19.95 -9.25
CA HIS A 139 -3.83 -21.24 -9.85
C HIS A 139 -3.69 -22.38 -8.86
N ARG A 140 -2.79 -22.26 -7.88
CA ARG A 140 -2.67 -23.31 -6.86
C ARG A 140 -3.80 -23.23 -5.84
N LYS A 141 -4.28 -22.02 -5.54
CA LYS A 141 -5.37 -21.87 -4.59
C LYS A 141 -6.68 -22.44 -5.14
N LYS A 142 -6.86 -22.45 -6.45
CA LYS A 142 -8.11 -22.86 -7.08
C LYS A 142 -7.94 -24.04 -8.03
N ASN A 143 -6.78 -24.68 -8.04
CA ASN A 143 -6.51 -25.83 -8.90
C ASN A 143 -6.85 -25.54 -10.35
N LEU A 144 -6.22 -24.49 -10.87
CA LEU A 144 -6.20 -24.21 -12.30
C LEU A 144 -4.83 -24.53 -12.85
N GLN A 145 -4.78 -24.81 -14.15
CA GLN A 145 -3.51 -24.93 -14.85
C GLN A 145 -3.07 -23.53 -15.29
N TYR A 146 -1.79 -23.22 -15.10
CA TYR A 146 -1.25 -21.94 -15.51
C TYR A 146 -0.24 -22.11 -16.65
N TYR A 147 -0.23 -21.14 -17.57
CA TYR A 147 0.81 -21.05 -18.57
C TYR A 147 1.16 -19.60 -18.86
N ASP A 148 2.47 -19.30 -18.88
CA ASP A 148 2.97 -18.16 -19.65
C ASP A 148 2.72 -18.40 -21.13
N ILE A 149 2.20 -17.40 -21.84
CA ILE A 149 2.03 -17.49 -23.28
C ILE A 149 2.39 -16.16 -23.93
N SER A 150 2.59 -16.21 -25.25
CA SER A 150 2.73 -15.00 -26.07
C SER A 150 2.04 -15.26 -27.40
N ALA A 151 0.96 -14.53 -27.66
CA ALA A 151 0.33 -14.57 -28.97
C ALA A 151 1.26 -14.04 -30.06
N LYS A 152 2.23 -13.20 -29.71
CA LYS A 152 3.12 -12.63 -30.71
C LYS A 152 4.23 -13.60 -31.10
N SER A 153 4.91 -14.19 -30.10
CA SER A 153 6.01 -15.09 -30.37
C SER A 153 5.58 -16.55 -30.48
N ASN A 154 4.31 -16.86 -30.18
CA ASN A 154 3.76 -18.22 -30.19
C ASN A 154 4.33 -19.08 -29.07
N TYR A 155 4.90 -18.47 -28.04
CA TYR A 155 5.37 -19.22 -26.89
C TYR A 155 4.21 -19.94 -26.21
N ASN A 156 4.35 -21.25 -26.03
CA ASN A 156 3.33 -22.07 -25.36
C ASN A 156 1.97 -21.90 -26.02
N PHE A 157 1.99 -21.58 -27.31
CA PHE A 157 0.80 -21.29 -28.10
C PHE A 157 -0.35 -22.27 -27.88
N GLU A 158 -0.06 -23.57 -27.91
CA GLU A 158 -1.10 -24.59 -27.89
C GLU A 158 -1.30 -25.24 -26.52
N LYS A 159 -0.42 -24.96 -25.56
CA LYS A 159 -0.53 -25.59 -24.25
C LYS A 159 -1.91 -25.46 -23.62
N PRO A 160 -2.59 -24.30 -23.68
CA PRO A 160 -3.91 -24.22 -23.05
C PRO A 160 -4.92 -25.18 -23.64
N PHE A 161 -5.04 -25.22 -24.97
CA PHE A 161 -6.00 -26.11 -25.60
C PHE A 161 -5.60 -27.58 -25.41
N LEU A 162 -4.29 -27.87 -25.38
CA LEU A 162 -3.86 -29.25 -25.19
C LEU A 162 -4.23 -29.77 -23.81
N TRP A 163 -4.03 -28.96 -22.77
CA TRP A 163 -4.37 -29.38 -21.42
C TRP A 163 -5.88 -29.55 -21.29
N LEU A 164 -6.66 -28.58 -21.76
CA LEU A 164 -8.11 -28.70 -21.71
C LEU A 164 -8.57 -29.96 -22.46
N ALA A 165 -8.01 -30.21 -23.64
CA ALA A 165 -8.41 -31.38 -24.41
C ALA A 165 -8.13 -32.66 -23.64
N ARG A 166 -6.95 -32.76 -23.02
CA ARG A 166 -6.62 -33.94 -22.22
C ARG A 166 -7.58 -34.08 -21.05
N LYS A 167 -7.83 -32.98 -20.35
CA LYS A 167 -8.79 -33.00 -19.25
C LYS A 167 -10.18 -33.38 -19.74
N LEU A 168 -10.59 -32.85 -20.89
CA LEU A 168 -11.95 -33.10 -21.38
C LEU A 168 -12.11 -34.52 -21.89
N ILE A 169 -11.12 -35.03 -22.63
CA ILE A 169 -11.18 -36.40 -23.09
C ILE A 169 -10.76 -37.39 -22.00
N GLY A 170 -10.11 -36.91 -20.95
CA GLY A 170 -9.62 -37.81 -19.92
C GLY A 170 -8.43 -38.63 -20.34
N ASP A 171 -7.64 -38.14 -21.28
CA ASP A 171 -6.52 -38.89 -21.86
C ASP A 171 -5.24 -38.06 -21.73
N PRO A 172 -4.38 -38.37 -20.75
CA PRO A 172 -3.14 -37.58 -20.60
C PRO A 172 -2.18 -37.72 -21.77
N ASN A 173 -2.38 -38.70 -22.65
CA ASN A 173 -1.48 -38.95 -23.77
C ASN A 173 -1.97 -38.32 -25.08
N LEU A 174 -3.11 -37.65 -25.06
CA LEU A 174 -3.58 -36.97 -26.26
C LEU A 174 -2.53 -35.97 -26.73
N GLU A 175 -2.29 -35.95 -28.04
CA GLU A 175 -1.33 -35.04 -28.65
C GLU A 175 -1.95 -34.38 -29.86
N PHE A 176 -1.58 -33.13 -30.11
CA PHE A 176 -2.07 -32.38 -31.25
C PHE A 176 -1.25 -32.69 -32.50
N LYS B 11 -21.10 3.33 -11.73
CA LYS B 11 -21.36 2.62 -10.49
C LYS B 11 -21.25 3.57 -9.31
N PHE B 12 -22.36 3.72 -8.58
CA PHE B 12 -22.44 4.60 -7.42
C PHE B 12 -22.41 3.78 -6.14
N VAL B 13 -21.68 4.29 -5.15
CA VAL B 13 -21.72 3.75 -3.79
C VAL B 13 -21.68 4.92 -2.81
N PRO B 14 -22.16 4.71 -1.58
CA PRO B 14 -22.05 5.78 -0.58
C PRO B 14 -20.60 6.22 -0.41
N GLU B 15 -20.43 7.53 -0.20
CA GLU B 15 -19.09 8.12 -0.23
C GLU B 15 -18.16 7.43 0.74
N TYR B 16 -18.64 7.10 1.94
CA TYR B 16 -17.78 6.45 2.93
C TYR B 16 -17.43 5.02 2.56
N ARG B 17 -18.03 4.46 1.52
CA ARG B 17 -17.64 3.17 0.98
C ARG B 17 -16.79 3.30 -0.27
N ARG B 18 -16.35 4.51 -0.62
CA ARG B 18 -15.37 4.71 -1.66
C ARG B 18 -13.97 4.78 -1.06
N THR B 19 -12.98 4.66 -1.93
CA THR B 19 -11.59 4.89 -1.56
C THR B 19 -10.95 5.99 -2.39
N ASN B 20 -11.31 6.11 -3.66
CA ASN B 20 -10.74 7.12 -4.54
C ASN B 20 -10.90 8.52 -3.96
N GLU B 31 -1.60 18.78 6.89
CA GLU B 31 -1.59 18.80 8.36
C GLU B 31 -1.64 17.38 8.90
N LEU B 32 -0.54 16.94 9.51
CA LEU B 32 -0.47 15.62 10.12
C LEU B 32 -0.99 15.61 11.56
N ARG B 33 -1.18 16.78 12.16
CA ARG B 33 -1.61 16.84 13.55
C ARG B 33 -3.03 16.32 13.69
N ARG B 34 -3.27 15.54 14.75
CA ARG B 34 -4.54 14.88 14.97
C ARG B 34 -5.13 15.32 16.31
N ARG B 35 -6.40 15.71 16.29
CA ARG B 35 -7.08 16.11 17.51
C ARG B 35 -7.59 14.89 18.28
N ARG B 36 -7.88 15.11 19.56
CA ARG B 36 -8.31 14.08 20.50
C ARG B 36 -9.24 13.05 19.87
N ASP B 37 -10.47 13.45 19.54
CA ASP B 37 -11.49 12.53 19.01
C ASP B 37 -12.14 13.18 17.79
N THR B 38 -11.47 13.07 16.64
CA THR B 38 -12.07 13.54 15.40
C THR B 38 -13.24 12.67 14.97
N GLN B 39 -13.23 11.39 15.37
CA GLN B 39 -14.30 10.45 15.07
C GLN B 39 -14.77 9.82 16.37
N GLN B 40 -16.01 10.07 16.74
CA GLN B 40 -16.52 9.67 18.05
C GLN B 40 -17.15 8.28 18.05
N VAL B 41 -17.67 7.82 16.91
CA VAL B 41 -18.39 6.56 16.87
C VAL B 41 -17.42 5.41 17.13
N GLU B 42 -17.81 4.50 18.02
CA GLU B 42 -16.97 3.40 18.45
C GLU B 42 -17.72 2.08 18.33
N LEU B 43 -16.99 1.04 17.93
CA LEU B 43 -17.48 -0.33 18.02
C LEU B 43 -16.97 -1.05 19.25
N ARG B 44 -15.78 -0.66 19.74
CA ARG B 44 -15.16 -1.35 20.85
C ARG B 44 -15.96 -1.15 22.13
N LYS B 45 -15.83 -2.12 23.04
CA LYS B 45 -16.43 -2.01 24.36
C LYS B 45 -15.83 -0.83 25.11
N ALA B 46 -16.67 0.10 25.54
CA ALA B 46 -16.19 1.30 26.19
C ALA B 46 -15.50 0.96 27.51
N LYS B 47 -14.26 1.43 27.66
CA LYS B 47 -13.49 1.27 28.88
C LYS B 47 -13.33 2.62 29.55
N ARG B 48 -13.71 2.71 30.81
CA ARG B 48 -13.69 3.97 31.55
C ARG B 48 -12.38 4.09 32.34
N ASP B 49 -11.59 5.10 32.01
CA ASP B 49 -10.44 5.50 32.82
C ASP B 49 -10.73 6.76 33.62
N GLU B 50 -11.94 7.28 33.54
CA GLU B 50 -12.31 8.55 34.15
C GLU B 50 -12.93 8.34 35.53
N ALA B 51 -12.80 9.35 36.37
CA ALA B 51 -13.38 9.29 37.71
C ALA B 51 -14.90 9.24 37.62
N LEU B 52 -15.50 8.37 38.44
CA LEU B 52 -16.95 8.30 38.51
C LEU B 52 -17.54 9.68 38.78
N ALA B 53 -18.59 10.01 38.05
CA ALA B 53 -19.14 11.36 38.09
C ALA B 53 -19.75 11.67 39.45
N LYS B 54 -20.63 10.79 39.94
CA LYS B 54 -21.35 11.02 41.18
C LYS B 54 -20.61 10.40 42.36
N ARG B 55 -20.84 10.98 43.54
CA ARG B 55 -20.24 10.52 44.78
C ARG B 55 -21.24 10.66 45.91
N ARG B 56 -21.29 9.66 46.79
CA ARG B 56 -22.07 9.75 48.01
C ARG B 56 -21.17 10.16 49.17
N ASN B 57 -21.76 10.91 50.10
CA ASN B 57 -21.02 11.48 51.24
C ASN B 57 -21.35 10.65 52.48
N PHE B 58 -20.45 9.74 52.82
CA PHE B 58 -20.64 8.85 53.96
C PHE B 58 -20.60 9.65 55.26
N GLN B 87 -37.79 1.10 60.81
CA GLN B 87 -38.33 2.21 60.04
C GLN B 87 -39.29 3.05 60.88
N GLU B 88 -38.75 4.12 61.48
CA GLU B 88 -39.55 5.09 62.21
C GLU B 88 -39.81 6.35 61.38
N LEU B 89 -39.92 6.19 60.06
CA LEU B 89 -40.17 7.32 59.17
C LEU B 89 -41.31 8.21 59.63
N PRO B 90 -42.52 7.69 59.91
CA PRO B 90 -43.62 8.58 60.33
C PRO B 90 -43.21 9.60 61.38
N GLN B 91 -42.57 9.16 62.46
CA GLN B 91 -42.21 10.06 63.54
C GLN B 91 -41.25 11.15 63.05
N MET B 92 -40.27 10.77 62.25
CA MET B 92 -39.32 11.76 61.73
C MET B 92 -40.04 12.84 60.93
N THR B 93 -40.98 12.44 60.08
CA THR B 93 -41.69 13.41 59.26
C THR B 93 -42.48 14.40 60.12
N GLN B 94 -42.99 13.94 61.27
CA GLN B 94 -43.72 14.85 62.15
C GLN B 94 -42.77 15.89 62.76
N GLN B 95 -41.58 15.45 63.18
CA GLN B 95 -40.61 16.39 63.72
C GLN B 95 -40.12 17.37 62.66
N LEU B 96 -39.93 16.90 61.42
CA LEU B 96 -39.42 17.78 60.37
C LEU B 96 -40.40 18.89 60.05
N ASN B 97 -41.70 18.61 60.12
CA ASN B 97 -42.72 19.62 59.90
C ASN B 97 -43.04 20.43 61.15
N SER B 98 -42.49 20.05 62.30
CA SER B 98 -42.75 20.78 63.54
C SER B 98 -42.24 22.21 63.44
N ASP B 99 -42.84 23.08 64.26
CA ASP B 99 -42.42 24.47 64.32
C ASP B 99 -41.18 24.67 65.19
N ASP B 100 -40.88 23.74 66.08
CA ASP B 100 -39.75 23.90 66.99
C ASP B 100 -38.43 23.69 66.25
N MET B 101 -37.48 24.59 66.49
CA MET B 101 -36.19 24.50 65.80
C MET B 101 -35.45 23.23 66.18
N GLN B 102 -35.37 22.93 67.48
CA GLN B 102 -34.65 21.75 67.92
C GLN B 102 -35.32 20.47 67.44
N GLU B 103 -36.65 20.49 67.30
CA GLU B 103 -37.35 19.35 66.74
C GLU B 103 -37.05 19.20 65.25
N GLN B 104 -36.97 20.31 64.54
CA GLN B 104 -36.58 20.28 63.13
C GLN B 104 -35.18 19.69 62.97
N LEU B 105 -34.24 20.12 63.81
CA LEU B 105 -32.86 19.69 63.66
C LEU B 105 -32.72 18.19 63.90
N SER B 106 -33.29 17.69 65.01
CA SER B 106 -33.17 16.26 65.31
C SER B 106 -33.74 15.42 64.18
N ALA B 107 -34.82 15.88 63.55
CA ALA B 107 -35.37 15.17 62.40
C ALA B 107 -34.42 15.23 61.21
N THR B 108 -33.88 16.41 60.93
CA THR B 108 -32.96 16.55 59.80
C THR B 108 -31.72 15.68 59.99
N VAL B 109 -31.17 15.66 61.21
CA VAL B 109 -29.99 14.84 61.48
C VAL B 109 -30.30 13.37 61.19
N LYS B 110 -31.49 12.91 61.56
CA LYS B 110 -31.84 11.51 61.33
C LYS B 110 -31.94 11.21 59.84
N PHE B 111 -32.59 12.09 59.07
CA PHE B 111 -32.70 11.87 57.63
C PHE B 111 -31.33 11.85 56.97
N ARG B 112 -30.42 12.71 57.43
CA ARG B 112 -29.06 12.70 56.89
C ARG B 112 -28.34 11.40 57.24
N GLN B 113 -28.54 10.90 58.46
CA GLN B 113 -27.81 9.71 58.90
C GLN B 113 -28.21 8.49 58.09
N ILE B 114 -29.50 8.26 57.91
CA ILE B 114 -29.95 7.09 57.15
C ILE B 114 -29.52 7.22 55.69
N LEU B 115 -29.41 8.45 55.18
CA LEU B 115 -28.95 8.66 53.82
C LEU B 115 -27.44 8.52 53.67
N SER B 116 -26.69 8.48 54.78
CA SER B 116 -25.26 8.25 54.72
C SER B 116 -24.96 6.76 54.69
N GLN B 117 -23.82 6.41 54.09
CA GLN B 117 -23.42 5.03 53.88
C GLN B 117 -24.59 4.16 53.42
N ARG B 120 -27.66 1.26 48.82
CA ARG B 120 -27.80 1.01 50.24
C ARG B 120 -28.77 1.97 50.93
N PRO B 121 -28.61 3.28 50.70
CA PRO B 121 -29.47 4.25 51.40
C PRO B 121 -30.87 4.25 50.82
N PRO B 122 -31.90 4.38 51.67
CA PRO B 122 -33.28 4.36 51.14
C PRO B 122 -33.71 5.71 50.58
N ILE B 123 -33.10 6.05 49.43
CA ILE B 123 -33.39 7.35 48.81
C ILE B 123 -34.85 7.44 48.41
N ASP B 124 -35.33 6.47 47.61
CA ASP B 124 -36.71 6.50 47.15
C ASP B 124 -37.70 6.50 48.31
N VAL B 125 -37.32 5.99 49.48
CA VAL B 125 -38.23 5.97 50.61
C VAL B 125 -38.32 7.36 51.25
N VAL B 126 -37.18 8.04 51.40
CA VAL B 126 -37.20 9.40 51.90
C VAL B 126 -38.03 10.30 50.99
N ILE B 127 -37.84 10.15 49.68
CA ILE B 127 -38.60 10.95 48.72
C ILE B 127 -40.10 10.67 48.88
N GLN B 128 -40.47 9.40 48.97
CA GLN B 128 -41.87 9.04 49.11
C GLN B 128 -42.51 9.70 50.32
N ALA B 129 -41.72 9.99 51.36
CA ALA B 129 -42.24 10.68 52.54
C ALA B 129 -42.57 12.14 52.27
N GLY B 130 -42.21 12.67 51.11
CA GLY B 130 -42.56 14.03 50.76
C GLY B 130 -41.78 15.08 51.51
N VAL B 131 -40.59 14.76 52.02
CA VAL B 131 -39.82 15.71 52.82
C VAL B 131 -38.83 16.53 51.99
N VAL B 132 -38.65 16.22 50.71
CA VAL B 132 -37.63 16.90 49.93
C VAL B 132 -37.84 18.42 49.92
N PRO B 133 -39.05 18.93 49.67
CA PRO B 133 -39.22 20.40 49.73
C PRO B 133 -38.95 20.97 51.10
N ARG B 134 -39.24 20.23 52.17
CA ARG B 134 -38.94 20.70 53.51
C ARG B 134 -37.43 20.81 53.72
N LEU B 135 -36.68 19.77 53.32
CA LEU B 135 -35.23 19.86 53.35
C LEU B 135 -34.73 21.08 52.58
N VAL B 136 -35.35 21.35 51.43
CA VAL B 136 -34.95 22.51 50.63
C VAL B 136 -35.23 23.80 51.39
N GLU B 137 -36.37 23.87 52.07
CA GLU B 137 -36.68 25.06 52.86
C GLU B 137 -35.64 25.30 53.95
N PHE B 138 -35.08 24.23 54.52
CA PHE B 138 -34.09 24.38 55.58
C PHE B 138 -32.77 24.98 55.11
N MET B 139 -32.57 25.11 53.80
CA MET B 139 -31.37 25.73 53.26
C MET B 139 -31.52 27.22 53.03
N ARG B 140 -32.72 27.78 53.25
CA ARG B 140 -32.95 29.17 52.93
C ARG B 140 -32.10 30.08 53.81
N GLU B 141 -31.88 31.31 53.32
CA GLU B 141 -30.86 32.18 53.90
C GLU B 141 -31.12 32.47 55.37
N ASN B 142 -32.37 32.39 55.82
CA ASN B 142 -32.74 32.77 57.18
C ASN B 142 -32.91 31.58 58.11
N GLN B 143 -32.16 30.50 57.88
CA GLN B 143 -32.23 29.30 58.69
C GLN B 143 -30.96 29.13 59.52
N PRO B 144 -31.01 28.34 60.60
CA PRO B 144 -29.81 28.14 61.41
C PRO B 144 -28.72 27.42 60.63
N GLU B 145 -27.47 27.70 60.99
CA GLU B 145 -26.33 27.16 60.26
C GLU B 145 -26.33 25.63 60.30
N MET B 146 -26.52 25.05 61.49
CA MET B 146 -26.47 23.59 61.60
C MET B 146 -27.63 22.93 60.87
N LEU B 147 -28.80 23.58 60.84
CA LEU B 147 -29.93 23.02 60.09
C LEU B 147 -29.63 23.01 58.60
N GLN B 148 -29.09 24.12 58.07
CA GLN B 148 -28.67 24.15 56.68
C GLN B 148 -27.70 23.02 56.37
N LEU B 149 -26.72 22.81 57.24
CA LEU B 149 -25.71 21.78 57.02
C LEU B 149 -26.35 20.41 56.85
N GLU B 150 -27.25 20.04 57.76
CA GLU B 150 -27.85 18.71 57.72
C GLU B 150 -28.75 18.55 56.51
N ALA B 151 -29.59 19.55 56.24
CA ALA B 151 -30.49 19.48 55.09
C ALA B 151 -29.70 19.36 53.79
N ALA B 152 -28.63 20.15 53.64
CA ALA B 152 -27.83 20.08 52.43
C ALA B 152 -27.14 18.72 52.30
N TRP B 153 -26.65 18.17 53.42
CA TRP B 153 -26.03 16.85 53.40
C TRP B 153 -27.02 15.80 52.93
N ALA B 154 -28.22 15.81 53.48
CA ALA B 154 -29.23 14.83 53.08
C ALA B 154 -29.55 14.94 51.60
N LEU B 155 -29.76 16.18 51.13
CA LEU B 155 -30.06 16.37 49.70
C LEU B 155 -28.90 15.95 48.83
N THR B 156 -27.66 16.16 49.29
CA THR B 156 -26.50 15.70 48.53
C THR B 156 -26.60 14.23 48.20
N ASN B 157 -27.01 13.41 49.17
CA ASN B 157 -27.03 11.97 48.97
C ASN B 157 -28.25 11.52 48.17
N ILE B 158 -29.36 12.26 48.25
CA ILE B 158 -30.49 12.00 47.36
C ILE B 158 -30.08 12.27 45.91
N ALA B 159 -29.35 13.36 45.69
CA ALA B 159 -28.84 13.69 44.36
C ALA B 159 -27.72 12.75 43.92
N SER B 160 -27.17 11.96 44.84
CA SER B 160 -26.10 11.03 44.51
C SER B 160 -26.59 9.77 43.81
N GLY B 161 -27.91 9.54 43.78
CA GLY B 161 -28.44 8.33 43.19
C GLY B 161 -28.76 8.43 41.71
N THR B 162 -29.87 7.81 41.31
CA THR B 162 -30.25 7.75 39.90
C THR B 162 -30.58 9.15 39.37
N SER B 163 -30.75 9.23 38.06
CA SER B 163 -31.14 10.50 37.44
C SER B 163 -32.52 10.93 37.91
N ALA B 164 -33.43 9.97 38.09
CA ALA B 164 -34.77 10.31 38.61
C ALA B 164 -34.67 10.92 40.00
N GLN B 165 -33.76 10.42 40.83
CA GLN B 165 -33.63 10.94 42.19
C GLN B 165 -32.97 12.32 42.18
N THR B 166 -31.97 12.51 41.34
CA THR B 166 -31.41 13.86 41.15
C THR B 166 -32.48 14.81 40.64
N LYS B 167 -33.33 14.35 39.72
CA LYS B 167 -34.39 15.18 39.19
C LYS B 167 -35.30 15.68 40.29
N VAL B 168 -35.57 14.83 41.28
CA VAL B 168 -36.42 15.24 42.41
C VAL B 168 -35.83 16.47 43.09
N VAL B 169 -34.52 16.43 43.38
CA VAL B 169 -33.89 17.55 44.07
C VAL B 169 -33.86 18.78 43.18
N VAL B 170 -33.53 18.61 41.90
CA VAL B 170 -33.44 19.75 41.00
C VAL B 170 -34.81 20.40 40.83
N ASP B 171 -35.84 19.59 40.55
CA ASP B 171 -37.18 20.15 40.38
C ASP B 171 -37.70 20.83 41.64
N ALA B 172 -37.13 20.51 42.80
CA ALA B 172 -37.50 21.14 44.05
C ALA B 172 -36.81 22.49 44.25
N ASP B 173 -36.10 22.99 43.23
CA ASP B 173 -35.47 24.30 43.27
C ASP B 173 -34.35 24.37 44.31
N ALA B 174 -33.63 23.26 44.50
CA ALA B 174 -32.54 23.23 45.46
C ALA B 174 -31.31 23.98 44.96
N VAL B 175 -31.08 23.99 43.64
CA VAL B 175 -29.79 24.45 43.13
C VAL B 175 -29.54 25.92 43.43
N PRO B 176 -30.46 26.85 43.18
CA PRO B 176 -30.20 28.25 43.53
C PRO B 176 -29.82 28.43 44.99
N LEU B 177 -30.33 27.56 45.88
CA LEU B 177 -30.03 27.68 47.30
C LEU B 177 -28.64 27.14 47.63
N PHE B 178 -28.29 25.97 47.09
CA PHE B 178 -26.91 25.51 47.18
C PHE B 178 -25.96 26.64 46.81
N ILE B 179 -26.19 27.24 45.63
CA ILE B 179 -25.34 28.33 45.16
C ILE B 179 -25.30 29.46 46.18
N GLN B 180 -26.46 29.80 46.76
CA GLN B 180 -26.49 30.86 47.77
C GLN B 180 -25.68 30.45 48.99
N LEU B 181 -25.84 29.22 49.46
CA LEU B 181 -25.06 28.76 50.61
C LEU B 181 -23.56 28.84 50.35
N LEU B 182 -23.14 28.82 49.09
CA LEU B 182 -21.72 29.02 48.79
C LEU B 182 -21.28 30.44 49.09
N TYR B 183 -22.20 31.41 48.98
CA TYR B 183 -21.90 32.78 49.37
C TYR B 183 -21.93 32.96 50.89
N THR B 184 -22.98 32.45 51.54
CA THR B 184 -23.31 32.84 52.90
C THR B 184 -22.90 31.83 53.96
N GLY B 185 -22.65 30.57 53.59
CA GLY B 185 -22.47 29.53 54.58
C GLY B 185 -21.11 29.58 55.25
N SER B 186 -21.01 28.83 56.34
CA SER B 186 -19.72 28.58 56.96
C SER B 186 -18.93 27.57 56.10
N VAL B 187 -17.69 27.29 56.51
CA VAL B 187 -16.89 26.33 55.76
C VAL B 187 -17.56 24.97 55.76
N GLU B 188 -18.22 24.61 56.86
CA GLU B 188 -18.92 23.33 56.93
C GLU B 188 -20.14 23.33 56.02
N VAL B 189 -20.88 24.43 55.99
CA VAL B 189 -22.03 24.55 55.10
C VAL B 189 -21.58 24.55 53.65
N LYS B 190 -20.55 25.34 53.33
CA LYS B 190 -20.05 25.40 51.96
C LYS B 190 -19.63 24.03 51.46
N GLU B 191 -19.11 23.18 52.35
CA GLU B 191 -18.63 21.87 51.89
C GLU B 191 -19.79 20.96 51.51
N GLN B 192 -20.91 21.04 52.24
CA GLN B 192 -22.06 20.20 51.89
C GLN B 192 -22.71 20.69 50.59
N ALA B 193 -22.84 22.01 50.44
CA ALA B 193 -23.50 22.54 49.25
C ALA B 193 -22.70 22.24 47.98
N ILE B 194 -21.38 22.36 48.04
CA ILE B 194 -20.59 22.13 46.84
C ILE B 194 -20.60 20.66 46.45
N TRP B 195 -20.64 19.76 47.44
CA TRP B 195 -20.79 18.34 47.14
C TRP B 195 -22.11 18.08 46.43
N ALA B 196 -23.19 18.70 46.91
CA ALA B 196 -24.49 18.54 46.25
C ALA B 196 -24.42 18.98 44.81
N LEU B 197 -23.80 20.13 44.55
CA LEU B 197 -23.72 20.63 43.18
C LEU B 197 -22.89 19.72 42.29
N GLY B 198 -21.94 18.99 42.87
CA GLY B 198 -21.17 18.04 42.07
C GLY B 198 -22.03 16.90 41.54
N ASN B 199 -22.93 16.38 42.38
CA ASN B 199 -23.78 15.27 41.95
C ASN B 199 -24.77 15.71 40.88
N VAL B 200 -25.39 16.88 41.06
CA VAL B 200 -26.25 17.44 40.03
C VAL B 200 -25.48 17.56 38.72
N ALA B 201 -24.31 18.23 38.77
CA ALA B 201 -23.55 18.46 37.55
C ALA B 201 -23.10 17.15 36.90
N GLY B 202 -22.71 16.17 37.71
CA GLY B 202 -22.24 14.90 37.19
C GLY B 202 -23.32 13.99 36.65
N ASP B 203 -24.59 14.39 36.72
CA ASP B 203 -25.68 13.51 36.31
C ASP B 203 -25.87 13.51 34.80
N SER B 204 -25.67 14.66 34.16
CA SER B 204 -25.94 14.79 32.73
C SER B 204 -25.48 16.17 32.28
N THR B 205 -25.30 16.32 30.97
CA THR B 205 -24.93 17.63 30.43
C THR B 205 -26.01 18.67 30.69
N ASP B 206 -27.28 18.24 30.74
CA ASP B 206 -28.36 19.19 30.96
C ASP B 206 -28.28 19.80 32.36
N TYR B 207 -28.09 18.96 33.38
CA TYR B 207 -27.97 19.49 34.73
C TYR B 207 -26.65 20.24 34.92
N ARG B 208 -25.58 19.76 34.27
CA ARG B 208 -24.34 20.52 34.22
C ARG B 208 -24.60 21.95 33.76
N ASP B 209 -25.32 22.11 32.65
CA ASP B 209 -25.59 23.44 32.11
C ASP B 209 -26.55 24.22 32.99
N TYR B 210 -27.56 23.55 33.55
CA TYR B 210 -28.49 24.23 34.45
C TYR B 210 -27.73 24.86 35.62
N VAL B 211 -26.81 24.10 36.23
CA VAL B 211 -26.02 24.65 37.33
C VAL B 211 -25.25 25.89 36.87
N LEU B 212 -24.68 25.84 35.68
CA LEU B 212 -23.93 26.98 35.18
C LEU B 212 -24.85 28.15 34.85
N GLN B 213 -26.05 27.86 34.35
CA GLN B 213 -27.02 28.92 34.05
C GLN B 213 -27.50 29.62 35.32
N CYS B 214 -27.40 28.96 36.48
CA CYS B 214 -27.75 29.56 37.76
C CYS B 214 -26.61 30.39 38.36
N ASN B 215 -25.53 30.62 37.61
CA ASN B 215 -24.42 31.46 38.05
C ASN B 215 -23.68 30.84 39.23
N ALA B 216 -23.52 29.51 39.22
CA ALA B 216 -22.80 28.83 40.29
C ALA B 216 -21.30 29.05 40.22
N MET B 217 -20.76 29.42 39.05
CA MET B 217 -19.32 29.45 38.90
C MET B 217 -18.66 30.50 39.78
N GLU B 218 -19.23 31.72 39.81
CA GLU B 218 -18.63 32.78 40.63
C GLU B 218 -18.49 32.37 42.09
N PRO B 219 -19.54 31.90 42.77
CA PRO B 219 -19.35 31.46 44.17
C PRO B 219 -18.48 30.22 44.30
N ILE B 220 -18.56 29.29 43.35
CA ILE B 220 -17.71 28.10 43.42
C ILE B 220 -16.24 28.50 43.43
N LEU B 221 -15.86 29.43 42.54
CA LEU B 221 -14.47 29.84 42.46
C LEU B 221 -14.00 30.58 43.70
N GLY B 222 -14.93 31.04 44.54
CA GLY B 222 -14.54 31.65 45.80
C GLY B 222 -14.20 30.64 46.88
N LEU B 223 -14.58 29.38 46.71
CA LEU B 223 -14.33 28.36 47.72
C LEU B 223 -12.85 28.02 47.87
N PHE B 224 -12.05 28.26 46.84
CA PHE B 224 -10.69 27.74 46.81
C PHE B 224 -9.70 28.61 47.56
N ASN B 225 -10.19 29.52 48.40
CA ASN B 225 -9.37 30.20 49.40
C ASN B 225 -9.34 29.46 50.72
N SER B 226 -10.10 28.39 50.85
CA SER B 226 -10.20 27.65 52.10
C SER B 226 -8.91 26.89 52.41
N ASN B 227 -8.66 26.69 53.71
CA ASN B 227 -7.57 25.84 54.17
C ASN B 227 -7.94 24.37 54.26
N LYS B 228 -9.23 24.07 54.36
CA LYS B 228 -9.67 22.72 54.65
C LYS B 228 -9.45 21.80 53.45
N PRO B 229 -8.52 20.84 53.53
CA PRO B 229 -8.25 20.00 52.34
C PRO B 229 -9.48 19.25 51.85
N SER B 230 -10.41 18.91 52.74
CA SER B 230 -11.61 18.20 52.31
C SER B 230 -12.53 19.09 51.48
N LEU B 231 -12.54 20.39 51.76
CA LEU B 231 -13.36 21.30 50.96
C LEU B 231 -12.75 21.49 49.57
N ILE B 232 -11.42 21.62 49.51
CA ILE B 232 -10.76 21.78 48.22
C ILE B 232 -10.94 20.53 47.37
N ARG B 233 -10.75 19.36 47.96
CA ARG B 233 -10.96 18.12 47.23
C ARG B 233 -12.34 18.08 46.59
N THR B 234 -13.38 18.31 47.39
CA THR B 234 -14.74 18.17 46.89
C THR B 234 -15.03 19.23 45.83
N ALA B 235 -14.60 20.47 46.05
CA ALA B 235 -14.87 21.54 45.10
C ALA B 235 -14.13 21.29 43.78
N THR B 236 -12.95 20.68 43.83
CA THR B 236 -12.21 20.40 42.59
C THR B 236 -12.93 19.33 41.76
N TRP B 237 -13.49 18.32 42.43
CA TRP B 237 -14.26 17.30 41.73
C TRP B 237 -15.51 17.88 41.11
N THR B 238 -16.25 18.68 41.89
CA THR B 238 -17.42 19.37 41.33
C THR B 238 -17.04 20.23 40.13
N LEU B 239 -15.93 20.95 40.25
CA LEU B 239 -15.47 21.79 39.13
C LEU B 239 -15.17 20.95 37.90
N SER B 240 -14.55 19.78 38.08
CA SER B 240 -14.29 18.92 36.93
C SER B 240 -15.58 18.43 36.30
N ASN B 241 -16.64 18.25 37.11
CA ASN B 241 -17.93 17.87 36.54
C ASN B 241 -18.55 19.00 35.73
N LEU B 242 -18.29 20.25 36.11
CA LEU B 242 -18.80 21.38 35.33
C LEU B 242 -18.06 21.53 34.00
N CYS B 243 -16.83 21.03 33.91
CA CYS B 243 -16.03 21.10 32.69
C CYS B 243 -16.20 19.87 31.80
N ARG B 244 -16.70 18.78 32.36
CA ARG B 244 -16.79 17.50 31.67
C ARG B 244 -17.90 17.52 30.62
N GLY B 245 -17.77 16.63 29.64
CA GLY B 245 -18.82 16.44 28.64
C GLY B 245 -18.50 17.10 27.31
N LYS B 246 -18.52 16.30 26.24
CA LYS B 246 -18.06 16.75 24.93
C LYS B 246 -19.21 17.31 24.07
N LYS B 247 -20.33 16.59 24.00
CA LYS B 247 -21.44 17.00 23.13
C LYS B 247 -22.73 17.07 23.95
N PRO B 248 -23.22 18.27 24.28
CA PRO B 248 -22.58 19.57 24.03
C PRO B 248 -21.46 19.88 25.02
N GLN B 249 -20.48 20.67 24.59
CA GLN B 249 -19.51 21.20 25.54
C GLN B 249 -20.17 22.30 26.38
N PRO B 250 -19.68 22.53 27.59
CA PRO B 250 -20.25 23.60 28.42
C PRO B 250 -19.97 24.96 27.80
N ASP B 251 -20.70 25.96 28.30
CA ASP B 251 -20.54 27.34 27.85
C ASP B 251 -19.12 27.82 28.09
N TRP B 252 -18.33 27.95 27.02
CA TRP B 252 -16.92 28.29 27.15
C TRP B 252 -16.73 29.59 27.90
N SER B 253 -17.59 30.59 27.66
CA SER B 253 -17.42 31.88 28.31
C SER B 253 -17.48 31.77 29.83
N VAL B 254 -18.09 30.71 30.36
CA VAL B 254 -18.24 30.53 31.79
C VAL B 254 -17.16 29.64 32.39
N VAL B 255 -16.94 28.47 31.80
CA VAL B 255 -16.01 27.51 32.40
C VAL B 255 -14.56 27.92 32.21
N SER B 256 -14.25 28.71 31.18
CA SER B 256 -12.89 29.22 31.04
C SER B 256 -12.53 30.22 32.14
N GLN B 257 -13.52 30.72 32.89
CA GLN B 257 -13.24 31.54 34.05
C GLN B 257 -12.57 30.76 35.16
N ALA B 258 -12.57 29.42 35.08
CA ALA B 258 -12.00 28.57 36.12
C ALA B 258 -10.50 28.32 35.94
N LEU B 259 -9.93 28.75 34.83
CA LEU B 259 -8.56 28.36 34.48
C LEU B 259 -7.55 28.96 35.45
N PRO B 260 -7.68 30.23 35.85
CA PRO B 260 -6.81 30.75 36.91
C PRO B 260 -6.84 29.91 38.18
N THR B 261 -8.03 29.46 38.58
CA THR B 261 -8.14 28.60 39.76
C THR B 261 -7.51 27.24 39.52
N LEU B 262 -7.72 26.66 38.35
CA LEU B 262 -7.11 25.37 38.04
C LEU B 262 -5.59 25.47 38.00
N ALA B 263 -5.06 26.62 37.58
CA ALA B 263 -3.61 26.81 37.60
C ALA B 263 -3.07 26.71 39.02
N LYS B 264 -3.80 27.27 39.99
CA LYS B 264 -3.40 27.15 41.39
C LYS B 264 -3.55 25.73 41.89
N LEU B 265 -4.64 25.05 41.52
CA LEU B 265 -4.94 23.74 42.07
C LEU B 265 -3.89 22.70 41.70
N ILE B 266 -3.31 22.79 40.50
CA ILE B 266 -2.35 21.77 40.09
C ILE B 266 -1.03 21.97 40.83
N TYR B 267 -0.94 23.01 41.64
CA TYR B 267 0.18 23.14 42.56
C TYR B 267 -0.13 22.55 43.93
N SER B 268 -1.30 21.96 44.11
CA SER B 268 -1.53 21.11 45.26
C SER B 268 -0.60 19.91 45.20
N MET B 269 -0.29 19.36 46.36
CA MET B 269 0.40 18.08 46.47
C MET B 269 -0.50 17.00 47.02
N ASP B 270 -1.80 17.27 47.14
CA ASP B 270 -2.79 16.28 47.50
C ASP B 270 -3.18 15.49 46.24
N THR B 271 -2.96 14.18 46.27
CA THR B 271 -3.16 13.36 45.08
C THR B 271 -4.60 13.48 44.56
N GLU B 272 -5.58 13.31 45.45
CA GLU B 272 -6.98 13.36 45.01
C GLU B 272 -7.30 14.70 44.35
N THR B 273 -6.81 15.80 44.93
CA THR B 273 -7.04 17.11 44.33
C THR B 273 -6.42 17.20 42.95
N LEU B 274 -5.17 16.72 42.81
CA LEU B 274 -4.49 16.80 41.54
C LEU B 274 -5.19 15.99 40.47
N VAL B 275 -5.70 14.80 40.82
CA VAL B 275 -6.39 13.96 39.84
C VAL B 275 -7.50 14.75 39.17
N ASP B 276 -8.43 15.29 39.97
CA ASP B 276 -9.61 15.92 39.41
C ASP B 276 -9.29 17.28 38.80
N ALA B 277 -8.27 17.97 39.30
CA ALA B 277 -7.85 19.21 38.67
C ALA B 277 -7.29 18.95 37.27
N CYS B 278 -6.44 17.92 37.14
CA CYS B 278 -5.90 17.59 35.83
C CYS B 278 -6.99 17.13 34.88
N TRP B 279 -7.95 16.34 35.36
CA TRP B 279 -9.07 15.95 34.52
C TRP B 279 -9.83 17.18 34.03
N ALA B 280 -10.09 18.13 34.93
CA ALA B 280 -10.77 19.36 34.54
C ALA B 280 -10.01 20.07 33.43
N ILE B 281 -8.69 20.21 33.60
CA ILE B 281 -7.88 20.86 32.58
C ILE B 281 -7.91 20.05 31.28
N SER B 282 -7.95 18.73 31.38
CA SER B 282 -7.99 17.91 30.17
C SER B 282 -9.29 18.15 29.40
N TYR B 283 -10.39 18.39 30.09
CA TYR B 283 -11.65 18.69 29.41
C TYR B 283 -11.60 20.07 28.76
N LEU B 284 -11.13 21.08 29.50
CA LEU B 284 -11.10 22.43 28.96
C LEU B 284 -10.10 22.57 27.82
N SER B 285 -9.03 21.76 27.82
CA SER B 285 -8.04 21.83 26.77
C SER B 285 -8.44 21.05 25.54
N ASP B 286 -9.52 20.28 25.59
CA ASP B 286 -10.05 19.57 24.43
C ASP B 286 -10.88 20.57 23.63
N GLY B 287 -10.21 21.26 22.70
CA GLY B 287 -10.84 22.29 21.92
C GLY B 287 -9.94 22.81 20.82
N PRO B 288 -10.39 23.87 20.14
CA PRO B 288 -9.59 24.45 19.06
C PRO B 288 -8.42 25.27 19.62
N GLN B 289 -7.69 25.91 18.69
CA GLN B 289 -6.53 26.69 19.09
C GLN B 289 -6.88 27.73 20.16
N GLU B 290 -8.12 28.23 20.16
CA GLU B 290 -8.50 29.24 21.14
C GLU B 290 -8.52 28.67 22.55
N ALA B 291 -9.02 27.45 22.71
CA ALA B 291 -9.06 26.83 24.04
C ALA B 291 -7.65 26.53 24.52
N ILE B 292 -6.81 25.96 23.64
CA ILE B 292 -5.42 25.69 23.99
C ILE B 292 -4.74 26.99 24.42
N GLN B 293 -5.01 28.09 23.72
CA GLN B 293 -4.32 29.34 24.03
C GLN B 293 -4.74 29.88 25.39
N ALA B 294 -5.99 29.63 25.82
CA ALA B 294 -6.41 30.06 27.13
C ALA B 294 -5.69 29.29 28.23
N VAL B 295 -5.35 28.03 27.97
CA VAL B 295 -4.60 27.24 28.94
C VAL B 295 -3.15 27.72 29.00
N ILE B 296 -2.57 28.03 27.83
CA ILE B 296 -1.21 28.55 27.78
C ILE B 296 -1.13 29.89 28.50
N ASP B 297 -2.13 30.74 28.34
CA ASP B 297 -2.07 32.09 28.89
C ASP B 297 -2.04 32.09 30.42
N VAL B 298 -2.65 31.10 31.07
CA VAL B 298 -2.63 31.04 32.53
C VAL B 298 -1.39 30.28 33.00
N ARG B 299 -0.52 29.92 32.07
CA ARG B 299 0.80 29.35 32.39
C ARG B 299 0.67 28.00 33.10
N ILE B 300 -0.36 27.24 32.74
CA ILE B 300 -0.59 25.89 33.25
C ILE B 300 0.44 24.89 32.76
N PRO B 301 0.94 24.99 31.52
CA PRO B 301 1.78 23.90 30.97
C PRO B 301 2.99 23.51 31.82
N LYS B 302 3.68 24.47 32.43
CA LYS B 302 4.92 24.13 33.14
C LYS B 302 4.65 23.11 34.25
N ARG B 303 3.71 23.42 35.13
CA ARG B 303 3.38 22.49 36.21
C ARG B 303 2.67 21.25 35.68
N LEU B 304 1.87 21.41 34.62
CA LEU B 304 1.23 20.24 34.00
C LEU B 304 2.28 19.23 33.54
N VAL B 305 3.38 19.73 32.95
CA VAL B 305 4.46 18.84 32.52
C VAL B 305 5.16 18.22 33.72
N GLU B 306 5.34 18.99 34.80
CA GLU B 306 5.92 18.44 36.01
C GLU B 306 5.11 17.25 36.52
N LEU B 307 3.78 17.31 36.38
CA LEU B 307 2.93 16.25 36.90
C LEU B 307 2.99 14.98 36.07
N LEU B 308 3.53 15.02 34.87
CA LEU B 308 3.71 13.79 34.10
C LEU B 308 4.62 12.81 34.86
N SER B 309 5.49 13.32 35.72
CA SER B 309 6.38 12.50 36.52
C SER B 309 5.86 12.27 37.94
N HIS B 310 4.61 12.59 38.20
CA HIS B 310 4.02 12.30 39.51
C HIS B 310 4.06 10.80 39.76
N GLU B 311 4.19 10.43 41.04
CA GLU B 311 4.31 9.02 41.39
C GLU B 311 3.09 8.22 40.97
N SER B 312 1.90 8.84 41.02
CA SER B 312 0.65 8.13 40.81
C SER B 312 0.23 8.18 39.35
N THR B 313 -0.12 7.02 38.80
CA THR B 313 -0.65 6.99 37.45
C THR B 313 -2.06 7.58 37.40
N LEU B 314 -2.75 7.66 38.53
CA LEU B 314 -4.01 8.39 38.58
C LEU B 314 -3.81 9.87 38.29
N VAL B 315 -2.61 10.39 38.50
CA VAL B 315 -2.28 11.76 38.13
C VAL B 315 -1.72 11.84 36.72
N GLN B 316 -0.80 10.93 36.39
CA GLN B 316 -0.15 10.95 35.09
C GLN B 316 -1.17 10.90 33.96
N THR B 317 -2.21 10.06 34.10
CA THR B 317 -3.17 9.87 33.02
C THR B 317 -3.84 11.18 32.62
N PRO B 318 -4.55 11.88 33.52
CA PRO B 318 -5.17 13.15 33.09
C PRO B 318 -4.15 14.22 32.71
N ALA B 319 -3.02 14.29 33.41
CA ALA B 319 -2.00 15.26 33.03
C ALA B 319 -1.53 15.02 31.61
N LEU B 320 -1.29 13.76 31.26
CA LEU B 320 -0.83 13.42 29.91
C LEU B 320 -1.92 13.69 28.88
N ARG B 321 -3.18 13.39 29.24
N ARG B 321 -3.18 13.43 29.25
CA ARG B 321 -4.28 13.72 28.34
CA ARG B 321 -4.29 13.70 28.35
C ARG B 321 -4.33 15.21 28.06
C ARG B 321 -4.41 15.20 28.07
N ALA B 322 -4.17 16.03 29.10
CA ALA B 322 -4.21 17.48 28.91
C ALA B 322 -3.03 17.96 28.06
N VAL B 323 -1.83 17.46 28.36
CA VAL B 323 -0.66 17.83 27.56
C VAL B 323 -0.86 17.40 26.11
N GLY B 324 -1.40 16.20 25.90
CA GLY B 324 -1.69 15.75 24.54
C GLY B 324 -2.62 16.70 23.81
N ASN B 325 -3.66 17.18 24.49
CA ASN B 325 -4.59 18.11 23.87
C ASN B 325 -3.89 19.39 23.46
N ILE B 326 -2.95 19.87 24.27
CA ILE B 326 -2.32 21.16 24.00
C ILE B 326 -1.46 21.11 22.74
N VAL B 327 -0.89 19.95 22.41
CA VAL B 327 0.01 19.87 21.26
C VAL B 327 -0.76 19.50 20.00
N THR B 328 -2.09 19.64 20.02
CA THR B 328 -2.87 19.48 18.81
C THR B 328 -3.13 20.80 18.11
N GLY B 329 -2.69 21.92 18.69
CA GLY B 329 -2.86 23.21 18.06
C GLY B 329 -1.85 23.46 16.95
N ASN B 330 -1.05 24.52 17.08
CA ASN B 330 -0.07 24.89 16.08
C ASN B 330 1.34 24.71 16.63
N ASP B 331 2.33 24.95 15.77
CA ASP B 331 3.72 24.76 16.16
C ASP B 331 4.13 25.68 17.30
N LEU B 332 3.59 26.89 17.32
N LEU B 332 3.59 26.90 17.33
CA LEU B 332 3.94 27.83 18.40
CA LEU B 332 3.95 27.83 18.40
C LEU B 332 3.43 27.33 19.74
C LEU B 332 3.43 27.32 19.75
N GLN B 333 2.16 26.94 19.80
CA GLN B 333 1.61 26.39 21.03
C GLN B 333 2.36 25.12 21.44
N THR B 334 2.73 24.29 20.47
CA THR B 334 3.46 23.06 20.79
C THR B 334 4.83 23.38 21.36
N GLN B 335 5.49 24.44 20.85
CA GLN B 335 6.81 24.78 21.36
C GLN B 335 6.76 25.23 22.81
N VAL B 336 5.64 25.80 23.24
CA VAL B 336 5.46 26.17 24.64
C VAL B 336 5.56 24.93 25.53
N VAL B 337 5.03 23.81 25.05
CA VAL B 337 5.07 22.57 25.83
C VAL B 337 6.46 21.96 25.79
N ILE B 338 7.14 22.06 24.64
CA ILE B 338 8.53 21.62 24.54
C ILE B 338 9.41 22.40 25.51
N ASN B 339 9.24 23.72 25.52
CA ASN B 339 10.04 24.57 26.40
C ASN B 339 9.78 24.27 27.87
N ALA B 340 8.65 23.65 28.20
CA ALA B 340 8.36 23.26 29.57
C ALA B 340 8.99 21.92 29.95
N GLY B 341 9.68 21.26 29.01
CA GLY B 341 10.37 20.02 29.32
C GLY B 341 9.54 18.77 29.09
N VAL B 342 8.58 18.80 28.17
CA VAL B 342 7.72 17.65 27.98
C VAL B 342 8.50 16.46 27.42
N LEU B 343 9.55 16.71 26.64
CA LEU B 343 10.20 15.61 25.93
C LEU B 343 10.90 14.65 26.88
N PRO B 344 11.74 15.12 27.83
CA PRO B 344 12.28 14.17 28.83
C PRO B 344 11.20 13.43 29.59
N ALA B 345 10.11 14.12 29.94
CA ALA B 345 9.03 13.48 30.68
C ALA B 345 8.37 12.39 29.85
N LEU B 346 8.19 12.62 28.55
CA LEU B 346 7.59 11.61 27.68
C LEU B 346 8.48 10.38 27.56
N ARG B 347 9.80 10.56 27.58
CA ARG B 347 10.71 9.42 27.47
C ARG B 347 10.40 8.38 28.54
N LEU B 348 10.24 8.81 29.79
CA LEU B 348 9.97 7.87 30.86
C LEU B 348 8.61 7.22 30.69
N LEU B 349 7.61 7.98 30.26
CA LEU B 349 6.25 7.43 30.12
C LEU B 349 6.19 6.35 29.05
N LEU B 350 7.09 6.37 28.08
CA LEU B 350 7.14 5.28 27.10
C LEU B 350 7.47 3.95 27.75
N SER B 351 8.05 3.96 28.95
CA SER B 351 8.35 2.76 29.71
C SER B 351 7.32 2.48 30.79
N SER B 352 6.23 3.25 30.84
CA SER B 352 5.26 3.11 31.92
C SER B 352 4.67 1.70 31.92
N PRO B 353 4.33 1.16 33.10
CA PRO B 353 3.64 -0.14 33.13
C PRO B 353 2.21 -0.10 32.65
N LYS B 354 1.59 1.08 32.55
CA LYS B 354 0.23 1.21 32.06
C LYS B 354 0.26 1.33 30.54
N GLU B 355 -0.36 0.36 29.86
CA GLU B 355 -0.35 0.37 28.39
C GLU B 355 -0.95 1.64 27.84
N ASN B 356 -2.02 2.14 28.47
CA ASN B 356 -2.67 3.34 27.97
C ASN B 356 -1.80 4.57 28.14
N ILE B 357 -0.90 4.58 29.12
CA ILE B 357 0.04 5.68 29.26
C ILE B 357 1.03 5.67 28.09
N LYS B 358 1.56 4.47 27.77
CA LYS B 358 2.44 4.36 26.62
C LYS B 358 1.75 4.82 25.35
N LYS B 359 0.49 4.42 25.16
CA LYS B 359 -0.24 4.81 23.96
C LYS B 359 -0.39 6.32 23.88
N GLU B 360 -0.86 6.95 24.96
CA GLU B 360 -1.05 8.39 24.94
C GLU B 360 0.27 9.14 24.79
N ALA B 361 1.35 8.60 25.34
CA ALA B 361 2.66 9.23 25.15
C ALA B 361 3.07 9.21 23.69
N CYS B 362 2.85 8.08 23.01
CA CYS B 362 3.16 8.00 21.59
C CYS B 362 2.28 8.97 20.79
N TRP B 363 0.98 8.99 21.08
CA TRP B 363 0.09 9.94 20.41
C TRP B 363 0.56 11.37 20.61
N THR B 364 0.95 11.72 21.83
CA THR B 364 1.44 13.06 22.09
C THR B 364 2.68 13.37 21.27
N ILE B 365 3.64 12.43 21.25
CA ILE B 365 4.85 12.63 20.47
C ILE B 365 4.52 12.78 18.99
N SER B 366 3.51 12.04 18.52
CA SER B 366 3.19 12.09 17.09
C SER B 366 2.67 13.46 16.68
N ASN B 367 1.98 14.15 17.58
CA ASN B 367 1.55 15.51 17.28
C ASN B 367 2.68 16.51 17.43
N ILE B 368 3.76 16.15 18.14
CA ILE B 368 4.95 16.99 18.15
C ILE B 368 5.76 16.79 16.88
N THR B 369 5.93 15.54 16.44
CA THR B 369 6.65 15.31 15.20
C THR B 369 5.84 15.70 13.97
N ALA B 370 4.57 16.03 14.14
CA ALA B 370 3.79 16.68 13.09
C ALA B 370 4.18 18.14 12.91
N GLY B 371 5.11 18.65 13.71
CA GLY B 371 5.52 20.04 13.66
C GLY B 371 6.68 20.28 12.72
N ASN B 372 7.52 21.26 13.08
CA ASN B 372 8.56 21.72 12.17
C ASN B 372 9.87 20.97 12.42
N THR B 373 10.86 21.32 11.60
CA THR B 373 12.16 20.63 11.62
C THR B 373 12.79 20.67 13.00
N GLU B 374 12.78 21.84 13.64
CA GLU B 374 13.42 21.97 14.95
C GLU B 374 12.72 21.12 16.00
N GLN B 375 11.40 21.05 15.93
CA GLN B 375 10.64 20.26 16.89
C GLN B 375 10.90 18.77 16.68
N ILE B 376 11.00 18.32 15.44
CA ILE B 376 11.38 16.93 15.18
C ILE B 376 12.77 16.67 15.73
N GLN B 377 13.71 17.58 15.48
N GLN B 377 13.71 17.58 15.48
CA GLN B 377 15.06 17.41 16.00
CA GLN B 377 15.06 17.41 16.00
C GLN B 377 15.06 17.36 17.53
C GLN B 377 15.07 17.36 17.53
N ALA B 378 14.20 18.14 18.16
CA ALA B 378 14.10 18.11 19.62
C ALA B 378 13.68 16.72 20.10
N VAL B 379 12.72 16.11 19.44
CA VAL B 379 12.33 14.74 19.76
C VAL B 379 13.53 13.81 19.66
N ILE B 380 14.25 13.90 18.53
CA ILE B 380 15.46 13.10 18.37
C ILE B 380 16.44 13.39 19.50
N ASP B 381 16.65 14.68 19.79
CA ASP B 381 17.65 15.06 20.79
C ASP B 381 17.30 14.53 22.18
N ALA B 382 16.01 14.41 22.50
CA ALA B 382 15.60 13.84 23.77
C ALA B 382 15.70 12.32 23.81
N ASN B 383 16.27 11.71 22.76
CA ASN B 383 16.46 10.27 22.69
C ASN B 383 15.13 9.51 22.79
N LEU B 384 14.12 10.01 22.08
CA LEU B 384 12.80 9.39 22.09
C LEU B 384 12.63 8.33 21.01
N ILE B 385 13.52 8.25 20.03
CA ILE B 385 13.33 7.34 18.91
C ILE B 385 13.57 5.90 19.34
N PRO B 386 14.67 5.57 20.04
CA PRO B 386 14.91 4.18 20.43
C PRO B 386 13.72 3.58 21.15
N PRO B 387 13.13 4.28 22.14
CA PRO B 387 11.93 3.71 22.77
C PRO B 387 10.75 3.62 21.83
N LEU B 388 10.57 4.59 20.94
CA LEU B 388 9.47 4.52 19.96
C LEU B 388 9.65 3.32 19.04
N VAL B 389 10.88 3.13 18.53
CA VAL B 389 11.14 2.00 17.66
C VAL B 389 10.88 0.68 18.38
N LYS B 390 11.23 0.62 19.67
CA LYS B 390 10.98 -0.59 20.44
C LYS B 390 9.50 -0.88 20.55
N LEU B 391 8.70 0.12 20.92
CA LEU B 391 7.25 -0.07 20.99
C LEU B 391 6.69 -0.44 19.62
N LEU B 392 7.26 0.13 18.56
CA LEU B 392 6.78 -0.15 17.22
C LEU B 392 6.87 -1.63 16.86
N GLU B 393 7.71 -2.40 17.58
CA GLU B 393 7.86 -3.82 17.28
C GLU B 393 7.30 -4.75 18.36
N VAL B 394 7.17 -4.30 19.61
CA VAL B 394 6.76 -5.18 20.70
C VAL B 394 5.43 -4.78 21.34
N ALA B 395 4.93 -3.58 21.09
CA ALA B 395 3.79 -3.08 21.85
C ALA B 395 2.47 -3.66 21.32
N GLU B 396 1.42 -3.49 22.11
CA GLU B 396 0.08 -3.82 21.65
C GLU B 396 -0.28 -2.94 20.46
N TYR B 397 -1.21 -3.45 19.63
CA TYR B 397 -1.46 -2.81 18.35
C TYR B 397 -1.84 -1.33 18.51
N LYS B 398 -2.76 -1.04 19.43
CA LYS B 398 -3.21 0.35 19.59
C LYS B 398 -2.05 1.26 19.98
N THR B 399 -1.10 0.76 20.77
CA THR B 399 0.11 1.53 21.07
C THR B 399 1.06 1.53 19.89
N LYS B 400 1.37 0.34 19.36
CA LYS B 400 2.21 0.23 18.17
C LYS B 400 1.73 1.18 17.08
N LYS B 401 0.42 1.20 16.84
CA LYS B 401 -0.16 2.08 15.85
C LYS B 401 0.21 3.54 16.09
N GLU B 402 0.35 3.94 17.35
CA GLU B 402 0.64 5.33 17.64
C GLU B 402 2.12 5.65 17.47
N ALA B 403 2.98 4.70 17.82
CA ALA B 403 4.40 4.86 17.53
C ALA B 403 4.63 4.98 16.03
N CYS B 404 3.80 4.32 15.22
CA CYS B 404 3.92 4.44 13.77
C CYS B 404 3.64 5.86 13.31
N TRP B 405 2.52 6.44 13.78
CA TRP B 405 2.22 7.83 13.45
C TRP B 405 3.39 8.75 13.80
N ALA B 406 3.97 8.55 14.99
CA ALA B 406 5.05 9.44 15.44
C ALA B 406 6.25 9.33 14.51
N ILE B 407 6.69 8.11 14.21
CA ILE B 407 7.83 7.93 13.31
C ILE B 407 7.48 8.42 11.91
N SER B 408 6.26 8.15 11.46
CA SER B 408 5.86 8.57 10.12
C SER B 408 5.87 10.08 9.98
N ASN B 409 5.25 10.79 10.93
CA ASN B 409 5.22 12.25 10.87
C ASN B 409 6.63 12.82 10.89
N ALA B 410 7.51 12.27 11.72
CA ALA B 410 8.89 12.73 11.74
C ALA B 410 9.53 12.60 10.36
N SER B 411 9.24 11.50 9.66
CA SER B 411 9.83 11.30 8.34
C SER B 411 9.30 12.30 7.33
N SER B 412 8.08 12.80 7.52
CA SER B 412 7.53 13.79 6.62
C SER B 412 8.31 15.10 6.71
N GLY B 413 8.64 15.53 7.92
CA GLY B 413 9.52 16.67 8.08
C GLY B 413 10.97 16.35 7.80
N GLY B 414 11.36 15.09 7.91
CA GLY B 414 12.72 14.67 7.59
C GLY B 414 13.09 14.83 6.12
N LEU B 415 12.12 15.15 5.27
CA LEU B 415 12.44 15.40 3.86
C LEU B 415 13.23 16.69 3.70
N GLN B 416 13.08 17.63 4.64
CA GLN B 416 13.83 18.88 4.61
C GLN B 416 15.16 18.80 5.33
N ARG B 417 15.31 17.89 6.30
CA ARG B 417 16.57 17.69 7.00
C ARG B 417 16.93 16.21 6.92
N PRO B 418 17.55 15.79 5.80
CA PRO B 418 17.79 14.36 5.59
C PRO B 418 18.50 13.65 6.74
N ASP B 419 19.32 14.37 7.52
CA ASP B 419 19.92 13.74 8.68
C ASP B 419 18.87 13.22 9.66
N ILE B 420 17.66 13.76 9.61
CA ILE B 420 16.57 13.23 10.42
C ILE B 420 16.27 11.79 10.02
N ILE B 421 16.13 11.55 8.71
CA ILE B 421 15.80 10.21 8.26
C ILE B 421 17.00 9.28 8.41
N ARG B 422 18.22 9.78 8.23
N ARG B 422 18.22 9.78 8.21
CA ARG B 422 19.40 8.97 8.48
CA ARG B 422 19.41 8.98 8.50
C ARG B 422 19.40 8.43 9.92
C ARG B 422 19.33 8.42 9.90
N TYR B 423 19.09 9.30 10.89
CA TYR B 423 19.03 8.84 12.27
C TYR B 423 17.91 7.84 12.47
N LEU B 424 16.73 8.12 11.92
CA LEU B 424 15.62 7.17 12.01
C LEU B 424 16.04 5.80 11.48
N VAL B 425 16.57 5.77 10.26
CA VAL B 425 17.07 4.52 9.70
C VAL B 425 18.15 3.94 10.60
N SER B 426 19.05 4.78 11.10
CA SER B 426 20.13 4.30 11.97
C SER B 426 19.59 3.54 13.17
N GLN B 427 18.44 3.95 13.69
CA GLN B 427 17.87 3.33 14.88
C GLN B 427 17.03 2.10 14.57
N GLY B 428 16.93 1.69 13.31
CA GLY B 428 16.29 0.45 12.96
C GLY B 428 14.79 0.51 12.81
N CYS B 429 14.24 1.62 12.33
CA CYS B 429 12.79 1.74 12.18
C CYS B 429 12.26 1.01 10.96
N ILE B 430 13.10 0.76 9.96
CA ILE B 430 12.60 0.20 8.69
C ILE B 430 11.95 -1.16 8.93
N LYS B 431 12.64 -2.06 9.61
CA LYS B 431 12.07 -3.39 9.83
C LYS B 431 10.75 -3.33 10.59
N PRO B 432 10.64 -2.67 11.75
CA PRO B 432 9.31 -2.58 12.40
C PRO B 432 8.22 -2.00 11.52
N LEU B 433 8.52 -0.93 10.78
CA LEU B 433 7.53 -0.36 9.87
C LEU B 433 7.06 -1.40 8.86
N CYS B 434 8.00 -2.08 8.21
CA CYS B 434 7.63 -3.08 7.21
C CYS B 434 6.82 -4.20 7.83
N ASP B 435 7.21 -4.66 9.03
CA ASP B 435 6.46 -5.71 9.69
C ASP B 435 5.02 -5.28 9.95
N LEU B 436 4.82 -4.00 10.28
CA LEU B 436 3.49 -3.49 10.55
C LEU B 436 2.58 -3.54 9.33
N LEU B 437 3.14 -3.55 8.12
CA LEU B 437 2.31 -3.58 6.92
C LEU B 437 1.45 -4.84 6.84
N GLU B 438 1.88 -5.93 7.47
CA GLU B 438 1.19 -7.20 7.33
C GLU B 438 -0.05 -7.31 8.20
N ILE B 439 -0.18 -6.48 9.24
CA ILE B 439 -1.21 -6.66 10.24
C ILE B 439 -2.14 -5.46 10.38
N ALA B 440 -1.76 -4.28 9.88
CA ALA B 440 -2.41 -3.04 10.30
C ALA B 440 -3.71 -2.80 9.55
N ASP B 441 -4.58 -2.01 10.18
CA ASP B 441 -5.76 -1.49 9.51
C ASP B 441 -5.33 -0.61 8.33
N ASN B 442 -6.30 -0.30 7.47
CA ASN B 442 -5.97 0.34 6.20
C ASN B 442 -5.40 1.74 6.40
N ARG B 443 -5.90 2.48 7.38
CA ARG B 443 -5.35 3.81 7.62
C ARG B 443 -3.88 3.71 8.02
N ILE B 444 -3.54 2.76 8.87
CA ILE B 444 -2.16 2.62 9.32
C ILE B 444 -1.27 2.09 8.20
N ILE B 445 -1.81 1.25 7.31
CA ILE B 445 -1.04 0.86 6.13
C ILE B 445 -0.62 2.10 5.36
N GLU B 446 -1.57 3.00 5.09
CA GLU B 446 -1.27 4.21 4.34
C GLU B 446 -0.22 5.05 5.06
N VAL B 447 -0.34 5.20 6.38
CA VAL B 447 0.63 5.97 7.15
C VAL B 447 1.99 5.31 7.10
N THR B 448 2.02 3.98 7.14
CA THR B 448 3.30 3.27 7.14
C THR B 448 3.96 3.33 5.77
N LEU B 449 3.17 3.24 4.70
CA LEU B 449 3.73 3.39 3.36
C LEU B 449 4.25 4.79 3.11
N ASP B 450 3.63 5.80 3.73
CA ASP B 450 4.11 7.16 3.55
C ASP B 450 5.46 7.35 4.23
N ALA B 451 5.65 6.73 5.40
CA ALA B 451 6.95 6.75 6.05
C ALA B 451 8.01 6.09 5.17
N LEU B 452 7.69 4.91 4.62
CA LEU B 452 8.66 4.21 3.78
C LEU B 452 8.94 4.98 2.51
N GLU B 453 7.93 5.66 1.95
CA GLU B 453 8.16 6.47 0.77
C GLU B 453 9.08 7.66 1.08
N ASN B 454 8.86 8.34 2.20
CA ASN B 454 9.76 9.41 2.60
C ASN B 454 11.17 8.89 2.77
N ILE B 455 11.31 7.71 3.39
CA ILE B 455 12.63 7.12 3.59
C ILE B 455 13.28 6.81 2.25
N LEU B 456 12.49 6.35 1.28
CA LEU B 456 13.02 6.05 -0.05
C LEU B 456 13.37 7.33 -0.80
N LYS B 457 12.52 8.35 -0.73
CA LYS B 457 12.83 9.63 -1.36
C LYS B 457 14.16 10.17 -0.84
N MET B 458 14.33 10.19 0.49
CA MET B 458 15.57 10.70 1.07
C MET B 458 16.77 9.91 0.57
N GLY B 459 16.66 8.58 0.52
CA GLY B 459 17.76 7.78 0.01
C GLY B 459 18.05 8.08 -1.45
N GLU B 460 17.01 8.33 -2.24
CA GLU B 460 17.19 8.64 -3.65
C GLU B 460 17.80 10.03 -3.83
N ALA B 461 17.33 11.00 -3.06
CA ALA B 461 17.93 12.34 -3.12
C ALA B 461 19.37 12.31 -2.66
N ASP B 462 19.67 11.50 -1.64
CA ASP B 462 21.04 11.38 -1.17
C ASP B 462 21.93 10.71 -2.21
N LYS B 463 21.40 9.70 -2.90
CA LYS B 463 22.15 9.06 -3.97
C LYS B 463 22.52 10.06 -5.06
N GLU B 464 21.55 10.87 -5.48
CA GLU B 464 21.82 11.83 -6.55
C GLU B 464 22.72 12.95 -6.06
N ALA B 465 22.54 13.40 -4.82
CA ALA B 465 23.35 14.52 -4.32
C ALA B 465 24.80 14.11 -4.15
N ARG B 466 25.06 12.92 -3.63
CA ARG B 466 26.41 12.46 -3.33
C ARG B 466 27.02 11.61 -4.43
N GLY B 467 26.29 11.33 -5.50
CA GLY B 467 26.78 10.42 -6.51
C GLY B 467 27.03 9.03 -5.98
N LEU B 468 26.06 8.47 -5.27
CA LEU B 468 26.13 7.08 -4.82
C LEU B 468 25.69 6.14 -5.95
N ASN B 469 26.12 4.88 -5.85
CA ASN B 469 25.76 3.91 -6.87
C ASN B 469 24.32 3.45 -6.71
N ILE B 470 23.87 3.17 -5.49
CA ILE B 470 22.53 2.67 -5.25
C ILE B 470 21.87 3.46 -4.13
N ASN B 471 20.55 3.35 -4.07
CA ASN B 471 19.74 3.92 -2.99
C ASN B 471 19.91 3.05 -1.76
N GLU B 472 20.59 3.58 -0.74
CA GLU B 472 20.91 2.76 0.42
C GLU B 472 19.66 2.35 1.19
N ASN B 473 18.68 3.24 1.29
CA ASN B 473 17.47 2.91 2.04
C ASN B 473 16.63 1.87 1.30
N ALA B 474 16.64 1.87 -0.03
CA ALA B 474 15.96 0.82 -0.77
C ALA B 474 16.61 -0.53 -0.51
N ASP B 475 17.94 -0.56 -0.38
CA ASP B 475 18.62 -1.81 -0.07
C ASP B 475 18.31 -2.26 1.35
N PHE B 476 18.27 -1.32 2.31
CA PHE B 476 17.89 -1.67 3.66
C PHE B 476 16.48 -2.27 3.69
N ILE B 477 15.55 -1.65 2.99
CA ILE B 477 14.16 -2.12 2.99
C ILE B 477 14.08 -3.53 2.40
N GLU B 478 14.75 -3.76 1.27
CA GLU B 478 14.77 -5.10 0.71
C GLU B 478 15.45 -6.07 1.66
N LYS B 479 16.57 -5.67 2.26
CA LYS B 479 17.27 -6.52 3.21
C LYS B 479 16.37 -6.94 4.36
N ALA B 480 15.57 -6.00 4.87
CA ALA B 480 14.68 -6.28 5.99
C ALA B 480 13.46 -7.11 5.59
N GLY B 481 13.36 -7.51 4.33
CA GLY B 481 12.17 -8.20 3.84
C GLY B 481 11.02 -7.28 3.54
N GLY B 482 11.24 -5.96 3.53
CA GLY B 482 10.15 -5.02 3.37
C GLY B 482 9.68 -4.83 1.95
N MET B 483 10.54 -5.11 0.96
CA MET B 483 10.12 -4.97 -0.43
C MET B 483 8.94 -5.88 -0.74
N GLU B 484 9.00 -7.13 -0.28
CA GLU B 484 7.90 -8.06 -0.52
C GLU B 484 6.64 -7.62 0.21
N LYS B 485 6.79 -7.05 1.41
CA LYS B 485 5.62 -6.64 2.17
C LYS B 485 4.98 -5.39 1.59
N ILE B 486 5.78 -4.47 1.04
CA ILE B 486 5.22 -3.37 0.26
C ILE B 486 4.55 -3.92 -0.99
N PHE B 487 5.25 -4.78 -1.73
CA PHE B 487 4.70 -5.36 -2.95
C PHE B 487 3.34 -6.00 -2.69
N ASN B 488 3.21 -6.71 -1.56
CA ASN B 488 1.96 -7.40 -1.27
C ASN B 488 0.83 -6.43 -0.97
N CYS B 489 1.13 -5.17 -0.65
CA CYS B 489 0.07 -4.18 -0.48
C CYS B 489 -0.65 -3.87 -1.78
N GLN B 490 -0.07 -4.25 -2.92
CA GLN B 490 -0.76 -4.08 -4.20
C GLN B 490 -1.97 -4.99 -4.33
N GLN B 491 -2.06 -6.03 -3.49
CA GLN B 491 -3.23 -6.91 -3.50
C GLN B 491 -4.42 -6.30 -2.79
N ASN B 492 -4.22 -5.20 -2.06
CA ASN B 492 -5.30 -4.56 -1.34
C ASN B 492 -6.32 -3.97 -2.31
N GLU B 493 -7.61 -4.21 -2.01
CA GLU B 493 -8.67 -3.65 -2.84
C GLU B 493 -8.83 -2.16 -2.63
N ASN B 494 -8.32 -1.62 -1.53
CA ASN B 494 -8.26 -0.19 -1.33
C ASN B 494 -7.37 0.43 -2.40
N ASP B 495 -7.93 1.34 -3.19
CA ASP B 495 -7.21 1.87 -4.35
C ASP B 495 -6.09 2.82 -3.92
N LYS B 496 -6.34 3.63 -2.89
CA LYS B 496 -5.27 4.49 -2.38
C LYS B 496 -4.07 3.66 -1.95
N ILE B 497 -4.31 2.56 -1.23
CA ILE B 497 -3.22 1.70 -0.81
C ILE B 497 -2.54 1.08 -2.03
N TYR B 498 -3.32 0.53 -2.95
CA TYR B 498 -2.76 -0.10 -4.14
C TYR B 498 -1.90 0.88 -4.92
N GLU B 499 -2.42 2.08 -5.17
CA GLU B 499 -1.69 3.05 -5.99
C GLU B 499 -0.40 3.49 -5.30
N LYS B 500 -0.43 3.70 -3.98
CA LYS B 500 0.78 4.07 -3.27
C LYS B 500 1.83 2.97 -3.35
N ALA B 501 1.42 1.73 -3.06
CA ALA B 501 2.36 0.61 -3.12
C ALA B 501 2.91 0.43 -4.52
N TYR B 502 2.06 0.54 -5.53
CA TYR B 502 2.50 0.43 -6.92
C TYR B 502 3.55 1.48 -7.25
N LYS B 503 3.29 2.73 -6.87
CA LYS B 503 4.26 3.80 -7.12
C LYS B 503 5.58 3.49 -6.44
N ILE B 504 5.54 3.08 -5.17
CA ILE B 504 6.77 2.76 -4.46
C ILE B 504 7.53 1.66 -5.18
N ILE B 505 6.84 0.58 -5.55
CA ILE B 505 7.50 -0.56 -6.18
C ILE B 505 8.11 -0.15 -7.52
N GLU B 506 7.33 0.57 -8.33
CA GLU B 506 7.81 0.90 -9.67
C GLU B 506 8.86 2.00 -9.65
N THR B 507 8.84 2.86 -8.62
CA THR B 507 9.78 3.97 -8.58
C THR B 507 11.13 3.53 -8.00
N TYR B 508 11.13 2.62 -7.03
CA TYR B 508 12.32 2.31 -6.26
C TYR B 508 12.77 0.86 -6.33
N PHE B 509 11.95 -0.04 -6.89
CA PHE B 509 12.32 -1.46 -6.92
C PHE B 509 12.03 -2.09 -8.29
N GLY B 510 11.88 -1.30 -9.34
CA GLY B 510 11.40 -1.82 -10.60
C GLY B 510 12.50 -2.16 -11.59
N GLU B 511 13.46 -2.98 -11.18
CA GLU B 511 14.56 -3.40 -12.05
C GLU B 511 15.13 -2.20 -12.80
N GLU B 512 15.51 -1.19 -12.03
CA GLU B 512 15.80 0.13 -12.61
C GLU B 512 16.90 0.05 -13.65
N GLU B 513 18.09 -0.43 -13.26
CA GLU B 513 19.25 -0.27 -14.11
C GLU B 513 20.28 -1.36 -13.89
N ASP B 514 21.07 -1.62 -14.93
CA ASP B 514 22.29 -2.38 -14.80
C ASP B 514 23.40 -1.46 -14.31
N ALA B 515 24.15 -1.91 -13.31
CA ALA B 515 25.22 -1.09 -12.75
C ALA B 515 26.25 -0.76 -13.81
N VAL B 516 26.49 0.54 -14.03
CA VAL B 516 27.47 0.99 -15.01
C VAL B 516 28.39 2.03 -14.39
N MET C 1 -46.35 -15.90 -27.77
CA MET C 1 -47.18 -14.67 -27.83
C MET C 1 -46.93 -13.81 -26.60
N SER C 2 -46.97 -14.43 -25.42
CA SER C 2 -46.78 -13.69 -24.17
C SER C 2 -45.42 -13.01 -24.15
N ASP C 3 -45.34 -11.94 -23.35
CA ASP C 3 -44.06 -11.28 -23.17
C ASP C 3 -43.13 -12.08 -22.26
N LEU C 4 -43.69 -12.82 -21.29
CA LEU C 4 -42.89 -13.76 -20.53
C LEU C 4 -42.37 -14.87 -21.42
N GLU C 5 -43.24 -15.42 -22.28
CA GLU C 5 -42.81 -16.47 -23.19
C GLU C 5 -41.77 -15.97 -24.17
N THR C 6 -41.90 -14.72 -24.61
CA THR C 6 -40.94 -14.17 -25.56
C THR C 6 -39.59 -13.92 -24.90
N VAL C 7 -39.59 -13.49 -23.65
CA VAL C 7 -38.33 -13.31 -22.92
C VAL C 7 -37.65 -14.65 -22.73
N ALA C 8 -38.40 -15.68 -22.36
CA ALA C 8 -37.81 -17.00 -22.15
C ALA C 8 -37.21 -17.55 -23.44
N LYS C 9 -37.90 -17.34 -24.57
CA LYS C 9 -37.40 -17.83 -25.84
C LYS C 9 -35.97 -17.36 -26.10
N PHE C 10 -35.72 -16.06 -25.92
CA PHE C 10 -34.40 -15.52 -26.28
C PHE C 10 -33.40 -15.69 -25.15
N LEU C 11 -33.85 -15.80 -23.89
CA LEU C 11 -32.95 -16.27 -22.85
C LEU C 11 -32.38 -17.63 -23.21
N ALA C 12 -33.24 -18.54 -23.70
CA ALA C 12 -32.77 -19.87 -24.11
C ALA C 12 -31.81 -19.77 -25.29
N GLU C 13 -32.14 -18.93 -26.28
CA GLU C 13 -31.27 -18.77 -27.44
C GLU C 13 -29.91 -18.21 -27.07
N SER C 14 -29.79 -17.51 -25.95
CA SER C 14 -28.52 -16.86 -25.61
C SER C 14 -27.44 -17.86 -25.23
N VAL C 15 -27.80 -19.11 -24.93
CA VAL C 15 -26.81 -20.13 -24.60
C VAL C 15 -26.25 -20.80 -25.84
N ILE C 16 -26.87 -20.60 -27.01
CA ILE C 16 -26.50 -21.28 -28.25
C ILE C 16 -25.67 -20.34 -29.10
N ALA C 17 -24.65 -20.89 -29.76
CA ALA C 17 -23.65 -20.04 -30.41
C ALA C 17 -24.25 -19.21 -31.53
N SER C 18 -25.10 -19.80 -32.37
CA SER C 18 -25.58 -19.06 -33.54
C SER C 18 -26.46 -17.87 -33.14
N THR C 19 -27.07 -17.90 -31.96
CA THR C 19 -27.99 -16.87 -31.54
C THR C 19 -27.51 -16.09 -30.31
N ALA C 20 -26.24 -16.25 -29.92
CA ALA C 20 -25.75 -15.57 -28.72
C ALA C 20 -25.84 -14.06 -28.86
N LYS C 21 -25.52 -13.52 -30.04
CA LYS C 21 -25.51 -12.07 -30.24
C LYS C 21 -26.87 -11.53 -30.64
N THR C 22 -27.60 -12.25 -31.51
CA THR C 22 -28.94 -11.79 -31.88
C THR C 22 -29.89 -11.85 -30.69
N SER C 23 -29.79 -12.89 -29.87
CA SER C 23 -30.65 -12.98 -28.69
C SER C 23 -30.46 -11.79 -27.77
N GLU C 24 -29.21 -11.35 -27.56
CA GLU C 24 -29.00 -10.20 -26.71
C GLU C 24 -29.63 -8.94 -27.30
N ARG C 25 -29.50 -8.76 -28.61
CA ARG C 25 -30.10 -7.60 -29.25
C ARG C 25 -31.62 -7.64 -29.13
N ASN C 26 -32.23 -8.82 -29.26
CA ASN C 26 -33.66 -8.92 -29.04
C ASN C 26 -34.02 -8.63 -27.59
N LEU C 27 -33.23 -9.15 -26.64
CA LEU C 27 -33.51 -8.92 -25.23
C LEU C 27 -33.35 -7.44 -24.87
N ARG C 28 -32.34 -6.78 -25.42
CA ARG C 28 -32.17 -5.35 -25.16
C ARG C 28 -33.36 -4.55 -25.69
N GLN C 29 -33.96 -5.00 -26.79
CA GLN C 29 -35.18 -4.36 -27.28
C GLN C 29 -36.34 -4.63 -26.33
N LEU C 30 -36.54 -5.90 -25.95
CA LEU C 30 -37.58 -6.22 -24.98
C LEU C 30 -37.38 -5.48 -23.68
N GLU C 31 -36.13 -5.11 -23.38
CA GLU C 31 -35.78 -4.51 -22.11
C GLU C 31 -36.39 -3.12 -21.92
N THR C 32 -36.80 -2.47 -23.02
CA THR C 32 -37.37 -1.13 -22.91
C THR C 32 -38.77 -1.16 -22.33
N GLN C 33 -39.50 -2.26 -22.53
CA GLN C 33 -40.84 -2.40 -21.97
C GLN C 33 -40.80 -2.19 -20.46
N ASP C 34 -41.76 -1.43 -19.95
CA ASP C 34 -41.85 -1.20 -18.51
C ASP C 34 -42.21 -2.49 -17.79
N GLY C 35 -41.51 -2.77 -16.70
CA GLY C 35 -41.71 -3.98 -15.94
C GLY C 35 -40.83 -5.14 -16.35
N PHE C 36 -39.93 -4.94 -17.32
CA PHE C 36 -39.04 -6.01 -17.74
C PHE C 36 -38.29 -6.60 -16.56
N GLY C 37 -37.94 -5.77 -15.57
CA GLY C 37 -37.27 -6.29 -14.40
C GLY C 37 -38.11 -7.33 -13.67
N LEU C 38 -39.40 -7.03 -13.49
CA LEU C 38 -40.28 -7.97 -12.81
C LEU C 38 -40.60 -9.16 -13.71
N THR C 39 -40.67 -8.95 -15.02
CA THR C 39 -40.87 -10.08 -15.93
C THR C 39 -39.72 -11.07 -15.82
N LEU C 40 -38.49 -10.57 -15.70
CA LEU C 40 -37.36 -11.47 -15.49
C LEU C 40 -37.50 -12.28 -14.21
N LEU C 41 -37.96 -11.64 -13.14
CA LEU C 41 -38.13 -12.36 -11.88
C LEU C 41 -39.17 -13.46 -12.02
N HIS C 42 -40.22 -13.22 -12.81
CA HIS C 42 -41.24 -14.25 -13.00
C HIS C 42 -40.70 -15.40 -13.84
N VAL C 43 -39.84 -15.09 -14.83
CA VAL C 43 -39.19 -16.14 -15.60
C VAL C 43 -38.30 -16.99 -14.70
N ILE C 44 -37.52 -16.33 -13.83
CA ILE C 44 -36.60 -17.04 -12.96
C ILE C 44 -37.35 -17.99 -12.04
N ALA C 45 -38.55 -17.60 -11.62
CA ALA C 45 -39.35 -18.39 -10.69
C ALA C 45 -40.13 -19.51 -11.37
N SER C 46 -40.18 -19.53 -12.71
CA SER C 46 -41.01 -20.48 -13.45
C SER C 46 -40.32 -21.84 -13.46
N THR C 47 -40.77 -22.74 -12.59
CA THR C 47 -40.16 -24.07 -12.49
C THR C 47 -40.44 -24.93 -13.72
N ASN C 48 -41.38 -24.51 -14.58
CA ASN C 48 -41.67 -25.21 -15.82
C ASN C 48 -40.67 -24.91 -16.92
N LEU C 49 -39.75 -23.95 -16.70
CA LEU C 49 -38.75 -23.65 -17.72
C LEU C 49 -37.46 -24.42 -17.45
N PRO C 50 -36.70 -24.77 -18.49
CA PRO C 50 -35.43 -25.47 -18.26
C PRO C 50 -34.47 -24.62 -17.45
N LEU C 51 -33.65 -25.30 -16.64
CA LEU C 51 -32.80 -24.61 -15.69
C LEU C 51 -31.89 -23.60 -16.37
N SER C 52 -31.36 -23.95 -17.53
N SER C 52 -31.36 -23.95 -17.54
CA SER C 52 -30.46 -23.03 -18.25
CA SER C 52 -30.46 -23.03 -18.24
C SER C 52 -31.18 -21.76 -18.67
C SER C 52 -31.17 -21.77 -18.70
N THR C 53 -32.48 -21.87 -19.01
CA THR C 53 -33.24 -20.67 -19.37
C THR C 53 -33.46 -19.78 -18.14
N ARG C 54 -33.82 -20.39 -17.01
CA ARG C 54 -33.95 -19.64 -15.77
C ARG C 54 -32.61 -19.05 -15.33
N LEU C 55 -31.52 -19.79 -15.56
CA LEU C 55 -30.20 -19.25 -15.22
C LEU C 55 -29.84 -18.08 -16.11
N ALA C 56 -30.14 -18.17 -17.41
CA ALA C 56 -29.92 -17.03 -18.29
C ALA C 56 -30.73 -15.82 -17.80
N GLY C 57 -31.94 -16.07 -17.32
CA GLY C 57 -32.75 -14.98 -16.79
C GLY C 57 -32.18 -14.40 -15.50
N ALA C 58 -31.69 -15.26 -14.61
CA ALA C 58 -31.09 -14.77 -13.38
C ALA C 58 -29.81 -13.97 -13.67
N LEU C 59 -28.97 -14.47 -14.57
CA LEU C 59 -27.79 -13.71 -14.95
C LEU C 59 -28.16 -12.41 -15.64
N PHE C 60 -29.18 -12.43 -16.51
CA PHE C 60 -29.56 -11.21 -17.20
C PHE C 60 -30.12 -10.18 -16.24
N PHE C 61 -30.94 -10.62 -15.28
CA PHE C 61 -31.46 -9.71 -14.27
C PHE C 61 -30.33 -9.11 -13.44
N LYS C 62 -29.37 -9.94 -13.02
CA LYS C 62 -28.24 -9.43 -12.24
C LYS C 62 -27.50 -8.33 -13.00
N ASN C 63 -27.16 -8.60 -14.26
CA ASN C 63 -26.42 -7.61 -15.05
C ASN C 63 -27.31 -6.46 -15.48
N PHE C 64 -28.62 -6.66 -15.50
CA PHE C 64 -29.56 -5.57 -15.72
C PHE C 64 -29.53 -4.58 -14.56
N ILE C 65 -29.45 -5.09 -13.33
CA ILE C 65 -29.28 -4.23 -12.17
C ILE C 65 -27.98 -3.44 -12.27
N LYS C 66 -26.88 -4.11 -12.62
CA LYS C 66 -25.59 -3.44 -12.66
C LYS C 66 -25.57 -2.34 -13.72
N ARG C 67 -26.36 -2.47 -14.78
CA ARG C 67 -26.38 -1.47 -15.83
C ARG C 67 -27.36 -0.34 -15.58
N LYS C 68 -28.55 -0.64 -15.02
CA LYS C 68 -29.66 0.29 -15.09
C LYS C 68 -30.36 0.53 -13.76
N TRP C 69 -29.72 0.19 -12.63
CA TRP C 69 -30.35 0.47 -11.34
C TRP C 69 -30.14 1.91 -10.92
N VAL C 70 -28.92 2.42 -11.05
CA VAL C 70 -28.58 3.79 -10.66
C VAL C 70 -27.66 4.40 -11.69
N ASP C 71 -27.70 5.73 -11.79
CA ASP C 71 -26.71 6.47 -12.57
C ASP C 71 -25.52 6.79 -11.67
N GLU C 72 -24.57 7.54 -12.21
CA GLU C 72 -23.33 7.82 -11.48
C GLU C 72 -23.58 8.56 -10.18
N ASN C 73 -24.70 9.25 -10.04
CA ASN C 73 -25.01 10.03 -8.85
C ASN C 73 -25.89 9.28 -7.85
N GLY C 74 -26.35 8.07 -8.18
CA GLY C 74 -27.19 7.31 -7.30
C GLY C 74 -28.67 7.49 -7.49
N ASN C 75 -29.10 8.20 -8.54
CA ASN C 75 -30.52 8.33 -8.84
C ASN C 75 -31.03 7.01 -9.42
N HIS C 76 -32.10 6.48 -8.84
CA HIS C 76 -32.75 5.31 -9.41
C HIS C 76 -33.19 5.63 -10.83
N LEU C 77 -32.92 4.71 -11.76
CA LEU C 77 -33.30 4.88 -13.15
C LEU C 77 -34.59 4.18 -13.51
N LEU C 78 -35.11 3.31 -12.64
CA LEU C 78 -36.36 2.63 -12.90
C LEU C 78 -37.52 3.39 -12.26
N PRO C 79 -38.75 3.19 -12.75
CA PRO C 79 -39.90 3.79 -12.11
C PRO C 79 -39.93 3.48 -10.62
N ALA C 80 -40.27 4.49 -9.82
CA ALA C 80 -40.25 4.32 -8.37
C ALA C 80 -41.12 3.15 -7.92
N ASN C 81 -42.13 2.78 -8.72
CA ASN C 81 -42.99 1.66 -8.35
C ASN C 81 -42.25 0.33 -8.53
N ASN C 82 -41.60 0.14 -9.68
CA ASN C 82 -40.85 -1.08 -9.91
C ASN C 82 -39.76 -1.26 -8.86
N VAL C 83 -39.08 -0.16 -8.49
CA VAL C 83 -37.96 -0.25 -7.55
C VAL C 83 -38.41 -0.90 -6.25
N GLU C 84 -39.51 -0.42 -5.68
CA GLU C 84 -39.93 -0.92 -4.37
C GLU C 84 -40.42 -2.36 -4.44
N LEU C 85 -41.09 -2.72 -5.54
CA LEU C 85 -41.58 -4.09 -5.67
C LEU C 85 -40.44 -5.08 -5.85
N ILE C 86 -39.40 -4.69 -6.61
CA ILE C 86 -38.22 -5.54 -6.73
C ILE C 86 -37.64 -5.82 -5.35
N LYS C 87 -37.44 -4.78 -4.55
CA LYS C 87 -36.85 -4.97 -3.23
C LYS C 87 -37.70 -5.85 -2.33
N LYS C 88 -39.01 -5.88 -2.56
CA LYS C 88 -39.87 -6.71 -1.71
C LYS C 88 -39.88 -8.17 -2.17
N GLU C 89 -39.85 -8.40 -3.48
CA GLU C 89 -39.90 -9.77 -3.99
C GLU C 89 -38.55 -10.47 -3.93
N ILE C 90 -37.45 -9.73 -4.02
CA ILE C 90 -36.19 -10.35 -4.39
C ILE C 90 -35.71 -11.31 -3.31
N VAL C 91 -35.88 -10.96 -2.05
CA VAL C 91 -35.36 -11.79 -0.96
C VAL C 91 -36.19 -13.07 -0.87
N PRO C 92 -37.52 -12.99 -0.79
CA PRO C 92 -38.32 -14.23 -0.82
C PRO C 92 -38.08 -15.06 -2.06
N LEU C 93 -37.86 -14.44 -3.21
CA LEU C 93 -37.53 -15.19 -4.42
C LEU C 93 -36.23 -15.96 -4.25
N MET C 94 -35.20 -15.28 -3.74
CA MET C 94 -33.90 -15.92 -3.54
C MET C 94 -34.04 -17.22 -2.75
N ILE C 95 -34.83 -17.19 -1.68
CA ILE C 95 -34.95 -18.35 -0.80
C ILE C 95 -35.50 -19.55 -1.55
N SER C 96 -36.43 -19.32 -2.47
CA SER C 96 -37.17 -20.41 -3.10
C SER C 96 -36.41 -21.09 -4.22
N LEU C 97 -35.26 -20.56 -4.63
CA LEU C 97 -34.60 -21.09 -5.81
C LEU C 97 -33.54 -22.14 -5.44
N PRO C 98 -33.26 -23.07 -6.34
CA PRO C 98 -32.12 -23.98 -6.13
C PRO C 98 -30.81 -23.20 -6.23
N ASN C 99 -29.73 -23.87 -5.82
CA ASN C 99 -28.49 -23.17 -5.55
C ASN C 99 -28.01 -22.36 -6.75
N ASN C 100 -27.94 -22.98 -7.93
CA ASN C 100 -27.33 -22.32 -9.07
C ASN C 100 -28.05 -21.02 -9.43
N LEU C 101 -29.37 -20.98 -9.27
CA LEU C 101 -30.11 -19.75 -9.49
C LEU C 101 -30.05 -18.84 -8.26
N GLN C 102 -30.17 -19.44 -7.08
CA GLN C 102 -30.18 -18.67 -5.84
C GLN C 102 -28.96 -17.75 -5.73
N VAL C 103 -27.78 -18.25 -6.10
CA VAL C 103 -26.57 -17.46 -5.89
C VAL C 103 -26.56 -16.22 -6.78
N GLN C 104 -27.12 -16.32 -7.98
CA GLN C 104 -27.13 -15.17 -8.87
C GLN C 104 -28.12 -14.11 -8.38
N ILE C 105 -29.25 -14.53 -7.83
CA ILE C 105 -30.19 -13.58 -7.23
C ILE C 105 -29.57 -12.97 -5.97
N GLY C 106 -28.88 -13.78 -5.19
CA GLY C 106 -28.10 -13.23 -4.07
C GLY C 106 -27.14 -12.15 -4.53
N GLU C 107 -26.52 -12.34 -5.69
CA GLU C 107 -25.58 -11.34 -6.19
C GLU C 107 -26.29 -10.09 -6.69
N ALA C 108 -27.51 -10.24 -7.24
CA ALA C 108 -28.28 -9.07 -7.61
C ALA C 108 -28.69 -8.27 -6.38
N ILE C 109 -29.08 -8.95 -5.30
CA ILE C 109 -29.35 -8.27 -4.04
C ILE C 109 -28.11 -7.51 -3.59
N SER C 110 -26.95 -8.15 -3.63
CA SER C 110 -25.71 -7.48 -3.24
C SER C 110 -25.44 -6.26 -4.11
N SER C 111 -25.75 -6.36 -5.40
CA SER C 111 -25.54 -5.23 -6.30
C SER C 111 -26.48 -4.08 -5.96
N ILE C 112 -27.75 -4.39 -5.65
CA ILE C 112 -28.66 -3.35 -5.20
C ILE C 112 -28.16 -2.73 -3.91
N ALA C 113 -27.72 -3.58 -2.97
CA ALA C 113 -27.20 -3.08 -1.70
C ALA C 113 -25.99 -2.17 -1.91
N ASP C 114 -25.18 -2.45 -2.92
CA ASP C 114 -24.00 -1.64 -3.18
C ASP C 114 -24.36 -0.16 -3.27
N SER C 115 -25.54 0.15 -3.81
CA SER C 115 -25.98 1.53 -3.98
C SER C 115 -27.06 1.97 -3.01
N ASP C 116 -27.92 1.05 -2.54
CA ASP C 116 -29.09 1.40 -1.76
C ASP C 116 -28.97 1.09 -0.27
N PHE C 117 -28.04 0.24 0.13
CA PHE C 117 -27.93 -0.16 1.53
C PHE C 117 -26.96 0.77 2.26
N PRO C 118 -27.26 1.22 3.49
CA PRO C 118 -28.46 0.97 4.31
C PRO C 118 -29.55 2.04 4.18
N ASP C 119 -29.16 3.25 3.79
CA ASP C 119 -30.08 4.38 3.84
C ASP C 119 -31.37 4.10 3.08
N ARG C 120 -31.26 3.59 1.85
CA ARG C 120 -32.42 3.42 0.98
C ARG C 120 -32.92 1.99 0.92
N TRP C 121 -32.54 1.14 1.87
CA TRP C 121 -33.07 -0.23 1.98
C TRP C 121 -33.06 -0.65 3.44
N PRO C 122 -33.89 -0.02 4.28
CA PRO C 122 -33.83 -0.32 5.72
C PRO C 122 -34.30 -1.70 6.09
N THR C 123 -35.10 -2.37 5.25
CA THR C 123 -35.65 -3.67 5.61
C THR C 123 -34.71 -4.82 5.31
N LEU C 124 -33.68 -4.61 4.49
CA LEU C 124 -32.86 -5.72 4.01
C LEU C 124 -32.34 -6.57 5.17
N LEU C 125 -31.74 -5.94 6.17
CA LEU C 125 -31.08 -6.70 7.23
C LEU C 125 -32.06 -7.62 7.95
N SER C 126 -33.20 -7.07 8.39
CA SER C 126 -34.21 -7.91 9.01
C SER C 126 -34.71 -8.97 8.04
N ASP C 127 -34.96 -8.58 6.79
CA ASP C 127 -35.39 -9.53 5.76
C ASP C 127 -34.46 -10.72 5.69
N LEU C 128 -33.14 -10.47 5.64
CA LEU C 128 -32.18 -11.57 5.52
C LEU C 128 -32.10 -12.38 6.81
N ALA C 129 -31.89 -11.71 7.95
CA ALA C 129 -31.69 -12.43 9.19
C ALA C 129 -32.87 -13.32 9.53
N SER C 130 -34.09 -12.90 9.17
CA SER C 130 -35.28 -13.66 9.53
C SER C 130 -35.39 -14.98 8.76
N ARG C 131 -34.59 -15.19 7.72
CA ARG C 131 -34.64 -16.42 6.94
C ARG C 131 -33.74 -17.51 7.51
N LEU C 132 -32.85 -17.18 8.44
CA LEU C 132 -32.01 -18.19 9.07
C LEU C 132 -32.85 -19.07 9.99
N SER C 133 -32.57 -20.38 9.96
CA SER C 133 -33.27 -21.32 10.82
C SER C 133 -32.31 -22.45 11.17
N ASN C 134 -32.64 -23.17 12.26
CA ASN C 134 -31.79 -24.25 12.73
C ASN C 134 -31.89 -25.51 11.88
N ASP C 135 -32.95 -25.65 11.09
CA ASP C 135 -33.26 -26.92 10.43
C ASP C 135 -33.12 -26.87 8.91
N ASP C 136 -32.55 -25.80 8.36
CA ASP C 136 -32.40 -25.67 6.91
C ASP C 136 -31.04 -25.02 6.64
N MET C 137 -30.01 -25.84 6.52
CA MET C 137 -28.65 -25.35 6.30
C MET C 137 -28.40 -25.00 4.85
N VAL C 138 -29.25 -25.42 3.92
CA VAL C 138 -29.13 -24.97 2.53
C VAL C 138 -29.54 -23.51 2.42
N THR C 139 -30.73 -23.18 2.91
CA THR C 139 -31.17 -21.78 2.90
C THR C 139 -30.22 -20.90 3.72
N ASN C 140 -29.72 -21.42 4.84
CA ASN C 140 -28.78 -20.67 5.65
C ASN C 140 -27.54 -20.29 4.84
N LYS C 141 -26.95 -21.26 4.14
CA LYS C 141 -25.77 -20.96 3.33
C LYS C 141 -26.07 -19.86 2.33
N GLY C 142 -27.23 -19.93 1.66
CA GLY C 142 -27.56 -18.91 0.68
C GLY C 142 -27.67 -17.53 1.29
N VAL C 143 -28.39 -17.43 2.42
CA VAL C 143 -28.57 -16.14 3.08
C VAL C 143 -27.24 -15.59 3.59
N LEU C 144 -26.44 -16.44 4.22
CA LEU C 144 -25.17 -15.99 4.75
C LEU C 144 -24.22 -15.55 3.64
N THR C 145 -24.31 -16.19 2.47
CA THR C 145 -23.45 -15.81 1.35
C THR C 145 -23.78 -14.41 0.86
N VAL C 146 -25.06 -14.03 0.90
CA VAL C 146 -25.45 -12.67 0.54
C VAL C 146 -24.94 -11.69 1.58
N ALA C 147 -25.13 -12.02 2.86
CA ALA C 147 -24.63 -11.15 3.94
C ALA C 147 -23.13 -10.93 3.80
N HIS C 148 -22.38 -12.00 3.58
CA HIS C 148 -20.92 -11.88 3.45
C HIS C 148 -20.55 -11.02 2.25
N SER C 149 -21.29 -11.15 1.15
CA SER C 149 -20.99 -10.32 -0.02
C SER C 149 -21.18 -8.84 0.30
N ILE C 150 -22.15 -8.52 1.16
CA ILE C 150 -22.40 -7.12 1.50
C ILE C 150 -21.39 -6.64 2.54
N PHE C 151 -21.14 -7.45 3.57
CA PHE C 151 -20.33 -6.98 4.69
C PHE C 151 -18.84 -7.01 4.39
N LYS C 152 -18.39 -7.90 3.50
CA LYS C 152 -16.97 -7.93 3.15
C LYS C 152 -16.54 -6.65 2.46
N ARG C 153 -17.46 -5.80 2.01
CA ARG C 153 -17.10 -4.50 1.48
C ARG C 153 -16.46 -3.60 2.55
N TRP C 154 -16.57 -3.97 3.82
CA TRP C 154 -15.95 -3.18 4.88
C TRP C 154 -14.43 -3.36 4.90
N ARG C 155 -13.94 -4.50 4.41
CA ARG C 155 -12.53 -4.84 4.63
C ARG C 155 -11.55 -3.83 4.04
N PRO C 156 -11.73 -3.32 2.82
CA PRO C 156 -10.77 -2.37 2.26
C PRO C 156 -11.00 -0.91 2.63
N LEU C 157 -11.98 -0.60 3.46
CA LEU C 157 -12.35 0.78 3.73
C LEU C 157 -11.53 1.37 4.87
N PHE C 158 -11.38 2.69 4.83
CA PHE C 158 -10.85 3.42 5.97
C PHE C 158 -11.95 3.61 7.01
N ARG C 159 -11.56 3.57 8.28
CA ARG C 159 -12.51 3.82 9.36
C ARG C 159 -13.14 5.20 9.19
N SER C 160 -14.43 5.28 9.51
CA SER C 160 -15.14 6.55 9.53
C SER C 160 -16.37 6.39 10.41
N ASP C 161 -16.93 7.53 10.83
CA ASP C 161 -18.14 7.48 11.64
C ASP C 161 -19.29 6.87 10.85
N GLU C 162 -19.44 7.26 9.59
CA GLU C 162 -20.52 6.73 8.76
C GLU C 162 -20.40 5.21 8.61
N LEU C 163 -19.18 4.71 8.45
CA LEU C 163 -18.99 3.26 8.31
C LEU C 163 -19.32 2.54 9.60
N PHE C 164 -18.82 3.05 10.73
CA PHE C 164 -19.08 2.38 12.00
C PHE C 164 -20.56 2.42 12.35
N LEU C 165 -21.27 3.48 11.94
CA LEU C 165 -22.72 3.48 12.10
C LEU C 165 -23.35 2.35 11.30
N GLU C 166 -22.95 2.19 10.03
CA GLU C 166 -23.43 1.07 9.24
C GLU C 166 -23.13 -0.24 9.94
N ILE C 167 -21.89 -0.42 10.41
CA ILE C 167 -21.51 -1.66 11.06
C ILE C 167 -22.37 -1.88 12.31
N LYS C 168 -22.62 -0.81 13.08
CA LYS C 168 -23.47 -0.94 14.25
C LYS C 168 -24.86 -1.43 13.88
N LEU C 169 -25.44 -0.84 12.84
CA LEU C 169 -26.74 -1.27 12.36
C LEU C 169 -26.76 -2.78 12.11
N VAL C 170 -25.75 -3.27 11.38
CA VAL C 170 -25.70 -4.70 11.05
C VAL C 170 -25.57 -5.54 12.32
N LEU C 171 -24.70 -5.13 13.24
CA LEU C 171 -24.46 -5.93 14.43
C LEU C 171 -25.73 -6.09 15.26
N ASP C 172 -26.53 -5.03 15.37
CA ASP C 172 -27.76 -5.11 16.16
C ASP C 172 -28.68 -6.21 15.66
N VAL C 173 -28.67 -6.46 14.35
CA VAL C 173 -29.58 -7.46 13.78
C VAL C 173 -28.96 -8.85 13.79
N PHE C 174 -27.66 -8.97 13.55
CA PHE C 174 -27.06 -10.28 13.26
C PHE C 174 -26.37 -10.93 14.44
N THR C 175 -25.90 -10.16 15.42
CA THR C 175 -25.09 -10.75 16.49
C THR C 175 -25.79 -11.94 17.15
N ALA C 176 -27.04 -11.74 17.59
CA ALA C 176 -27.77 -12.81 18.25
C ALA C 176 -28.01 -14.01 17.32
N PRO C 177 -28.63 -13.85 16.15
CA PRO C 177 -28.79 -15.01 15.26
C PRO C 177 -27.47 -15.58 14.80
N PHE C 178 -26.47 -14.73 14.56
CA PHE C 178 -25.16 -15.22 14.11
C PHE C 178 -24.55 -16.17 15.13
N LEU C 179 -24.43 -15.71 16.38
CA LEU C 179 -23.88 -16.56 17.43
C LEU C 179 -24.73 -17.81 17.64
N ASN C 180 -26.04 -17.63 17.79
CA ASN C 180 -26.94 -18.77 17.93
C ASN C 180 -26.75 -19.76 16.80
N LEU C 181 -26.76 -19.26 15.55
CA LEU C 181 -26.55 -20.14 14.40
C LEU C 181 -25.17 -20.80 14.46
N LEU C 182 -24.14 -20.02 14.78
CA LEU C 182 -22.83 -20.62 15.00
C LEU C 182 -22.88 -21.66 16.11
N LYS C 183 -23.58 -21.36 17.20
CA LYS C 183 -23.75 -22.31 18.28
C LYS C 183 -24.65 -23.49 17.89
N THR C 184 -25.40 -23.37 16.80
CA THR C 184 -26.20 -24.49 16.32
C THR C 184 -25.43 -25.37 15.32
N VAL C 185 -24.55 -24.77 14.52
CA VAL C 185 -23.82 -25.54 13.53
C VAL C 185 -22.84 -26.50 14.19
N ASP C 186 -22.18 -26.07 15.27
CA ASP C 186 -21.26 -26.96 15.97
C ASP C 186 -21.99 -28.16 16.55
N GLU C 187 -23.21 -27.93 17.06
CA GLU C 187 -23.98 -29.03 17.66
C GLU C 187 -24.39 -30.05 16.60
N GLN C 188 -24.90 -29.57 15.46
CA GLN C 188 -25.34 -30.51 14.42
C GLN C 188 -24.16 -31.23 13.79
N ILE C 189 -22.99 -30.59 13.72
CA ILE C 189 -21.83 -31.26 13.15
C ILE C 189 -21.46 -32.48 13.99
N THR C 190 -21.52 -32.34 15.31
CA THR C 190 -21.22 -33.48 16.18
C THR C 190 -22.29 -34.55 16.09
N ALA C 191 -23.56 -34.14 16.10
CA ALA C 191 -24.65 -35.12 15.99
C ALA C 191 -24.60 -35.87 14.67
N ASN C 192 -24.15 -35.22 13.59
CA ASN C 192 -24.08 -35.82 12.27
C ASN C 192 -22.69 -36.33 11.94
N GLU C 193 -22.00 -36.89 12.93
CA GLU C 193 -20.59 -37.22 12.78
C GLU C 193 -20.35 -38.20 11.64
N ASN C 194 -21.31 -39.07 11.32
CA ASN C 194 -21.13 -40.11 10.32
C ASN C 194 -22.06 -39.95 9.12
N ASN C 195 -22.52 -38.72 8.85
CA ASN C 195 -23.37 -38.42 7.70
C ASN C 195 -22.55 -37.55 6.75
N LYS C 196 -22.02 -38.15 5.68
CA LYS C 196 -21.14 -37.44 4.77
C LYS C 196 -21.86 -36.23 4.15
N ALA C 197 -23.02 -36.45 3.55
CA ALA C 197 -23.70 -35.38 2.84
C ALA C 197 -24.02 -34.22 3.78
N SER C 198 -24.57 -34.53 4.96
CA SER C 198 -24.92 -33.48 5.90
C SER C 198 -23.68 -32.79 6.48
N LEU C 199 -22.57 -33.51 6.61
CA LEU C 199 -21.33 -32.89 7.07
C LEU C 199 -20.85 -31.84 6.09
N ASN C 200 -20.77 -32.19 4.80
CA ASN C 200 -20.30 -31.24 3.80
C ASN C 200 -21.18 -29.99 3.78
N ILE C 201 -22.48 -30.15 3.98
CA ILE C 201 -23.38 -28.99 4.03
C ILE C 201 -23.07 -28.15 5.26
N LEU C 202 -22.97 -28.79 6.43
CA LEU C 202 -22.73 -28.04 7.66
C LEU C 202 -21.41 -27.29 7.61
N PHE C 203 -20.37 -27.91 7.07
CA PHE C 203 -19.07 -27.24 6.99
C PHE C 203 -19.07 -26.13 5.95
N ASP C 204 -19.90 -26.24 4.91
CA ASP C 204 -20.08 -25.11 4.01
C ASP C 204 -20.63 -23.91 4.76
N VAL C 205 -21.62 -24.13 5.62
CA VAL C 205 -22.15 -23.03 6.43
C VAL C 205 -21.10 -22.51 7.40
N LEU C 206 -20.34 -23.42 8.02
CA LEU C 206 -19.31 -22.99 8.96
C LEU C 206 -18.30 -22.09 8.28
N LEU C 207 -17.89 -22.43 7.06
CA LEU C 207 -16.91 -21.62 6.35
C LEU C 207 -17.39 -20.18 6.18
N VAL C 208 -18.66 -20.01 5.80
CA VAL C 208 -19.17 -18.65 5.59
C VAL C 208 -19.37 -17.94 6.92
N LEU C 209 -19.75 -18.67 7.97
CA LEU C 209 -19.82 -18.06 9.30
C LEU C 209 -18.45 -17.54 9.74
N ILE C 210 -17.39 -18.31 9.46
CA ILE C 210 -16.05 -17.87 9.81
C ILE C 210 -15.67 -16.62 9.02
N LYS C 211 -15.99 -16.59 7.73
CA LYS C 211 -15.72 -15.39 6.93
C LYS C 211 -16.51 -14.20 7.46
N LEU C 212 -17.77 -14.42 7.84
CA LEU C 212 -18.56 -13.35 8.42
C LEU C 212 -17.98 -12.89 9.75
N TYR C 213 -17.52 -13.84 10.57
CA TYR C 213 -16.85 -13.47 11.81
C TYR C 213 -15.70 -12.51 11.54
N TYR C 214 -14.98 -12.73 10.44
CA TYR C 214 -13.90 -11.82 10.06
C TYR C 214 -14.45 -10.46 9.65
N ASP C 215 -15.51 -10.45 8.82
CA ASP C 215 -16.14 -9.20 8.41
C ASP C 215 -16.48 -8.35 9.64
N PHE C 216 -17.12 -8.96 10.62
CA PHE C 216 -17.55 -8.23 11.81
C PHE C 216 -16.39 -7.69 12.64
N ASN C 217 -15.17 -8.13 12.38
CA ASN C 217 -14.02 -7.79 13.22
C ASN C 217 -12.87 -7.14 12.45
N CYS C 218 -13.07 -6.81 11.17
CA CYS C 218 -11.96 -6.31 10.37
C CYS C 218 -11.67 -4.83 10.60
N GLN C 219 -12.61 -4.07 11.16
CA GLN C 219 -12.42 -2.66 11.46
C GLN C 219 -12.06 -2.44 12.93
N ASP C 220 -12.77 -3.09 13.83
CA ASP C 220 -12.45 -3.12 15.25
C ASP C 220 -13.15 -4.34 15.84
N ILE C 221 -12.79 -4.70 17.06
CA ILE C 221 -13.47 -5.80 17.74
C ILE C 221 -14.71 -5.25 18.41
N PRO C 222 -15.91 -5.50 17.88
CA PRO C 222 -17.12 -4.91 18.48
C PRO C 222 -17.40 -5.49 19.85
N GLU C 223 -18.09 -4.69 20.67
CA GLU C 223 -18.36 -5.08 22.05
C GLU C 223 -18.94 -6.49 22.13
N PHE C 224 -19.88 -6.83 21.24
CA PHE C 224 -20.51 -8.14 21.30
C PHE C 224 -19.48 -9.26 21.19
N PHE C 225 -18.52 -9.13 20.27
CA PHE C 225 -17.56 -10.20 20.09
C PHE C 225 -16.49 -10.21 21.17
N GLU C 226 -16.23 -9.08 21.84
CA GLU C 226 -15.39 -9.13 23.03
C GLU C 226 -16.08 -9.91 24.14
N ASP C 227 -17.34 -9.59 24.42
CA ASP C 227 -18.05 -10.26 25.51
C ASP C 227 -18.17 -11.77 25.28
N ASN C 228 -18.52 -12.17 24.05
CA ASN C 228 -18.75 -13.57 23.72
C ASN C 228 -17.54 -14.24 23.10
N ILE C 229 -16.34 -13.73 23.36
CA ILE C 229 -15.16 -14.24 22.67
C ILE C 229 -14.90 -15.70 23.05
N GLN C 230 -15.18 -16.07 24.31
CA GLN C 230 -14.79 -17.39 24.77
C GLN C 230 -15.57 -18.49 24.05
N VAL C 231 -16.84 -18.25 23.75
CA VAL C 231 -17.63 -19.27 23.05
C VAL C 231 -17.31 -19.25 21.56
N GLY C 232 -17.19 -18.06 20.96
CA GLY C 232 -16.87 -17.94 19.56
C GLY C 232 -15.54 -18.58 19.20
N MET C 233 -14.45 -18.04 19.75
CA MET C 233 -13.13 -18.60 19.45
C MET C 233 -13.00 -20.02 19.98
N GLY C 234 -13.70 -20.35 21.07
CA GLY C 234 -13.67 -21.72 21.56
C GLY C 234 -14.13 -22.71 20.51
N ILE C 235 -15.17 -22.36 19.77
CA ILE C 235 -15.66 -23.25 18.70
C ILE C 235 -14.60 -23.42 17.63
N PHE C 236 -14.01 -22.31 17.16
CA PHE C 236 -12.99 -22.41 16.13
C PHE C 236 -11.78 -23.18 16.64
N HIS C 237 -11.37 -22.90 17.87
CA HIS C 237 -10.34 -23.71 18.53
C HIS C 237 -10.61 -25.20 18.33
N LYS C 238 -11.86 -25.61 18.50
CA LYS C 238 -12.19 -27.03 18.36
C LYS C 238 -11.90 -27.52 16.94
N TYR C 239 -12.41 -26.84 15.93
CA TYR C 239 -12.36 -27.36 14.57
C TYR C 239 -10.99 -27.19 13.91
N LEU C 240 -10.06 -26.48 14.54
CA LEU C 240 -8.68 -26.51 14.05
C LEU C 240 -8.08 -27.90 14.19
N SER C 241 -8.55 -28.68 15.16
CA SER C 241 -8.07 -30.04 15.38
C SER C 241 -9.02 -31.10 14.83
N TYR C 242 -10.25 -30.72 14.46
CA TYR C 242 -11.24 -31.67 14.00
C TYR C 242 -10.69 -32.53 12.87
N SER C 243 -11.06 -33.80 12.88
CA SER C 243 -10.68 -34.74 11.83
C SER C 243 -11.78 -35.78 11.67
N ASN C 244 -12.22 -35.99 10.44
CA ASN C 244 -13.28 -36.95 10.14
C ASN C 244 -12.95 -37.66 8.84
N PRO C 245 -12.78 -38.99 8.84
CA PRO C 245 -12.37 -39.68 7.60
C PRO C 245 -13.30 -39.42 6.42
N LEU C 246 -14.54 -39.02 6.67
CA LEU C 246 -15.46 -38.76 5.56
C LEU C 246 -15.10 -37.49 4.81
N LEU C 247 -14.59 -36.48 5.52
CA LEU C 247 -14.23 -35.21 4.92
C LEU C 247 -12.77 -35.18 4.45
N GLU C 248 -12.16 -36.35 4.26
CA GLU C 248 -10.77 -36.44 3.82
C GLU C 248 -10.64 -37.59 2.83
N ASP C 249 -9.54 -37.58 2.09
CA ASP C 249 -9.21 -38.67 1.17
C ASP C 249 -7.74 -38.58 0.76
N PRO C 250 -6.90 -39.51 1.23
CA PRO C 250 -5.47 -39.40 0.91
C PRO C 250 -5.14 -39.45 -0.58
N ASP C 251 -6.06 -39.90 -1.42
CA ASP C 251 -5.78 -40.01 -2.85
C ASP C 251 -5.72 -38.66 -3.56
N GLU C 252 -6.07 -37.57 -2.89
CA GLU C 252 -6.01 -36.23 -3.45
C GLU C 252 -4.91 -35.46 -2.74
N THR C 253 -3.96 -34.91 -3.52
CA THR C 253 -2.83 -34.19 -2.95
C THR C 253 -2.78 -32.72 -3.31
N GLU C 254 -3.66 -32.23 -4.18
CA GLU C 254 -3.62 -30.85 -4.64
C GLU C 254 -4.87 -30.05 -4.30
N HIS C 255 -6.04 -30.67 -4.40
CA HIS C 255 -7.32 -29.97 -4.25
C HIS C 255 -7.67 -29.88 -2.77
N ALA C 256 -7.50 -28.69 -2.19
CA ALA C 256 -7.88 -28.47 -0.80
C ALA C 256 -9.40 -28.51 -0.67
N SER C 257 -9.87 -29.18 0.38
CA SER C 257 -11.30 -29.41 0.60
C SER C 257 -11.88 -28.37 1.53
N VAL C 258 -13.19 -28.47 1.76
CA VAL C 258 -13.88 -27.51 2.62
C VAL C 258 -13.31 -27.55 4.03
N LEU C 259 -12.98 -28.74 4.53
CA LEU C 259 -12.34 -28.83 5.84
C LEU C 259 -11.03 -28.07 5.86
N ILE C 260 -10.24 -28.19 4.79
CA ILE C 260 -8.97 -27.48 4.70
C ILE C 260 -9.21 -25.98 4.69
N LYS C 261 -10.18 -25.53 3.88
CA LYS C 261 -10.47 -24.09 3.80
C LYS C 261 -10.96 -23.55 5.14
N VAL C 262 -11.78 -24.34 5.85
CA VAL C 262 -12.30 -23.91 7.14
C VAL C 262 -11.17 -23.65 8.12
N LYS C 263 -10.18 -24.56 8.17
CA LYS C 263 -9.05 -24.37 9.07
C LYS C 263 -8.19 -23.19 8.62
N SER C 264 -8.08 -22.95 7.32
CA SER C 264 -7.32 -21.79 6.84
C SER C 264 -8.05 -20.49 7.18
N SER C 265 -9.37 -20.45 7.00
CA SER C 265 -10.14 -19.28 7.40
C SER C 265 -10.05 -19.05 8.90
N ILE C 266 -10.08 -20.11 9.69
CA ILE C 266 -9.90 -19.97 11.13
C ILE C 266 -8.53 -19.35 11.43
N GLN C 267 -7.49 -19.81 10.76
CA GLN C 267 -6.16 -19.27 11.03
C GLN C 267 -6.05 -17.80 10.60
N GLU C 268 -6.74 -17.40 9.54
CA GLU C 268 -6.80 -15.99 9.18
C GLU C 268 -7.38 -15.18 10.34
N LEU C 269 -8.49 -15.65 10.92
CA LEU C 269 -9.14 -14.93 12.00
C LEU C 269 -8.29 -14.94 13.26
N VAL C 270 -7.61 -16.06 13.54
CA VAL C 270 -6.76 -16.15 14.72
C VAL C 270 -5.61 -15.16 14.61
N GLN C 271 -5.07 -14.95 13.41
CA GLN C 271 -3.97 -14.01 13.26
C GLN C 271 -4.47 -12.57 13.37
N LEU C 272 -5.66 -12.29 12.82
CA LEU C 272 -6.29 -10.99 13.05
C LEU C 272 -6.40 -10.71 14.55
N TYR C 273 -6.99 -11.65 15.28
CA TYR C 273 -7.17 -11.45 16.72
C TYR C 273 -5.83 -11.35 17.44
N THR C 274 -4.84 -12.12 17.00
CA THR C 274 -3.54 -12.11 17.69
C THR C 274 -2.80 -10.79 17.46
N THR C 275 -2.89 -10.23 16.25
CA THR C 275 -2.11 -9.05 15.91
C THR C 275 -2.84 -7.74 16.18
N ARG C 276 -4.17 -7.73 16.19
CA ARG C 276 -4.94 -6.51 16.44
C ARG C 276 -5.57 -6.44 17.81
N TYR C 277 -5.98 -7.57 18.38
CA TYR C 277 -6.79 -7.59 19.60
C TYR C 277 -6.15 -8.49 20.66
N GLU C 278 -4.82 -8.50 20.69
CA GLU C 278 -4.11 -9.28 21.70
C GLU C 278 -4.55 -8.94 23.12
N ASP C 279 -4.90 -7.67 23.38
CA ASP C 279 -5.38 -7.30 24.70
C ASP C 279 -6.60 -8.13 25.10
N VAL C 280 -7.50 -8.37 24.16
CA VAL C 280 -8.70 -9.16 24.43
C VAL C 280 -8.44 -10.65 24.24
N PHE C 281 -7.73 -11.01 23.18
CA PHE C 281 -7.50 -12.41 22.81
C PHE C 281 -6.44 -13.08 23.68
N GLY C 282 -5.56 -12.30 24.32
CA GLY C 282 -4.43 -12.80 25.06
C GLY C 282 -4.64 -14.10 25.80
N PRO C 283 -5.65 -14.14 26.69
CA PRO C 283 -5.87 -15.35 27.49
C PRO C 283 -5.97 -16.63 26.69
N MET C 284 -6.39 -16.55 25.42
CA MET C 284 -6.64 -17.74 24.61
C MET C 284 -5.51 -18.04 23.64
N ILE C 285 -4.51 -17.16 23.51
CA ILE C 285 -3.49 -17.35 22.50
C ILE C 285 -2.72 -18.64 22.73
N ASN C 286 -2.43 -18.96 23.99
CA ASN C 286 -1.62 -20.14 24.29
C ASN C 286 -2.30 -21.42 23.80
N GLU C 287 -3.63 -21.49 23.94
CA GLU C 287 -4.35 -22.67 23.46
C GLU C 287 -4.17 -22.85 21.96
N PHE C 288 -4.22 -21.77 21.19
CA PHE C 288 -4.10 -21.89 19.75
C PHE C 288 -2.68 -22.21 19.32
N ILE C 289 -1.68 -21.69 20.04
CA ILE C 289 -0.30 -22.09 19.79
C ILE C 289 -0.17 -23.60 19.86
N GLN C 290 -0.58 -24.18 21.00
CA GLN C 290 -0.43 -25.62 21.19
C GLN C 290 -1.16 -26.40 20.10
N ILE C 291 -2.36 -25.97 19.73
CA ILE C 291 -3.09 -26.68 18.68
C ILE C 291 -2.43 -26.47 17.32
N THR C 292 -1.86 -25.28 17.08
CA THR C 292 -1.11 -25.07 15.85
C THR C 292 0.15 -25.93 15.83
N TRP C 293 0.83 -26.05 16.98
N TRP C 293 0.84 -26.02 16.97
CA TRP C 293 1.99 -26.93 17.06
CA TRP C 293 1.99 -26.93 17.08
C TRP C 293 1.62 -28.37 16.71
C TRP C 293 1.60 -28.35 16.68
N ASN C 294 0.52 -28.86 17.26
CA ASN C 294 0.08 -30.22 16.94
C ASN C 294 -0.41 -30.32 15.50
N LEU C 295 -1.02 -29.27 14.97
CA LEU C 295 -1.51 -29.31 13.60
C LEU C 295 -0.36 -29.46 12.61
N LEU C 296 0.70 -28.67 12.80
CA LEU C 296 1.86 -28.74 11.91
C LEU C 296 2.63 -30.04 12.11
N THR C 297 2.53 -30.64 13.30
CA THR C 297 3.24 -31.87 13.59
C THR C 297 2.70 -33.04 12.76
N SER C 298 1.38 -33.11 12.59
CA SER C 298 0.72 -34.25 11.95
C SER C 298 0.14 -33.88 10.59
N ILE C 299 0.78 -32.96 9.88
CA ILE C 299 0.28 -32.48 8.60
C ILE C 299 1.04 -33.17 7.48
N SER C 300 0.31 -33.69 6.50
CA SER C 300 0.94 -34.37 5.36
C SER C 300 1.65 -33.36 4.47
N ASN C 301 2.74 -33.81 3.85
CA ASN C 301 3.51 -32.96 2.94
C ASN C 301 2.81 -32.73 1.60
N GLN C 302 1.56 -33.15 1.45
CA GLN C 302 0.85 -32.96 0.20
C GLN C 302 0.59 -31.47 -0.04
N PRO C 303 0.67 -30.99 -1.28
CA PRO C 303 0.48 -29.56 -1.53
C PRO C 303 -0.86 -29.01 -1.05
N LYS C 304 -1.90 -29.83 -0.98
CA LYS C 304 -3.23 -29.31 -0.64
C LYS C 304 -3.28 -28.72 0.77
N TYR C 305 -2.28 -28.97 1.61
CA TYR C 305 -2.16 -28.34 2.91
C TYR C 305 -1.20 -27.15 2.91
N ASP C 306 -0.65 -26.78 1.75
CA ASP C 306 0.38 -25.76 1.71
C ASP C 306 -0.11 -24.45 2.32
N ILE C 307 -1.29 -24.00 1.90
CA ILE C 307 -1.82 -22.72 2.39
C ILE C 307 -2.07 -22.79 3.89
N LEU C 308 -2.71 -23.86 4.35
CA LEU C 308 -2.94 -24.03 5.78
C LEU C 308 -1.64 -23.97 6.56
N VAL C 309 -0.58 -24.61 6.05
CA VAL C 309 0.70 -24.61 6.74
C VAL C 309 1.25 -23.18 6.83
N SER C 310 1.18 -22.43 5.73
CA SER C 310 1.75 -21.09 5.73
C SER C 310 0.95 -20.14 6.61
N LYS C 311 -0.38 -20.25 6.58
CA LYS C 311 -1.21 -19.44 7.47
C LYS C 311 -0.95 -19.79 8.93
N SER C 312 -0.64 -21.06 9.22
CA SER C 312 -0.27 -21.43 10.58
C SER C 312 1.08 -20.85 10.97
N LEU C 313 2.04 -20.89 10.05
CA LEU C 313 3.36 -20.33 10.34
C LEU C 313 3.32 -18.82 10.49
N SER C 314 2.45 -18.15 9.73
CA SER C 314 2.31 -16.71 9.90
C SER C 314 1.71 -16.38 11.27
N PHE C 315 0.76 -17.20 11.73
CA PHE C 315 0.27 -17.05 13.10
C PHE C 315 1.41 -17.22 14.10
N LEU C 316 2.19 -18.29 13.96
CA LEU C 316 3.30 -18.51 14.87
C LEU C 316 4.36 -17.42 14.73
N THR C 317 4.47 -16.82 13.54
CA THR C 317 5.40 -15.72 13.36
C THR C 317 4.93 -14.48 14.11
N ALA C 318 3.63 -14.20 14.08
CA ALA C 318 3.09 -13.09 14.86
C ALA C 318 3.28 -13.33 16.35
N VAL C 319 3.15 -14.59 16.78
CA VAL C 319 3.38 -14.92 18.18
C VAL C 319 4.85 -14.74 18.54
N THR C 320 5.75 -15.03 17.60
CA THR C 320 7.18 -14.85 17.86
C THR C 320 7.53 -13.38 18.07
N ARG C 321 6.73 -12.47 17.52
CA ARG C 321 6.99 -11.04 17.64
C ARG C 321 6.38 -10.43 18.89
N ILE C 322 5.65 -11.21 19.69
CA ILE C 322 5.11 -10.75 20.96
C ILE C 322 5.99 -11.33 22.06
N PRO C 323 6.82 -10.53 22.75
CA PRO C 323 7.77 -11.10 23.71
C PRO C 323 7.17 -12.04 24.73
N LYS C 324 6.01 -11.68 25.30
CA LYS C 324 5.42 -12.52 26.33
C LYS C 324 5.22 -13.95 25.84
N TYR C 325 4.74 -14.10 24.61
CA TYR C 325 4.44 -15.43 24.07
C TYR C 325 5.62 -16.08 23.38
N PHE C 326 6.65 -15.31 23.01
CA PHE C 326 7.86 -15.93 22.46
C PHE C 326 8.62 -16.69 23.53
N GLU C 327 8.51 -16.26 24.80
CA GLU C 327 9.27 -16.90 25.86
C GLU C 327 8.83 -18.34 26.12
N ILE C 328 7.61 -18.71 25.76
CA ILE C 328 7.16 -20.07 26.05
C ILE C 328 7.95 -21.09 25.25
N PHE C 329 8.53 -20.69 24.11
CA PHE C 329 9.43 -21.55 23.34
C PHE C 329 10.73 -20.85 23.05
N ASN C 330 11.22 -20.04 23.99
CA ASN C 330 12.56 -19.47 23.92
C ASN C 330 13.53 -20.23 24.83
N ASN C 331 13.58 -21.55 24.65
CA ASN C 331 14.49 -22.40 25.41
C ASN C 331 14.89 -23.57 24.53
N GLU C 332 16.02 -24.20 24.89
CA GLU C 332 16.60 -25.23 24.04
C GLU C 332 15.60 -26.34 23.75
N SER C 333 14.82 -26.75 24.75
CA SER C 333 13.91 -27.88 24.56
C SER C 333 12.86 -27.57 23.50
N ALA C 334 12.12 -26.47 23.68
CA ALA C 334 11.09 -26.12 22.72
C ALA C 334 11.70 -25.78 21.35
N MET C 335 12.77 -24.99 21.34
CA MET C 335 13.37 -24.58 20.08
C MET C 335 13.89 -25.77 19.30
N ASN C 336 14.44 -26.77 20.00
CA ASN C 336 14.92 -27.97 19.33
C ASN C 336 13.77 -28.83 18.82
N ASN C 337 12.62 -28.80 19.51
CA ASN C 337 11.48 -29.58 19.08
C ASN C 337 10.78 -28.93 17.89
N ILE C 338 10.81 -27.60 17.82
CA ILE C 338 10.36 -26.91 16.60
C ILE C 338 11.22 -27.32 15.42
N THR C 339 12.55 -27.34 15.63
CA THR C 339 13.48 -27.68 14.55
C THR C 339 13.18 -29.06 13.98
N GLU C 340 13.16 -30.08 14.83
CA GLU C 340 13.01 -31.45 14.35
C GLU C 340 11.61 -31.69 13.79
N GLN C 341 10.58 -31.14 14.42
CA GLN C 341 9.22 -31.48 14.07
C GLN C 341 8.63 -30.56 13.00
N ILE C 342 8.97 -29.29 13.00
CA ILE C 342 8.32 -28.30 12.15
C ILE C 342 9.18 -27.91 10.95
N ILE C 343 10.42 -27.50 11.21
CA ILE C 343 11.23 -26.84 10.17
C ILE C 343 11.93 -27.87 9.29
N LEU C 344 12.72 -28.75 9.88
CA LEU C 344 13.56 -29.64 9.09
C LEU C 344 12.76 -30.52 8.12
N PRO C 345 11.63 -31.13 8.52
CA PRO C 345 10.91 -31.98 7.56
C PRO C 345 10.38 -31.22 6.34
N ASN C 346 10.30 -29.89 6.40
CA ASN C 346 9.76 -29.11 5.29
C ASN C 346 10.83 -28.33 4.53
N VAL C 347 12.08 -28.35 4.98
CA VAL C 347 13.16 -27.63 4.30
C VAL C 347 13.95 -28.55 3.37
N THR C 348 13.87 -29.86 3.55
CA THR C 348 14.53 -30.79 2.64
C THR C 348 14.13 -30.51 1.21
N LEU C 349 15.03 -30.81 0.27
CA LEU C 349 14.75 -30.60 -1.14
C LEU C 349 13.72 -31.60 -1.62
N ARG C 350 12.55 -31.12 -2.03
CA ARG C 350 11.51 -31.98 -2.57
C ARG C 350 11.76 -32.23 -4.04
N GLU C 351 11.37 -33.42 -4.50
CA GLU C 351 11.68 -33.84 -5.86
C GLU C 351 10.79 -33.20 -6.91
N GLU C 352 9.69 -32.56 -6.51
CA GLU C 352 8.96 -31.72 -7.45
C GLU C 352 9.83 -30.59 -7.99
N ASP C 353 10.89 -30.21 -7.25
CA ASP C 353 11.86 -29.23 -7.70
C ASP C 353 12.96 -29.86 -8.54
N VAL C 354 13.46 -31.03 -8.14
CA VAL C 354 14.48 -31.72 -8.92
C VAL C 354 14.00 -31.96 -10.35
N GLU C 355 12.69 -32.12 -10.54
CA GLU C 355 12.17 -32.36 -11.88
C GLU C 355 12.16 -31.09 -12.71
N LEU C 356 11.87 -29.93 -12.08
CA LEU C 356 12.01 -28.66 -12.78
C LEU C 356 13.45 -28.44 -13.20
N PHE C 357 14.39 -28.87 -12.36
CA PHE C 357 15.82 -28.76 -12.68
C PHE C 357 16.13 -29.47 -14.00
N GLU C 358 15.60 -30.67 -14.19
CA GLU C 358 15.95 -31.49 -15.35
C GLU C 358 15.10 -31.17 -16.57
N ASP C 359 13.84 -30.77 -16.39
CA ASP C 359 12.90 -30.63 -17.50
C ASP C 359 12.77 -29.21 -18.01
N ASP C 360 12.92 -28.21 -17.15
CA ASP C 360 12.81 -26.79 -17.55
C ASP C 360 13.92 -26.00 -16.87
N PRO C 361 15.17 -26.26 -17.27
CA PRO C 361 16.30 -25.63 -16.56
C PRO C 361 16.21 -24.12 -16.46
N ILE C 362 15.88 -23.45 -17.56
CA ILE C 362 15.87 -21.99 -17.55
C ILE C 362 14.85 -21.48 -16.54
N GLU C 363 13.71 -22.15 -16.42
CA GLU C 363 12.70 -21.71 -15.47
C GLU C 363 13.13 -22.00 -14.04
N TYR C 364 13.77 -23.15 -13.80
CA TYR C 364 14.34 -23.43 -12.49
C TYR C 364 15.28 -22.31 -12.05
N ILE C 365 16.12 -21.83 -12.98
CA ILE C 365 17.09 -20.80 -12.63
C ILE C 365 16.39 -19.48 -12.32
N ARG C 366 15.44 -19.08 -13.17
CA ARG C 366 14.75 -17.81 -12.95
C ARG C 366 14.05 -17.79 -11.60
N ARG C 367 13.41 -18.90 -11.23
CA ARG C 367 12.67 -18.95 -9.97
C ARG C 367 13.61 -19.06 -8.77
N ASP C 368 14.69 -19.83 -8.91
CA ASP C 368 15.69 -19.89 -7.85
C ASP C 368 16.29 -18.50 -7.59
N LEU C 369 16.46 -17.70 -8.65
CA LEU C 369 17.10 -16.40 -8.51
C LEU C 369 16.19 -15.36 -7.87
N GLU C 370 14.88 -15.41 -8.14
CA GLU C 370 13.95 -14.42 -7.60
C GLU C 370 13.04 -14.98 -6.53
N GLY C 371 12.98 -16.30 -6.35
CA GLY C 371 12.14 -16.90 -5.34
C GLY C 371 10.73 -17.17 -5.83
N THR C 374 7.13 -18.20 -3.68
CA THR C 374 6.68 -18.04 -2.31
C THR C 374 5.52 -18.98 -1.99
N ASP C 375 5.26 -19.16 -0.69
CA ASP C 375 4.21 -20.01 -0.14
C ASP C 375 4.54 -21.50 -0.26
N THR C 376 5.70 -21.85 -0.81
CA THR C 376 6.18 -23.21 -0.67
C THR C 376 6.54 -23.46 0.79
N ARG C 377 6.39 -24.71 1.22
CA ARG C 377 6.73 -25.03 2.61
C ARG C 377 8.16 -24.65 2.92
N ARG C 378 9.09 -24.91 2.00
CA ARG C 378 10.49 -24.54 2.22
C ARG C 378 10.61 -23.05 2.52
N ARG C 379 9.99 -22.20 1.70
CA ARG C 379 10.06 -20.77 1.91
C ARG C 379 9.31 -20.33 3.16
N ALA C 380 8.11 -20.87 3.37
CA ALA C 380 7.35 -20.52 4.57
C ALA C 380 8.09 -20.92 5.84
N CYS C 381 8.67 -22.13 5.85
CA CYS C 381 9.40 -22.58 7.04
C CYS C 381 10.73 -21.86 7.18
N THR C 382 11.36 -21.47 6.07
CA THR C 382 12.63 -20.76 6.17
C THR C 382 12.42 -19.35 6.70
N ASP C 383 11.34 -18.69 6.28
CA ASP C 383 11.01 -17.38 6.85
C ASP C 383 10.72 -17.49 8.33
N PHE C 384 10.01 -18.54 8.74
CA PHE C 384 9.79 -18.76 10.16
C PHE C 384 11.11 -18.98 10.89
N LEU C 385 11.99 -19.82 10.31
CA LEU C 385 13.32 -20.00 10.86
C LEU C 385 14.04 -18.67 11.03
N LYS C 386 13.90 -17.77 10.06
CA LYS C 386 14.55 -16.47 10.19
C LYS C 386 13.96 -15.68 11.34
N GLU C 387 12.63 -15.65 11.44
CA GLU C 387 11.97 -14.90 12.51
C GLU C 387 12.46 -15.34 13.89
N LEU C 388 12.61 -16.65 14.09
CA LEU C 388 13.13 -17.14 15.36
C LEU C 388 14.56 -16.67 15.58
N LYS C 389 15.41 -16.79 14.55
CA LYS C 389 16.79 -16.36 14.67
C LYS C 389 16.88 -14.89 15.09
N GLU C 390 15.99 -14.05 14.57
CA GLU C 390 16.04 -12.63 14.92
C GLU C 390 15.76 -12.41 16.40
N LYS C 391 14.97 -13.27 17.03
CA LYS C 391 14.61 -13.10 18.43
C LYS C 391 15.63 -13.71 19.39
N ASN C 392 16.36 -14.74 18.97
CA ASN C 392 17.44 -15.29 19.79
C ASN C 392 18.42 -15.97 18.83
N GLU C 393 19.43 -15.22 18.38
CA GLU C 393 20.35 -15.73 17.38
C GLU C 393 21.23 -16.84 17.94
N VAL C 394 21.73 -16.66 19.17
CA VAL C 394 22.64 -17.65 19.75
C VAL C 394 21.94 -19.00 19.90
N LEU C 395 20.74 -19.00 20.49
CA LEU C 395 20.02 -20.25 20.69
C LEU C 395 19.74 -20.94 19.37
N VAL C 396 19.14 -20.22 18.42
CA VAL C 396 18.73 -20.83 17.15
C VAL C 396 19.96 -21.33 16.40
N THR C 397 21.01 -20.51 16.32
CA THR C 397 22.20 -20.91 15.58
C THR C 397 22.79 -22.21 16.13
N ASN C 398 23.02 -22.24 17.45
CA ASN C 398 23.66 -23.41 18.05
C ASN C 398 22.81 -24.66 17.89
N ILE C 399 21.49 -24.52 18.01
CA ILE C 399 20.60 -25.68 17.85
C ILE C 399 20.73 -26.25 16.45
N PHE C 400 20.87 -25.38 15.44
CA PHE C 400 21.00 -25.86 14.07
C PHE C 400 22.41 -26.34 13.76
N LEU C 401 23.43 -25.70 14.34
CA LEU C 401 24.79 -26.21 14.18
C LEU C 401 24.92 -27.64 14.71
N ALA C 402 24.13 -27.99 15.72
CA ALA C 402 24.16 -29.36 16.23
C ALA C 402 23.56 -30.33 15.21
N HIS C 403 22.39 -29.98 14.66
CA HIS C 403 21.78 -30.85 13.65
C HIS C 403 22.63 -30.92 12.39
N MET C 404 23.20 -29.79 11.97
CA MET C 404 24.03 -29.78 10.78
C MET C 404 25.27 -30.64 10.96
N LYS C 405 25.82 -30.66 12.18
CA LYS C 405 26.97 -31.52 12.45
C LYS C 405 26.65 -32.98 12.14
N GLY C 406 25.44 -33.42 12.48
CA GLY C 406 25.05 -34.79 12.15
C GLY C 406 24.74 -34.98 10.69
N PHE C 407 24.32 -33.92 10.00
CA PHE C 407 24.08 -34.01 8.56
C PHE C 407 25.39 -34.19 7.81
N VAL C 408 26.47 -33.56 8.28
CA VAL C 408 27.78 -33.75 7.65
C VAL C 408 28.16 -35.22 7.71
N ASP C 409 28.04 -35.84 8.88
CA ASP C 409 28.43 -37.24 9.02
C ASP C 409 27.53 -38.15 8.19
N GLN C 410 26.23 -37.84 8.12
CA GLN C 410 25.34 -38.61 7.28
C GLN C 410 25.76 -38.56 5.81
N TYR C 411 26.31 -37.42 5.37
CA TYR C 411 26.74 -37.29 3.98
C TYR C 411 28.09 -37.97 3.76
N MET C 412 29.07 -37.66 4.60
CA MET C 412 30.41 -38.21 4.40
C MET C 412 30.39 -39.74 4.44
N SER C 413 29.43 -40.33 5.15
CA SER C 413 29.38 -41.79 5.25
C SER C 413 29.05 -42.42 3.90
N ASP C 414 28.12 -41.82 3.15
CA ASP C 414 27.71 -42.34 1.85
C ASP C 414 27.32 -41.16 0.95
N PRO C 415 28.31 -40.38 0.50
CA PRO C 415 27.99 -39.20 -0.31
C PRO C 415 27.10 -39.48 -1.50
N SER C 416 27.22 -40.65 -2.12
CA SER C 416 26.47 -40.92 -3.34
C SER C 416 24.96 -40.98 -3.07
N LYS C 417 24.56 -41.69 -2.03
CA LYS C 417 23.14 -41.80 -1.70
C LYS C 417 22.65 -40.65 -0.83
N ASN C 418 23.49 -40.16 0.09
CA ASN C 418 23.12 -39.12 1.02
C ASN C 418 23.52 -37.72 0.54
N TRP C 419 23.65 -37.52 -0.77
CA TRP C 419 24.04 -36.20 -1.27
C TRP C 419 23.02 -35.14 -0.85
N LYS C 420 21.74 -35.51 -0.75
CA LYS C 420 20.72 -34.56 -0.37
C LYS C 420 20.97 -33.97 1.01
N PHE C 421 21.69 -34.70 1.88
CA PHE C 421 22.01 -34.16 3.19
C PHE C 421 22.98 -32.99 3.11
N LYS C 422 23.89 -33.00 2.14
CA LYS C 422 24.81 -31.87 2.00
C LYS C 422 24.10 -30.65 1.42
N ASP C 423 23.19 -30.85 0.46
CA ASP C 423 22.36 -29.76 0.01
C ASP C 423 21.59 -29.14 1.18
N LEU C 424 21.24 -29.95 2.17
CA LEU C 424 20.43 -29.45 3.28
C LEU C 424 21.22 -28.47 4.15
N TYR C 425 22.41 -28.87 4.63
CA TYR C 425 23.11 -27.99 5.56
C TYR C 425 23.81 -26.84 4.85
N ILE C 426 24.07 -26.92 3.55
CA ILE C 426 24.45 -25.73 2.81
C ILE C 426 23.30 -24.74 2.79
N TYR C 427 22.08 -25.24 2.54
CA TYR C 427 20.90 -24.38 2.55
C TYR C 427 20.69 -23.78 3.93
N LEU C 428 20.74 -24.61 4.97
CA LEU C 428 20.53 -24.12 6.33
C LEU C 428 21.63 -23.15 6.74
N PHE C 429 22.89 -23.49 6.45
CA PHE C 429 23.99 -22.59 6.77
C PHE C 429 23.77 -21.22 6.12
N THR C 430 23.38 -21.21 4.85
CA THR C 430 23.14 -19.94 4.16
C THR C 430 22.04 -19.15 4.84
N ALA C 431 20.93 -19.82 5.20
CA ALA C 431 19.82 -19.13 5.82
C ALA C 431 20.20 -18.55 7.17
N LEU C 432 21.03 -19.27 7.93
CA LEU C 432 21.43 -18.78 9.24
C LEU C 432 22.51 -17.70 9.14
N ALA C 433 23.33 -17.74 8.10
CA ALA C 433 24.45 -16.81 7.99
C ALA C 433 24.01 -15.44 7.52
N ILE C 434 23.03 -15.36 6.64
CA ILE C 434 22.58 -14.09 6.08
C ILE C 434 21.74 -13.36 7.11
N ASN C 435 22.14 -12.13 7.45
CA ASN C 435 21.29 -11.24 8.24
C ASN C 435 20.24 -10.64 7.31
N GLY C 436 18.99 -11.04 7.49
CA GLY C 436 17.92 -10.56 6.62
C GLY C 436 17.85 -11.31 5.32
N ASN C 437 17.66 -10.59 4.21
CA ASN C 437 17.58 -11.18 2.88
C ASN C 437 18.72 -10.69 2.01
N ILE C 438 19.12 -11.54 1.06
CA ILE C 438 20.00 -11.09 0.00
C ILE C 438 19.24 -10.13 -0.89
N THR C 439 19.97 -9.16 -1.45
CA THR C 439 19.42 -8.20 -2.39
C THR C 439 20.18 -8.33 -3.72
N ASN C 440 19.80 -7.48 -4.67
CA ASN C 440 20.52 -7.43 -5.94
C ASN C 440 22.00 -7.06 -5.73
N ALA C 441 22.32 -6.40 -4.63
CA ALA C 441 23.70 -6.03 -4.31
C ALA C 441 24.44 -7.12 -3.55
N GLY C 442 23.81 -8.25 -3.29
CA GLY C 442 24.41 -9.32 -2.53
C GLY C 442 23.98 -9.33 -1.07
N VAL C 443 24.83 -9.91 -0.24
CA VAL C 443 24.61 -9.96 1.20
C VAL C 443 25.49 -8.91 1.85
N SER C 444 24.89 -8.05 2.69
CA SER C 444 25.63 -6.94 3.28
C SER C 444 26.18 -7.23 4.67
N SER C 445 25.61 -8.18 5.41
CA SER C 445 26.15 -8.55 6.71
C SER C 445 25.71 -9.97 7.05
N THR C 446 26.50 -10.62 7.90
CA THR C 446 26.31 -12.02 8.23
C THR C 446 26.30 -12.23 9.73
N ASN C 447 25.86 -13.43 10.13
CA ASN C 447 25.79 -13.81 11.53
C ASN C 447 27.20 -14.00 12.08
N ASN C 448 27.51 -13.28 13.17
CA ASN C 448 28.85 -13.32 13.75
C ASN C 448 29.21 -14.68 14.34
N LEU C 449 28.25 -15.57 14.49
CA LEU C 449 28.50 -16.91 15.03
C LEU C 449 28.87 -17.92 13.95
N LEU C 450 28.92 -17.50 12.69
CA LEU C 450 29.27 -18.37 11.57
C LEU C 450 30.38 -17.72 10.75
N ASN C 451 31.18 -18.56 10.12
CA ASN C 451 32.33 -18.11 9.32
C ASN C 451 32.11 -18.59 7.88
N VAL C 452 31.68 -17.67 7.01
CA VAL C 452 31.35 -18.06 5.64
C VAL C 452 32.59 -18.40 4.85
N VAL C 453 33.73 -17.76 5.14
CA VAL C 453 34.96 -18.08 4.43
C VAL C 453 35.44 -19.48 4.83
N ASP C 454 35.45 -19.77 6.13
CA ASP C 454 35.85 -21.11 6.58
C ASP C 454 34.94 -22.18 5.98
N PHE C 455 33.62 -21.96 6.06
CA PHE C 455 32.69 -22.92 5.47
C PHE C 455 32.93 -23.06 3.96
N PHE C 456 33.33 -21.98 3.30
CA PHE C 456 33.65 -22.05 1.88
C PHE C 456 34.85 -22.96 1.63
N THR C 457 35.97 -22.66 2.30
CA THR C 457 37.19 -23.44 2.08
C THR C 457 36.96 -24.92 2.36
N LYS C 458 36.20 -25.23 3.41
CA LYS C 458 36.07 -26.61 3.85
C LYS C 458 35.00 -27.36 3.08
N GLU C 459 33.89 -26.71 2.76
CA GLU C 459 32.69 -27.39 2.31
C GLU C 459 32.32 -27.12 0.85
N ILE C 460 32.70 -25.96 0.31
CA ILE C 460 32.25 -25.56 -1.02
C ILE C 460 33.34 -25.77 -2.05
N ALA C 461 34.48 -25.12 -1.84
CA ALA C 461 35.55 -25.13 -2.84
C ALA C 461 35.90 -26.54 -3.33
N PRO C 462 36.04 -27.55 -2.47
CA PRO C 462 36.34 -28.89 -2.99
C PRO C 462 35.33 -29.39 -4.00
N ASP C 463 34.05 -29.01 -3.86
CA ASP C 463 33.02 -29.47 -4.78
C ASP C 463 33.05 -28.75 -6.12
N LEU C 464 33.79 -27.64 -6.24
CA LEU C 464 33.90 -26.98 -7.52
C LEU C 464 34.78 -27.78 -8.49
N THR C 465 35.92 -28.26 -8.00
CA THR C 465 36.95 -28.85 -8.86
C THR C 465 37.04 -30.36 -8.75
N SER C 466 36.28 -31.00 -7.87
CA SER C 466 36.32 -32.46 -7.78
C SER C 466 35.91 -33.07 -9.11
N ASN C 467 36.73 -33.98 -9.62
CA ASN C 467 36.47 -34.58 -10.93
C ASN C 467 35.09 -35.23 -10.96
N ASN C 468 34.75 -35.98 -9.91
CA ASN C 468 33.44 -36.58 -9.76
C ASN C 468 32.67 -35.86 -8.67
N ILE C 469 31.38 -35.65 -8.90
CA ILE C 469 30.50 -35.02 -7.94
C ILE C 469 29.34 -35.97 -7.68
N PRO C 470 28.96 -36.21 -6.42
CA PRO C 470 27.87 -37.17 -6.18
C PRO C 470 26.58 -36.82 -6.90
N HIS C 471 26.28 -35.54 -7.05
CA HIS C 471 25.12 -35.10 -7.82
C HIS C 471 25.39 -33.67 -8.28
N ILE C 472 25.05 -33.38 -9.53
CA ILE C 472 25.35 -32.05 -10.07
C ILE C 472 24.60 -30.96 -9.33
N ILE C 473 23.55 -31.30 -8.59
CA ILE C 473 22.89 -30.31 -7.75
C ILE C 473 23.87 -29.72 -6.75
N LEU C 474 24.81 -30.55 -6.26
CA LEU C 474 25.81 -30.03 -5.34
C LEU C 474 26.82 -29.12 -6.07
N ARG C 475 27.07 -29.38 -7.34
CA ARG C 475 27.89 -28.46 -8.11
C ARG C 475 27.20 -27.11 -8.24
N VAL C 476 25.88 -27.13 -8.48
CA VAL C 476 25.12 -25.88 -8.54
C VAL C 476 25.13 -25.19 -7.18
N ASP C 477 24.88 -25.96 -6.11
CA ASP C 477 24.88 -25.39 -4.77
C ASP C 477 26.21 -24.69 -4.46
N ALA C 478 27.32 -25.25 -4.94
CA ALA C 478 28.62 -24.65 -4.68
C ALA C 478 28.76 -23.33 -5.43
N ILE C 479 28.38 -23.32 -6.71
CA ILE C 479 28.44 -22.09 -7.49
C ILE C 479 27.52 -21.03 -6.88
N LYS C 480 26.32 -21.44 -6.49
CA LYS C 480 25.36 -20.50 -5.91
C LYS C 480 25.86 -19.93 -4.60
N TYR C 481 26.66 -20.70 -3.85
CA TYR C 481 27.25 -20.17 -2.62
C TYR C 481 28.19 -19.01 -2.92
N ILE C 482 29.01 -19.14 -3.97
CA ILE C 482 29.87 -18.04 -4.39
C ILE C 482 29.02 -16.83 -4.78
N TYR C 483 27.96 -17.08 -5.56
CA TYR C 483 27.04 -16.01 -5.94
C TYR C 483 26.49 -15.32 -4.70
N THR C 484 26.04 -16.10 -3.72
CA THR C 484 25.38 -15.53 -2.55
C THR C 484 26.34 -14.70 -1.70
N PHE C 485 27.53 -15.22 -1.43
CA PHE C 485 28.46 -14.61 -0.49
C PHE C 485 29.61 -13.92 -1.21
N ARG C 486 29.38 -13.41 -2.42
CA ARG C 486 30.43 -12.76 -3.18
C ARG C 486 30.99 -11.54 -2.46
N ASN C 487 30.15 -10.82 -1.71
CA ASN C 487 30.65 -9.65 -0.99
C ASN C 487 31.55 -10.02 0.19
N GLN C 488 31.46 -11.26 0.67
CA GLN C 488 32.24 -11.69 1.83
C GLN C 488 33.58 -12.30 1.46
N LEU C 489 33.85 -12.52 0.18
CA LEU C 489 35.11 -13.05 -0.27
C LEU C 489 36.04 -11.92 -0.70
N THR C 490 37.33 -12.12 -0.51
CA THR C 490 38.32 -11.14 -0.92
C THR C 490 38.45 -11.14 -2.44
N LYS C 491 38.98 -10.03 -2.96
CA LYS C 491 39.30 -9.99 -4.38
C LYS C 491 40.17 -11.17 -4.79
N ALA C 492 41.21 -11.44 -3.99
CA ALA C 492 42.13 -12.53 -4.30
C ALA C 492 41.39 -13.87 -4.36
N GLN C 493 40.46 -14.10 -3.43
CA GLN C 493 39.67 -15.33 -3.47
C GLN C 493 38.79 -15.38 -4.71
N LEU C 494 38.19 -14.24 -5.07
CA LEU C 494 37.36 -14.20 -6.28
C LEU C 494 38.19 -14.41 -7.54
N ILE C 495 39.35 -13.76 -7.61
CA ILE C 495 40.23 -13.94 -8.77
C ILE C 495 40.61 -15.40 -8.93
N GLU C 496 40.84 -16.10 -7.82
CA GLU C 496 41.20 -17.51 -7.91
C GLU C 496 40.04 -18.35 -8.42
N LEU C 497 38.79 -17.89 -8.19
CA LEU C 497 37.62 -18.60 -8.67
C LEU C 497 37.31 -18.32 -10.14
N MET C 498 37.79 -17.20 -10.68
CA MET C 498 37.43 -16.84 -12.05
C MET C 498 37.79 -17.92 -13.06
N PRO C 499 39.00 -18.50 -13.05
CA PRO C 499 39.28 -19.57 -14.03
C PRO C 499 38.45 -20.82 -13.78
N ILE C 500 38.03 -21.06 -12.55
CA ILE C 500 37.18 -22.23 -12.27
C ILE C 500 35.79 -22.01 -12.83
N LEU C 501 35.20 -20.85 -12.55
CA LEU C 501 33.88 -20.55 -13.10
C LEU C 501 33.91 -20.54 -14.62
N ALA C 502 34.95 -19.96 -15.21
CA ALA C 502 35.05 -19.92 -16.66
C ALA C 502 35.11 -21.32 -17.27
N THR C 503 35.76 -22.26 -16.58
CA THR C 503 35.84 -23.62 -17.09
C THR C 503 34.45 -24.27 -17.14
N PHE C 504 33.55 -23.89 -16.23
CA PHE C 504 32.19 -24.39 -16.28
C PHE C 504 31.47 -24.00 -17.56
N LEU C 505 31.90 -22.91 -18.21
CA LEU C 505 31.26 -22.49 -19.46
C LEU C 505 31.54 -23.42 -20.61
N GLN C 506 32.40 -24.41 -20.42
CA GLN C 506 32.72 -25.41 -21.43
C GLN C 506 32.06 -26.75 -21.14
N THR C 507 31.23 -26.85 -20.10
CA THR C 507 30.49 -28.08 -19.81
C THR C 507 29.15 -28.08 -20.53
N ASP C 508 28.42 -29.19 -20.40
CA ASP C 508 27.14 -29.38 -21.06
C ASP C 508 25.96 -29.33 -20.09
N GLU C 509 26.21 -29.21 -18.79
CA GLU C 509 25.14 -29.19 -17.80
C GLU C 509 24.49 -27.80 -17.79
N TYR C 510 23.23 -27.74 -18.19
CA TYR C 510 22.54 -26.46 -18.40
C TYR C 510 22.64 -25.56 -17.17
N VAL C 511 22.28 -26.07 -16.00
CA VAL C 511 22.23 -25.23 -14.81
C VAL C 511 23.63 -24.87 -14.34
N VAL C 512 24.61 -25.72 -14.60
CA VAL C 512 25.98 -25.45 -14.15
C VAL C 512 26.58 -24.30 -14.94
N TYR C 513 26.52 -24.36 -16.27
CA TYR C 513 27.14 -23.28 -17.04
C TYR C 513 26.32 -21.99 -16.98
N THR C 514 25.02 -22.06 -16.70
CA THR C 514 24.24 -20.85 -16.57
C THR C 514 24.53 -20.16 -15.24
N TYR C 515 24.48 -20.91 -14.13
CA TYR C 515 24.81 -20.32 -12.84
C TYR C 515 26.25 -19.81 -12.83
N ALA C 516 27.15 -20.50 -13.55
CA ALA C 516 28.52 -20.00 -13.67
C ALA C 516 28.54 -18.64 -14.36
N ALA C 517 27.81 -18.51 -15.47
CA ALA C 517 27.76 -17.23 -16.17
C ALA C 517 27.15 -16.15 -15.29
N ILE C 518 26.08 -16.49 -14.57
CA ILE C 518 25.44 -15.53 -13.67
C ILE C 518 26.41 -15.08 -12.58
N THR C 519 27.15 -16.03 -12.00
CA THR C 519 28.05 -15.69 -10.90
C THR C 519 29.20 -14.81 -11.38
N ILE C 520 29.76 -15.13 -12.55
CA ILE C 520 30.79 -14.26 -13.13
C ILE C 520 30.25 -12.85 -13.30
N GLU C 521 29.06 -12.73 -13.88
CA GLU C 521 28.48 -11.41 -14.12
C GLU C 521 28.30 -10.63 -12.83
N LYS C 522 27.80 -11.29 -11.78
CA LYS C 522 27.62 -10.60 -10.51
C LYS C 522 28.95 -10.27 -9.84
N ILE C 523 29.97 -11.12 -10.00
CA ILE C 523 31.28 -10.77 -9.44
C ILE C 523 31.80 -9.49 -10.09
N LEU C 524 31.56 -9.34 -11.39
CA LEU C 524 32.00 -8.14 -12.10
C LEU C 524 31.16 -6.90 -11.77
N THR C 525 30.06 -7.04 -11.03
CA THR C 525 29.26 -5.89 -10.61
C THR C 525 29.54 -5.45 -9.18
N ILE C 526 30.43 -6.13 -8.46
CA ILE C 526 30.72 -5.75 -7.08
C ILE C 526 31.46 -4.41 -7.10
N ARG C 527 30.90 -3.42 -6.41
CA ARG C 527 31.56 -2.13 -6.28
C ARG C 527 32.56 -2.15 -5.13
N GLU C 528 33.61 -1.34 -5.25
CA GLU C 528 34.53 -1.18 -4.14
C GLU C 528 33.84 -0.54 -2.95
N SER C 529 33.01 0.47 -3.20
CA SER C 529 32.19 1.08 -2.17
C SER C 529 31.00 1.74 -2.84
N ASN C 530 30.04 2.19 -2.04
CA ASN C 530 28.86 2.85 -2.59
C ASN C 530 29.09 4.34 -2.87
N THR C 531 30.25 4.89 -2.48
CA THR C 531 30.52 6.30 -2.67
C THR C 531 31.34 6.60 -3.93
N SER C 532 31.87 5.58 -4.60
CA SER C 532 32.55 5.76 -5.88
C SER C 532 32.12 4.67 -6.85
N PRO C 533 32.19 4.94 -8.16
CA PRO C 533 31.67 3.99 -9.14
C PRO C 533 32.57 2.79 -9.42
N ALA C 534 33.82 2.81 -8.97
CA ALA C 534 34.76 1.76 -9.35
C ALA C 534 34.28 0.39 -8.88
N PHE C 535 34.45 -0.60 -9.76
CA PHE C 535 34.18 -1.99 -9.42
C PHE C 535 35.42 -2.64 -8.84
N ILE C 536 35.21 -3.69 -8.04
CA ILE C 536 36.33 -4.47 -7.52
C ILE C 536 37.19 -4.96 -8.68
N PHE C 537 36.55 -5.48 -9.72
CA PHE C 537 37.26 -6.02 -10.88
C PHE C 537 37.44 -4.92 -11.91
N HIS C 538 38.69 -4.54 -12.16
CA HIS C 538 39.04 -3.57 -13.18
C HIS C 538 39.40 -4.31 -14.48
N LYS C 539 39.64 -3.54 -15.54
CA LYS C 539 39.88 -4.15 -16.85
C LYS C 539 41.07 -5.08 -16.82
N GLU C 540 42.14 -4.71 -16.09
CA GLU C 540 43.30 -5.60 -16.02
C GLU C 540 42.99 -6.90 -15.29
N ASP C 541 41.88 -6.98 -14.56
CA ASP C 541 41.49 -8.23 -13.92
C ASP C 541 40.74 -9.18 -14.85
N ILE C 542 40.37 -8.74 -16.06
CA ILE C 542 39.58 -9.59 -16.94
C ILE C 542 40.21 -9.68 -18.33
N SER C 543 41.17 -8.81 -18.62
CA SER C 543 41.66 -8.67 -20.00
C SER C 543 42.23 -9.98 -20.53
N ASN C 544 42.94 -10.73 -19.68
CA ASN C 544 43.57 -11.97 -20.11
C ASN C 544 42.56 -13.10 -20.36
N SER C 545 41.32 -12.96 -19.93
CA SER C 545 40.30 -14.00 -20.13
C SER C 545 39.09 -13.51 -20.89
N THR C 546 39.06 -12.25 -21.32
CA THR C 546 37.89 -11.71 -22.01
C THR C 546 37.56 -12.53 -23.25
N GLU C 547 38.56 -12.78 -24.11
CA GLU C 547 38.27 -13.43 -25.38
C GLU C 547 37.71 -14.84 -25.17
N ILE C 548 38.30 -15.59 -24.25
CA ILE C 548 37.86 -16.98 -24.07
C ILE C 548 36.51 -17.03 -23.38
N LEU C 549 36.23 -16.09 -22.47
CA LEU C 549 34.90 -16.00 -21.89
C LEU C 549 33.85 -15.73 -22.97
N LEU C 550 34.09 -14.72 -23.81
CA LEU C 550 33.14 -14.39 -24.87
C LEU C 550 32.99 -15.55 -25.85
N LYS C 551 34.11 -16.15 -26.27
CA LYS C 551 34.03 -17.29 -27.18
C LYS C 551 33.17 -18.39 -26.60
N ASN C 552 33.32 -18.70 -25.31
CA ASN C 552 32.55 -19.79 -24.72
C ASN C 552 31.10 -19.40 -24.47
N LEU C 553 30.84 -18.14 -24.11
CA LEU C 553 29.46 -17.72 -23.91
C LEU C 553 28.69 -17.74 -25.22
N ILE C 554 29.34 -17.32 -26.31
CA ILE C 554 28.70 -17.37 -27.62
C ILE C 554 28.41 -18.80 -28.02
N ALA C 555 29.37 -19.71 -27.78
CA ALA C 555 29.15 -21.10 -28.14
C ALA C 555 27.99 -21.72 -27.37
N LEU C 556 27.81 -21.31 -26.12
CA LEU C 556 26.67 -21.80 -25.34
C LEU C 556 25.35 -21.27 -25.92
N ILE C 557 25.34 -20.01 -26.37
CA ILE C 557 24.14 -19.46 -26.98
C ILE C 557 23.74 -20.26 -28.21
N LEU C 558 24.73 -20.72 -28.98
CA LEU C 558 24.50 -21.44 -30.22
C LEU C 558 24.43 -22.96 -30.04
N LYS C 559 24.55 -23.43 -28.80
CA LYS C 559 24.80 -24.85 -28.54
C LYS C 559 23.62 -25.73 -28.96
N HIS C 560 22.39 -25.25 -28.81
CA HIS C 560 21.20 -26.06 -29.05
C HIS C 560 20.49 -25.68 -30.36
N GLY C 561 21.25 -25.19 -31.33
CA GLY C 561 20.70 -24.81 -32.61
C GLY C 561 20.45 -23.32 -32.72
N SER C 562 20.32 -22.86 -33.96
CA SER C 562 20.18 -21.44 -34.26
C SER C 562 18.76 -21.07 -34.67
N SER C 563 17.76 -21.77 -34.15
CA SER C 563 16.39 -21.31 -34.32
C SER C 563 16.17 -20.09 -33.44
N PRO C 564 15.35 -19.14 -33.88
CA PRO C 564 15.20 -17.90 -33.11
C PRO C 564 14.81 -18.15 -31.66
N GLU C 565 13.92 -19.11 -31.41
CA GLU C 565 13.42 -19.32 -30.05
C GLU C 565 14.46 -19.99 -29.15
N LYS C 566 15.28 -20.88 -29.71
CA LYS C 566 16.26 -21.57 -28.89
C LYS C 566 17.52 -20.74 -28.70
N LEU C 567 17.94 -20.03 -29.74
CA LEU C 567 19.10 -19.14 -29.63
C LEU C 567 18.92 -18.13 -28.51
N ALA C 568 17.71 -17.57 -28.40
CA ALA C 568 17.43 -16.48 -27.47
C ALA C 568 16.91 -17.00 -26.13
N GLU C 569 16.96 -18.31 -25.91
CA GLU C 569 16.35 -18.90 -24.72
C GLU C 569 16.97 -18.38 -23.43
N ASN C 570 18.30 -18.29 -23.38
CA ASN C 570 19.02 -18.12 -22.12
C ASN C 570 19.59 -16.71 -22.05
N GLU C 571 18.81 -15.79 -21.45
CA GLU C 571 19.23 -14.39 -21.38
C GLU C 571 20.42 -14.18 -20.46
N PHE C 572 20.68 -15.11 -19.53
CA PHE C 572 21.83 -14.92 -18.64
C PHE C 572 23.14 -14.99 -19.38
N LEU C 573 23.20 -15.78 -20.46
CA LEU C 573 24.42 -15.84 -21.26
C LEU C 573 24.72 -14.50 -21.89
N MET C 574 23.71 -13.83 -22.45
CA MET C 574 23.95 -12.55 -23.11
C MET C 574 24.15 -11.42 -22.08
N ARG C 575 23.49 -11.51 -20.93
CA ARG C 575 23.78 -10.57 -19.85
C ARG C 575 25.24 -10.66 -19.43
N SER C 576 25.79 -11.87 -19.38
CA SER C 576 27.18 -12.03 -18.96
C SER C 576 28.13 -11.50 -20.04
N ILE C 577 27.79 -11.74 -21.31
CA ILE C 577 28.57 -11.16 -22.40
C ILE C 577 28.65 -9.65 -22.25
N PHE C 578 27.51 -9.02 -21.95
CA PHE C 578 27.47 -7.58 -21.81
C PHE C 578 28.37 -7.12 -20.67
N ARG C 579 28.28 -7.81 -19.52
CA ARG C 579 29.09 -7.43 -18.36
C ARG C 579 30.57 -7.61 -18.64
N VAL C 580 30.95 -8.72 -19.26
CA VAL C 580 32.35 -8.94 -19.61
C VAL C 580 32.85 -7.82 -20.51
N LEU C 581 32.08 -7.48 -21.55
CA LEU C 581 32.45 -6.39 -22.44
C LEU C 581 32.64 -5.10 -21.65
N GLN C 582 31.66 -4.77 -20.80
CA GLN C 582 31.74 -3.54 -20.03
C GLN C 582 33.00 -3.49 -19.17
N THR C 583 33.34 -4.59 -18.51
CA THR C 583 34.53 -4.60 -17.65
C THR C 583 35.80 -4.51 -18.47
N SER C 584 35.84 -5.18 -19.63
CA SER C 584 37.08 -5.25 -20.39
C SER C 584 37.35 -3.98 -21.18
N GLU C 585 36.35 -3.14 -21.41
CA GLU C 585 36.54 -1.89 -22.13
C GLU C 585 37.24 -2.13 -23.46
N ASP C 586 38.41 -1.54 -23.69
CA ASP C 586 39.10 -1.66 -24.96
C ASP C 586 40.18 -2.74 -24.94
N SER C 587 40.11 -3.69 -24.01
CA SER C 587 41.11 -4.74 -23.93
C SER C 587 41.26 -5.49 -25.26
N ILE C 588 40.14 -5.84 -25.89
CA ILE C 588 40.19 -6.66 -27.09
C ILE C 588 39.63 -5.92 -28.31
N GLN C 589 39.89 -4.62 -28.37
CA GLN C 589 39.46 -3.81 -29.52
C GLN C 589 39.72 -4.46 -30.86
N PRO C 590 40.87 -5.08 -31.10
CA PRO C 590 41.12 -5.69 -32.41
C PRO C 590 40.08 -6.72 -32.80
N LEU C 591 39.43 -7.36 -31.83
CA LEU C 591 38.41 -8.36 -32.12
C LEU C 591 37.00 -7.77 -32.22
N PHE C 592 36.83 -6.48 -31.96
CA PHE C 592 35.50 -5.88 -32.04
C PHE C 592 34.81 -6.11 -33.38
N PRO C 593 35.46 -5.99 -34.54
CA PRO C 593 34.73 -6.26 -35.79
C PRO C 593 34.15 -7.67 -35.85
N GLN C 594 34.86 -8.67 -35.34
CA GLN C 594 34.36 -10.04 -35.41
C GLN C 594 33.26 -10.28 -34.39
N LEU C 595 33.42 -9.77 -33.16
CA LEU C 595 32.35 -9.87 -32.17
C LEU C 595 31.08 -9.22 -32.68
N LEU C 596 31.19 -7.98 -33.17
CA LEU C 596 30.03 -7.28 -33.68
C LEU C 596 29.36 -8.06 -34.81
N ALA C 597 30.17 -8.64 -35.71
CA ALA C 597 29.61 -9.45 -36.78
C ALA C 597 28.82 -10.62 -36.21
N GLN C 598 29.29 -11.19 -35.10
CA GLN C 598 28.57 -12.30 -34.48
C GLN C 598 27.25 -11.83 -33.86
N PHE C 599 27.26 -10.69 -33.18
CA PHE C 599 26.02 -10.16 -32.63
C PHE C 599 25.03 -9.81 -33.74
N ILE C 600 25.54 -9.27 -34.84
CA ILE C 600 24.66 -8.90 -35.95
C ILE C 600 24.01 -10.14 -36.56
N GLU C 601 24.76 -11.25 -36.60
CA GLU C 601 24.17 -12.50 -37.09
C GLU C 601 23.11 -13.01 -36.13
N ILE C 602 23.31 -12.80 -34.83
CA ILE C 602 22.29 -13.17 -33.85
C ILE C 602 21.04 -12.32 -34.04
N VAL C 603 21.23 -11.00 -34.21
CA VAL C 603 20.09 -10.12 -34.49
C VAL C 603 19.35 -10.60 -35.74
N THR C 604 20.10 -10.96 -36.79
CA THR C 604 19.48 -11.41 -38.02
C THR C 604 18.62 -12.65 -37.80
N ILE C 605 19.12 -13.61 -37.01
CA ILE C 605 18.35 -14.82 -36.76
C ILE C 605 17.12 -14.52 -35.91
N MET C 606 17.28 -13.73 -34.86
CA MET C 606 16.17 -13.47 -33.96
C MET C 606 15.06 -12.69 -34.64
N ALA C 607 15.40 -11.87 -35.64
CA ALA C 607 14.40 -11.06 -36.32
C ALA C 607 13.28 -11.90 -36.92
N LYS C 608 13.54 -13.18 -37.19
CA LYS C 608 12.49 -14.05 -37.72
C LYS C 608 11.40 -14.32 -36.69
N ASN C 609 11.74 -14.31 -35.40
CA ASN C 609 10.74 -14.44 -34.35
C ASN C 609 11.30 -13.96 -33.01
N PRO C 610 11.28 -12.66 -32.74
CA PRO C 610 11.72 -12.18 -31.42
C PRO C 610 10.89 -12.81 -30.31
N SER C 611 11.57 -13.37 -29.31
CA SER C 611 10.90 -14.21 -28.32
C SER C 611 11.25 -13.82 -26.90
N ASN C 612 12.54 -13.63 -26.61
CA ASN C 612 13.00 -13.34 -25.25
C ASN C 612 13.40 -11.88 -25.15
N PRO C 613 12.59 -11.01 -24.54
CA PRO C 613 12.92 -9.58 -24.55
C PRO C 613 14.18 -9.25 -23.75
N ARG C 614 14.50 -10.04 -22.73
CA ARG C 614 15.72 -9.79 -21.96
C ARG C 614 16.96 -10.19 -22.75
N PHE C 615 16.90 -11.32 -23.46
CA PHE C 615 17.97 -11.67 -24.37
C PHE C 615 18.16 -10.59 -25.43
N THR C 616 17.06 -10.18 -26.07
CA THR C 616 17.14 -9.13 -27.09
C THR C 616 17.77 -7.88 -26.52
N HIS C 617 17.36 -7.47 -25.33
CA HIS C 617 17.86 -6.23 -24.74
C HIS C 617 19.38 -6.27 -24.59
N TYR C 618 19.90 -7.35 -24.02
CA TYR C 618 21.32 -7.42 -23.71
C TYR C 618 22.16 -7.71 -24.95
N THR C 619 21.55 -8.19 -26.03
CA THR C 619 22.25 -8.24 -27.30
C THR C 619 22.57 -6.83 -27.78
N PHE C 620 21.59 -5.92 -27.70
CA PHE C 620 21.84 -4.55 -28.15
C PHE C 620 22.67 -3.78 -27.15
N GLU C 621 22.54 -4.06 -25.86
CA GLU C 621 23.49 -3.50 -24.89
C GLU C 621 24.92 -3.90 -25.24
N SER C 622 25.11 -5.16 -25.64
CA SER C 622 26.44 -5.63 -25.99
C SER C 622 26.96 -4.92 -27.24
N ILE C 623 26.09 -4.70 -28.22
CA ILE C 623 26.47 -3.90 -29.39
C ILE C 623 26.81 -2.48 -28.96
N GLY C 624 26.02 -1.91 -28.05
CA GLY C 624 26.31 -0.58 -27.57
C GLY C 624 27.65 -0.49 -26.86
N ALA C 625 27.98 -1.50 -26.06
CA ALA C 625 29.26 -1.50 -25.35
C ALA C 625 30.43 -1.52 -26.33
N ILE C 626 30.35 -2.36 -27.36
CA ILE C 626 31.40 -2.41 -28.38
C ILE C 626 31.59 -1.02 -29.00
N LEU C 627 30.50 -0.39 -29.42
CA LEU C 627 30.61 0.93 -30.04
C LEU C 627 31.17 1.96 -29.05
N ASN C 628 30.81 1.82 -27.77
CA ASN C 628 31.28 2.76 -26.77
C ASN C 628 32.79 2.70 -26.58
N TYR C 629 33.40 1.53 -26.78
CA TYR C 629 34.83 1.36 -26.58
C TYR C 629 35.61 1.27 -27.89
N THR C 630 34.97 1.59 -29.01
CA THR C 630 35.63 1.69 -30.30
C THR C 630 36.19 3.10 -30.48
N GLN C 631 37.41 3.19 -31.01
CA GLN C 631 37.98 4.50 -31.30
C GLN C 631 37.16 5.20 -32.38
N ARG C 632 36.92 6.49 -32.19
CA ARG C 632 35.93 7.19 -33.00
C ARG C 632 36.24 7.07 -34.48
N GLN C 633 37.52 7.07 -34.87
CA GLN C 633 37.83 6.99 -36.28
C GLN C 633 37.61 5.60 -36.86
N ASN C 634 37.32 4.60 -36.02
CA ASN C 634 37.00 3.26 -36.47
C ASN C 634 35.50 2.98 -36.44
N LEU C 635 34.68 3.94 -36.00
CA LEU C 635 33.24 3.73 -36.00
C LEU C 635 32.69 3.46 -37.39
N PRO C 636 33.05 4.21 -38.43
CA PRO C 636 32.45 3.98 -39.75
C PRO C 636 32.54 2.54 -40.23
N LEU C 637 33.66 1.86 -39.96
CA LEU C 637 33.79 0.47 -40.41
C LEU C 637 32.82 -0.43 -39.67
N LEU C 638 32.65 -0.23 -38.36
CA LEU C 638 31.64 -0.99 -37.63
C LEU C 638 30.24 -0.63 -38.12
N VAL C 639 29.98 0.66 -38.31
CA VAL C 639 28.67 1.10 -38.78
C VAL C 639 28.31 0.39 -40.07
N ASP C 640 29.25 0.33 -41.01
CA ASP C 640 28.96 -0.24 -42.32
C ASP C 640 28.62 -1.72 -42.22
N SER C 641 29.16 -2.43 -41.22
CA SER C 641 28.85 -3.85 -41.06
C SER C 641 27.49 -4.07 -40.42
N MET C 642 26.90 -3.06 -39.79
CA MET C 642 25.61 -3.17 -39.14
C MET C 642 24.45 -2.67 -40.00
N MET C 643 24.67 -1.61 -40.78
CA MET C 643 23.55 -0.86 -41.35
C MET C 643 22.75 -1.68 -42.34
N PRO C 644 23.33 -2.57 -43.12
CA PRO C 644 22.49 -3.46 -43.95
C PRO C 644 21.45 -4.20 -43.13
N THR C 645 21.84 -4.79 -42.01
CA THR C 645 20.90 -5.49 -41.15
C THR C 645 19.89 -4.53 -40.51
N PHE C 646 20.35 -3.35 -40.08
CA PHE C 646 19.44 -2.39 -39.48
C PHE C 646 18.41 -1.92 -40.49
N LEU C 647 18.82 -1.73 -41.74
CA LEU C 647 17.86 -1.33 -42.78
C LEU C 647 16.82 -2.41 -43.00
N THR C 648 17.23 -3.67 -42.94
CA THR C 648 16.28 -4.77 -43.04
C THR C 648 15.35 -4.80 -41.83
N VAL C 649 15.81 -4.35 -40.67
CA VAL C 649 14.93 -4.28 -39.50
C VAL C 649 13.81 -3.26 -39.76
N PHE C 650 14.15 -2.15 -40.42
CA PHE C 650 13.12 -1.18 -40.78
C PHE C 650 12.21 -1.73 -41.88
N SER C 651 12.79 -2.22 -42.96
CA SER C 651 11.98 -2.62 -44.12
C SER C 651 11.05 -3.78 -43.81
N GLU C 652 11.47 -4.69 -42.92
CA GLU C 652 10.62 -5.80 -42.52
C GLU C 652 9.78 -5.47 -41.29
N ASP C 653 9.91 -4.27 -40.74
CA ASP C 653 9.07 -3.80 -39.63
C ASP C 653 9.17 -4.74 -38.42
N ILE C 654 10.39 -5.09 -38.05
CA ILE C 654 10.62 -5.86 -36.83
C ILE C 654 10.56 -4.89 -35.67
N GLN C 655 9.36 -4.61 -35.19
CA GLN C 655 9.16 -3.53 -34.21
C GLN C 655 9.88 -3.82 -32.90
N GLU C 656 10.09 -5.09 -32.57
CA GLU C 656 10.81 -5.40 -31.33
C GLU C 656 12.21 -4.80 -31.32
N PHE C 657 12.84 -4.68 -32.49
CA PHE C 657 14.21 -4.19 -32.58
C PHE C 657 14.31 -2.71 -32.94
N ILE C 658 13.24 -2.13 -33.46
CA ILE C 658 13.33 -0.78 -34.04
C ILE C 658 13.78 0.25 -33.01
N PRO C 659 13.22 0.32 -31.81
CA PRO C 659 13.69 1.31 -30.84
C PRO C 659 15.11 1.06 -30.37
N TYR C 660 15.61 -0.18 -30.44
CA TYR C 660 17.03 -0.40 -30.14
C TYR C 660 17.91 0.10 -31.27
N VAL C 661 17.54 -0.21 -32.51
CA VAL C 661 18.36 0.24 -33.65
C VAL C 661 18.44 1.75 -33.68
N PHE C 662 17.33 2.45 -33.40
CA PHE C 662 17.35 3.90 -33.38
C PHE C 662 18.32 4.43 -32.33
N GLN C 663 18.33 3.81 -31.14
CA GLN C 663 19.25 4.24 -30.09
C GLN C 663 20.69 4.04 -30.53
N ILE C 664 21.00 2.86 -31.07
CA ILE C 664 22.37 2.57 -31.50
C ILE C 664 22.83 3.60 -32.54
N ILE C 665 22.00 3.82 -33.56
CA ILE C 665 22.36 4.75 -34.63
C ILE C 665 22.54 6.15 -34.06
N ALA C 666 21.68 6.55 -33.13
CA ALA C 666 21.80 7.88 -32.54
C ALA C 666 23.14 8.02 -31.82
N PHE C 667 23.52 7.02 -31.03
CA PHE C 667 24.79 7.07 -30.32
C PHE C 667 25.95 7.25 -31.29
N VAL C 668 25.99 6.44 -32.34
CA VAL C 668 27.02 6.55 -33.36
C VAL C 668 27.09 7.98 -33.89
N VAL C 669 25.93 8.55 -34.22
CA VAL C 669 25.90 9.92 -34.73
C VAL C 669 26.39 10.89 -33.67
N GLU C 670 25.97 10.70 -32.41
CA GLU C 670 26.42 11.56 -31.33
C GLU C 670 27.94 11.55 -31.18
N GLN C 671 28.56 10.40 -31.42
CA GLN C 671 29.99 10.24 -31.19
C GLN C 671 30.84 10.58 -32.42
N SER C 672 30.22 10.78 -33.58
CA SER C 672 30.97 11.11 -34.79
C SER C 672 31.03 12.63 -34.96
N ALA C 673 32.12 13.09 -35.57
CA ALA C 673 32.23 14.50 -35.93
C ALA C 673 31.42 14.82 -37.18
N THR C 674 31.16 13.82 -38.02
CA THR C 674 30.27 13.95 -39.17
C THR C 674 29.36 12.73 -39.19
N ILE C 675 28.27 12.83 -39.93
CA ILE C 675 27.33 11.71 -40.05
C ILE C 675 27.94 10.66 -40.98
N PRO C 676 28.14 9.42 -40.53
CA PRO C 676 28.61 8.38 -41.45
C PRO C 676 27.75 8.31 -42.71
N GLU C 677 28.40 8.02 -43.83
CA GLU C 677 27.70 8.04 -45.12
C GLU C 677 26.55 7.04 -45.16
N SER C 678 26.71 5.89 -44.51
CA SER C 678 25.66 4.88 -44.54
C SER C 678 24.46 5.24 -43.68
N ILE C 679 24.56 6.30 -42.86
CA ILE C 679 23.48 6.70 -41.97
C ILE C 679 22.76 7.91 -42.54
N LYS C 680 23.45 8.70 -43.36
CA LYS C 680 22.83 9.88 -43.95
C LYS C 680 21.49 9.61 -44.63
N PRO C 681 21.29 8.51 -45.36
CA PRO C 681 20.00 8.32 -46.04
C PRO C 681 18.81 8.19 -45.11
N LEU C 682 19.04 7.96 -43.81
CA LEU C 682 17.93 7.84 -42.86
C LEU C 682 17.36 9.19 -42.46
N ALA C 683 18.11 10.28 -42.61
CA ALA C 683 17.74 11.54 -41.98
C ALA C 683 16.35 12.00 -42.40
N GLN C 684 16.10 12.07 -43.70
CA GLN C 684 14.84 12.66 -44.16
C GLN C 684 13.68 11.66 -44.07
N PRO C 685 13.89 10.37 -44.32
CA PRO C 685 12.82 9.40 -44.00
C PRO C 685 12.45 9.40 -42.53
N LEU C 686 13.40 9.72 -41.65
CA LEU C 686 13.09 9.81 -40.21
C LEU C 686 11.93 10.77 -39.95
N LEU C 687 11.76 11.78 -40.80
CA LEU C 687 10.78 12.83 -40.55
C LEU C 687 9.38 12.46 -41.02
N ALA C 688 9.21 11.31 -41.66
CA ALA C 688 7.88 10.91 -42.08
C ALA C 688 6.97 10.75 -40.86
N PRO C 689 5.75 11.27 -40.89
CA PRO C 689 4.87 11.17 -39.70
C PRO C 689 4.65 9.74 -39.23
N ASN C 690 4.66 8.76 -40.13
CA ASN C 690 4.35 7.40 -39.72
C ASN C 690 5.44 6.79 -38.84
N VAL C 691 6.64 7.39 -38.83
CA VAL C 691 7.68 6.92 -37.92
C VAL C 691 7.37 7.28 -36.47
N TRP C 692 6.51 8.28 -36.25
CA TRP C 692 6.26 8.84 -34.93
C TRP C 692 4.92 8.42 -34.35
N GLU C 693 4.41 7.25 -34.72
CA GLU C 693 3.08 6.82 -34.30
C GLU C 693 3.09 5.94 -33.06
N LEU C 694 4.14 5.16 -32.83
CA LEU C 694 4.16 4.19 -31.74
C LEU C 694 4.89 4.76 -30.53
N LYS C 695 4.26 4.62 -29.36
CA LYS C 695 4.84 5.14 -28.12
C LYS C 695 6.22 4.55 -27.85
N GLY C 696 6.42 3.28 -28.20
CA GLY C 696 7.68 2.62 -27.93
C GLY C 696 8.85 3.16 -28.73
N ASN C 697 8.57 3.85 -29.84
CA ASN C 697 9.63 4.39 -30.70
C ASN C 697 9.93 5.86 -30.42
N ILE C 698 8.98 6.62 -29.88
CA ILE C 698 9.17 8.07 -29.77
C ILE C 698 10.45 8.43 -29.03
N PRO C 699 10.75 7.90 -27.85
CA PRO C 699 11.99 8.30 -27.18
C PRO C 699 13.22 8.02 -28.01
N ALA C 700 13.19 6.98 -28.84
CA ALA C 700 14.38 6.61 -29.61
C ALA C 700 14.53 7.46 -30.86
N VAL C 701 13.43 7.70 -31.59
CA VAL C 701 13.56 8.53 -32.79
C VAL C 701 13.78 9.99 -32.40
N THR C 702 13.26 10.43 -31.25
CA THR C 702 13.58 11.78 -30.80
C THR C 702 15.09 11.91 -30.58
N ARG C 703 15.72 10.88 -30.01
CA ARG C 703 17.15 10.94 -29.77
C ARG C 703 17.92 10.95 -31.09
N LEU C 704 17.49 10.17 -32.07
CA LEU C 704 18.17 10.15 -33.36
C LEU C 704 18.05 11.49 -34.05
N LEU C 705 16.85 12.07 -34.07
CA LEU C 705 16.66 13.38 -34.68
C LEU C 705 17.54 14.42 -34.00
N LYS C 706 17.57 14.41 -32.68
CA LYS C 706 18.43 15.34 -31.95
C LYS C 706 19.89 15.14 -32.34
N SER C 707 20.32 13.89 -32.55
CA SER C 707 21.72 13.66 -32.87
C SER C 707 22.07 14.19 -34.26
N PHE C 708 21.16 14.03 -35.22
CA PHE C 708 21.36 14.63 -36.53
C PHE C 708 21.49 16.15 -36.42
N ILE C 709 20.59 16.79 -35.67
CA ILE C 709 20.63 18.24 -35.53
C ILE C 709 21.96 18.67 -34.93
N LYS C 710 22.40 17.99 -33.87
CA LYS C 710 23.64 18.38 -33.20
C LYS C 710 24.85 18.12 -34.07
N THR C 711 24.94 16.93 -34.68
CA THR C 711 26.16 16.58 -35.39
C THR C 711 26.27 17.29 -36.73
N ASP C 712 25.16 17.42 -37.46
CA ASP C 712 25.20 18.10 -38.76
C ASP C 712 23.77 18.45 -39.23
N SER C 713 23.29 19.61 -38.79
CA SER C 713 21.91 19.99 -39.11
C SER C 713 21.73 20.36 -40.59
N SER C 714 22.81 20.57 -41.33
CA SER C 714 22.68 20.79 -42.77
C SER C 714 22.16 19.55 -43.49
N ILE C 715 22.21 18.38 -42.84
CA ILE C 715 21.61 17.19 -43.43
C ILE C 715 20.12 17.39 -43.67
N PHE C 716 19.50 18.35 -42.99
CA PHE C 716 18.11 18.71 -43.21
C PHE C 716 18.04 19.97 -44.06
N PRO C 717 17.91 19.88 -45.38
CA PRO C 717 17.83 21.10 -46.18
C PRO C 717 16.57 21.91 -45.93
N ASP C 718 15.50 21.29 -45.42
CA ASP C 718 14.24 21.97 -45.13
C ASP C 718 13.91 21.77 -43.66
N LEU C 719 13.74 22.86 -42.92
CA LEU C 719 13.36 22.77 -41.53
C LEU C 719 11.86 22.59 -41.32
N VAL C 720 11.05 22.82 -42.37
CA VAL C 720 9.61 22.66 -42.23
C VAL C 720 9.24 21.29 -41.68
N PRO C 721 9.72 20.17 -42.24
CA PRO C 721 9.33 18.87 -41.68
C PRO C 721 9.90 18.61 -40.28
N VAL C 722 11.04 19.23 -39.95
CA VAL C 722 11.54 19.14 -38.58
C VAL C 722 10.58 19.83 -37.62
N LEU C 723 10.11 21.02 -37.98
CA LEU C 723 9.11 21.69 -37.17
C LEU C 723 7.80 20.92 -37.14
N GLY C 724 7.51 20.16 -38.20
CA GLY C 724 6.32 19.33 -38.17
C GLY C 724 6.39 18.24 -37.12
N ILE C 725 7.57 17.69 -36.89
CA ILE C 725 7.75 16.74 -35.80
C ILE C 725 7.56 17.44 -34.46
N PHE C 726 8.21 18.59 -34.28
CA PHE C 726 8.05 19.35 -33.05
C PHE C 726 6.58 19.63 -32.78
N GLN C 727 5.85 20.08 -33.80
CA GLN C 727 4.42 20.33 -33.64
C GLN C 727 3.70 19.08 -33.17
N ARG C 728 3.98 17.94 -33.80
CA ARG C 728 3.31 16.69 -33.42
C ARG C 728 3.61 16.34 -31.96
N LEU C 729 4.84 16.54 -31.52
CA LEU C 729 5.21 16.17 -30.15
C LEU C 729 4.63 17.14 -29.13
N ILE C 730 4.77 18.44 -29.39
CA ILE C 730 4.38 19.43 -28.38
C ILE C 730 2.86 19.51 -28.24
N ALA C 731 2.12 19.23 -29.31
CA ALA C 731 0.67 19.20 -29.23
C ALA C 731 0.13 18.04 -28.41
N SER C 732 0.98 17.06 -28.11
CA SER C 732 0.54 15.82 -27.44
C SER C 732 0.85 15.89 -25.96
N LYS C 733 -0.17 15.65 -25.14
CA LYS C 733 0.06 15.58 -23.69
C LYS C 733 1.01 14.44 -23.34
N ALA C 734 0.95 13.34 -24.08
CA ALA C 734 1.76 12.17 -23.75
C ALA C 734 3.23 12.38 -24.10
N TYR C 735 3.51 13.11 -25.18
CA TYR C 735 4.86 13.23 -25.72
C TYR C 735 5.44 14.63 -25.57
N GLU C 736 4.78 15.50 -24.80
CA GLU C 736 5.21 16.90 -24.71
C GLU C 736 6.66 17.01 -24.25
N VAL C 737 7.10 16.15 -23.34
CA VAL C 737 8.47 16.23 -22.84
C VAL C 737 9.47 16.08 -23.98
N HIS C 738 9.22 15.16 -24.91
CA HIS C 738 10.10 15.00 -26.05
C HIS C 738 10.05 16.22 -26.96
N GLY C 739 8.90 16.87 -27.05
CA GLY C 739 8.82 18.09 -27.84
C GLY C 739 9.71 19.18 -27.30
N PHE C 740 9.71 19.37 -25.99
CA PHE C 740 10.61 20.36 -25.38
C PHE C 740 12.06 19.97 -25.59
N ASP C 741 12.36 18.67 -25.49
CA ASP C 741 13.73 18.21 -25.68
C ASP C 741 14.21 18.52 -27.09
N LEU C 742 13.37 18.21 -28.08
CA LEU C 742 13.69 18.55 -29.46
C LEU C 742 13.86 20.05 -29.64
N LEU C 743 12.94 20.84 -29.09
CA LEU C 743 12.99 22.28 -29.27
C LEU C 743 14.30 22.87 -28.74
N GLU C 744 14.76 22.39 -27.58
CA GLU C 744 16.02 22.88 -27.03
C GLU C 744 17.15 22.71 -28.03
N HIS C 745 17.22 21.55 -28.68
CA HIS C 745 18.25 21.32 -29.68
C HIS C 745 18.09 22.27 -30.85
N ILE C 746 16.84 22.50 -31.28
CA ILE C 746 16.60 23.33 -32.44
C ILE C 746 17.12 24.75 -32.22
N MET C 747 16.69 25.36 -31.11
N MET C 747 16.69 25.44 -31.16
CA MET C 747 16.96 26.76 -30.81
CA MET C 747 17.08 26.84 -31.06
C MET C 747 18.44 26.99 -30.51
C MET C 747 18.28 27.06 -30.12
N LEU C 748 19.08 26.03 -29.86
CA LEU C 748 20.43 26.23 -29.35
C LEU C 748 21.51 25.80 -30.33
N LEU C 749 21.21 24.91 -31.28
CA LEU C 749 22.22 24.30 -32.11
C LEU C 749 22.10 24.65 -33.59
N ILE C 750 20.97 25.21 -34.04
CA ILE C 750 20.81 25.66 -35.42
C ILE C 750 21.05 27.17 -35.45
N ASP C 751 21.88 27.63 -36.39
CA ASP C 751 22.18 29.05 -36.52
C ASP C 751 20.90 29.87 -36.61
N MET C 752 20.92 31.06 -35.99
CA MET C 752 19.74 31.92 -36.02
C MET C 752 19.42 32.37 -37.43
N ASN C 753 20.42 32.48 -38.30
CA ASN C 753 20.16 32.86 -39.68
C ASN C 753 19.22 31.84 -40.35
N ARG C 754 19.37 30.56 -40.02
CA ARG C 754 18.50 29.54 -40.57
C ARG C 754 17.13 29.55 -39.89
N LEU C 755 17.10 29.78 -38.58
CA LEU C 755 15.84 29.76 -37.83
C LEU C 755 14.99 31.00 -38.07
N ARG C 756 15.58 32.08 -38.56
CA ARG C 756 14.87 33.36 -38.67
C ARG C 756 13.52 33.24 -39.37
N PRO C 757 13.42 32.60 -40.55
CA PRO C 757 12.11 32.52 -41.22
C PRO C 757 11.07 31.70 -40.46
N TYR C 758 11.47 30.99 -39.40
CA TYR C 758 10.60 30.06 -38.69
C TYR C 758 10.38 30.41 -37.24
N ILE C 759 11.05 31.45 -36.73
CA ILE C 759 11.08 31.67 -35.29
C ILE C 759 9.72 32.09 -34.76
N LYS C 760 8.95 32.86 -35.54
CA LYS C 760 7.60 33.20 -35.11
C LYS C 760 6.73 31.97 -35.02
N GLN C 761 6.74 31.14 -36.08
CA GLN C 761 5.93 29.93 -36.10
C GLN C 761 6.29 29.00 -34.94
N ILE C 762 7.57 28.90 -34.62
CA ILE C 762 7.98 28.07 -33.48
C ILE C 762 7.30 28.56 -32.21
N ALA C 763 7.34 29.87 -31.97
CA ALA C 763 6.73 30.43 -30.77
C ALA C 763 5.23 30.21 -30.76
N VAL C 764 4.57 30.37 -31.92
CA VAL C 764 3.12 30.16 -31.97
C VAL C 764 2.79 28.72 -31.59
N LEU C 765 3.50 27.76 -32.20
CA LEU C 765 3.25 26.35 -31.90
C LEU C 765 3.46 26.07 -30.41
N LEU C 766 4.56 26.60 -29.87
CA LEU C 766 4.91 26.33 -28.48
C LEU C 766 3.86 26.85 -27.52
N LEU C 767 3.19 27.96 -27.85
CA LEU C 767 2.27 28.61 -26.93
C LEU C 767 0.81 28.25 -27.18
N GLN C 768 0.50 27.59 -28.30
CA GLN C 768 -0.88 27.20 -28.54
C GLN C 768 -1.42 26.29 -27.44
N ARG C 769 -0.56 25.49 -26.82
CA ARG C 769 -1.01 24.59 -25.76
C ARG C 769 -1.58 25.35 -24.57
N LEU C 770 -1.11 26.58 -24.34
CA LEU C 770 -1.53 27.31 -23.13
C LEU C 770 -3.03 27.54 -23.10
N GLN C 771 -3.63 27.88 -24.24
CA GLN C 771 -5.06 28.14 -24.27
C GLN C 771 -5.86 26.84 -24.42
N ASN C 772 -5.42 25.97 -25.33
CA ASN C 772 -6.25 24.82 -25.70
C ASN C 772 -6.27 23.77 -24.60
N SER C 773 -5.12 23.20 -24.26
CA SER C 773 -5.08 21.96 -23.49
C SER C 773 -3.86 21.90 -22.59
N LYS C 774 -3.65 22.96 -21.79
CA LYS C 774 -2.46 23.02 -20.95
C LYS C 774 -2.54 21.99 -19.82
N THR C 775 -1.41 21.36 -19.55
CA THR C 775 -1.23 20.51 -18.38
C THR C 775 -0.24 21.18 -17.43
N GLU C 776 -0.20 20.69 -16.19
CA GLU C 776 0.74 21.22 -15.22
C GLU C 776 2.18 20.91 -15.64
N ARG C 777 2.43 19.71 -16.17
CA ARG C 777 3.75 19.39 -16.66
C ARG C 777 4.15 20.31 -17.80
N TYR C 778 3.22 20.60 -18.70
CA TYR C 778 3.53 21.48 -19.82
C TYR C 778 3.99 22.85 -19.32
N VAL C 779 3.23 23.45 -18.40
CA VAL C 779 3.56 24.79 -17.95
C VAL C 779 4.88 24.79 -17.18
N LYS C 780 5.16 23.72 -16.43
CA LYS C 780 6.46 23.60 -15.77
C LYS C 780 7.58 23.49 -16.79
N LYS C 781 7.39 22.69 -17.85
CA LYS C 781 8.43 22.56 -18.86
C LYS C 781 8.59 23.86 -19.64
N LEU C 782 7.49 24.57 -19.90
CA LEU C 782 7.60 25.87 -20.55
C LEU C 782 8.41 26.83 -19.70
N THR C 783 8.18 26.82 -18.39
CA THR C 783 8.92 27.71 -17.49
C THR C 783 10.41 27.39 -17.50
N VAL C 784 10.76 26.09 -17.43
CA VAL C 784 12.17 25.70 -17.54
C VAL C 784 12.72 26.14 -18.89
N PHE C 785 11.94 25.98 -19.94
CA PHE C 785 12.40 26.36 -21.27
C PHE C 785 12.67 27.85 -21.35
N PHE C 786 11.79 28.69 -20.81
CA PHE C 786 12.06 30.12 -20.76
C PHE C 786 13.39 30.39 -20.06
N GLY C 787 13.62 29.73 -18.93
CA GLY C 787 14.87 29.93 -18.22
C GLY C 787 16.08 29.50 -19.03
N LEU C 788 15.96 28.40 -19.77
CA LEU C 788 17.06 27.93 -20.60
C LEU C 788 17.38 28.94 -21.70
N ILE C 789 16.35 29.44 -22.38
CA ILE C 789 16.56 30.45 -23.42
C ILE C 789 17.20 31.70 -22.82
N SER C 790 16.67 32.15 -21.67
CA SER C 790 17.25 33.31 -21.01
C SER C 790 18.72 33.09 -20.69
N ASN C 791 19.06 31.92 -20.14
CA ASN C 791 20.43 31.64 -19.74
C ASN C 791 21.38 31.60 -20.94
N LYS C 792 20.91 31.17 -22.10
CA LYS C 792 21.78 30.94 -23.26
C LYS C 792 21.67 32.08 -24.26
N LEU C 793 20.49 32.28 -24.85
CA LEU C 793 20.32 33.30 -25.88
C LEU C 793 20.14 34.70 -25.30
N GLY C 794 19.79 34.82 -24.04
CA GLY C 794 19.73 36.11 -23.39
C GLY C 794 18.31 36.57 -23.14
N SER C 795 18.19 37.58 -22.26
N SER C 795 18.19 37.58 -22.26
CA SER C 795 16.86 38.06 -21.87
CA SER C 795 16.89 38.09 -21.86
C SER C 795 16.17 38.78 -23.03
C SER C 795 16.17 38.79 -23.01
N ASP C 796 16.90 39.60 -23.77
CA ASP C 796 16.29 40.31 -24.89
C ASP C 796 15.73 39.34 -25.92
N PHE C 797 16.47 38.28 -26.24
CA PHE C 797 15.96 37.32 -27.21
C PHE C 797 14.63 36.74 -26.76
N LEU C 798 14.55 36.32 -25.49
CA LEU C 798 13.33 35.69 -25.00
C LEU C 798 12.14 36.64 -25.14
N ILE C 799 12.32 37.91 -24.76
CA ILE C 799 11.22 38.86 -24.85
C ILE C 799 10.73 38.99 -26.28
N HIS C 800 11.66 39.14 -27.23
N HIS C 800 11.66 39.23 -27.21
CA HIS C 800 11.26 39.36 -28.62
CA HIS C 800 11.31 39.34 -28.63
C HIS C 800 10.86 38.07 -29.32
C HIS C 800 10.63 38.06 -29.10
N PHE C 801 11.22 36.91 -28.75
CA PHE C 801 10.71 35.63 -29.24
C PHE C 801 9.22 35.47 -28.96
N ILE C 802 8.77 35.83 -27.75
CA ILE C 802 7.38 35.70 -27.39
C ILE C 802 6.54 36.85 -27.95
N ASP C 803 7.06 38.09 -27.86
CA ASP C 803 6.33 39.22 -28.37
C ASP C 803 6.15 39.15 -29.88
N GLU C 804 7.01 38.43 -30.58
CA GLU C 804 6.83 38.25 -32.02
C GLU C 804 5.49 37.60 -32.34
N VAL C 805 4.96 36.79 -31.41
CA VAL C 805 3.65 36.19 -31.61
C VAL C 805 2.57 37.26 -31.56
N GLN C 806 2.67 38.15 -30.57
CA GLN C 806 1.71 39.24 -30.37
C GLN C 806 2.32 40.21 -29.39
N ASP C 807 2.51 41.47 -29.80
CA ASP C 807 3.11 42.43 -28.89
C ASP C 807 2.29 42.53 -27.61
N GLY C 808 2.97 42.42 -26.48
CA GLY C 808 2.32 42.32 -25.19
C GLY C 808 2.19 40.91 -24.66
N LEU C 809 2.43 39.89 -25.49
CA LEU C 809 2.26 38.53 -25.01
C LEU C 809 3.34 38.14 -24.01
N PHE C 810 4.56 38.66 -24.16
CA PHE C 810 5.61 38.29 -23.21
C PHE C 810 5.19 38.62 -21.79
N GLN C 811 4.80 39.87 -21.54
CA GLN C 811 4.49 40.26 -20.17
C GLN C 811 3.26 39.54 -19.65
N GLN C 812 2.32 39.20 -20.53
CA GLN C 812 1.14 38.46 -20.11
C GLN C 812 1.51 37.05 -19.67
N ILE C 813 2.30 36.34 -20.48
CA ILE C 813 2.71 34.99 -20.12
C ILE C 813 3.62 35.02 -18.90
N TRP C 814 4.50 36.01 -18.82
CA TRP C 814 5.40 36.11 -17.67
C TRP C 814 4.63 36.25 -16.37
N GLY C 815 3.67 37.19 -16.32
CA GLY C 815 2.96 37.45 -15.10
C GLY C 815 1.89 36.44 -14.74
N ASN C 816 1.43 35.65 -15.71
CA ASN C 816 0.40 34.65 -15.45
C ASN C 816 0.95 33.24 -15.25
N PHE C 817 1.97 32.85 -16.02
CA PHE C 817 2.46 31.48 -15.99
C PHE C 817 3.85 31.33 -15.40
N ILE C 818 4.81 32.19 -15.74
CA ILE C 818 6.20 31.92 -15.41
C ILE C 818 6.47 32.16 -13.93
N ILE C 819 6.14 33.35 -13.42
CA ILE C 819 6.48 33.63 -12.03
C ILE C 819 5.57 32.88 -11.07
N THR C 820 4.36 32.53 -11.50
CA THR C 820 3.49 31.71 -10.67
C THR C 820 3.95 30.26 -10.62
N THR C 821 4.53 29.76 -11.71
CA THR C 821 4.90 28.35 -11.78
C THR C 821 6.28 28.06 -11.20
N LEU C 822 7.21 29.02 -11.30
CA LEU C 822 8.58 28.79 -10.89
C LEU C 822 8.72 28.15 -9.52
N PRO C 823 8.03 28.61 -8.46
CA PRO C 823 8.22 28.00 -7.13
C PRO C 823 7.69 26.58 -7.01
N THR C 824 6.89 26.10 -7.98
CA THR C 824 6.34 24.75 -7.89
C THR C 824 7.20 23.70 -8.58
N ILE C 825 8.28 24.09 -9.23
CA ILE C 825 9.12 23.14 -9.97
C ILE C 825 9.94 22.35 -8.96
N GLY C 826 9.72 21.03 -8.92
CA GLY C 826 10.35 20.19 -7.92
C GLY C 826 11.63 19.52 -8.39
N ASN C 827 11.73 19.22 -9.68
CA ASN C 827 12.95 18.61 -10.21
C ASN C 827 14.11 19.58 -10.04
N LEU C 828 15.20 19.09 -9.44
CA LEU C 828 16.24 20.00 -8.97
C LEU C 828 17.00 20.65 -10.12
N LEU C 829 17.31 19.90 -11.17
CA LEU C 829 18.02 20.50 -12.31
C LEU C 829 17.12 21.49 -13.04
N ASP C 830 15.85 21.14 -13.23
CA ASP C 830 14.92 22.08 -13.86
C ASP C 830 14.70 23.30 -12.99
N ARG C 831 14.69 23.13 -11.66
CA ARG C 831 14.51 24.28 -10.77
C ARG C 831 15.68 25.24 -10.90
N LYS C 832 16.90 24.72 -10.98
CA LYS C 832 18.06 25.58 -11.15
C LYS C 832 17.99 26.34 -12.47
N ILE C 833 17.69 25.65 -13.56
CA ILE C 833 17.62 26.29 -14.87
C ILE C 833 16.55 27.38 -14.85
N ALA C 834 15.36 27.07 -14.36
CA ALA C 834 14.28 28.05 -14.33
C ALA C 834 14.62 29.21 -13.41
N LEU C 835 15.07 28.91 -12.18
CA LEU C 835 15.34 29.97 -11.21
C LEU C 835 16.45 30.88 -11.70
N ILE C 836 17.56 30.31 -12.17
CA ILE C 836 18.67 31.13 -12.65
C ILE C 836 18.27 31.88 -13.91
N GLY C 837 17.48 31.26 -14.77
CA GLY C 837 17.02 31.95 -15.96
C GLY C 837 16.10 33.12 -15.65
N VAL C 838 15.20 32.94 -14.68
CA VAL C 838 14.31 34.02 -14.28
C VAL C 838 15.10 35.15 -13.62
N LEU C 839 16.04 34.79 -12.73
CA LEU C 839 16.91 35.79 -12.13
C LEU C 839 17.69 36.55 -13.19
N ASN C 840 18.18 35.85 -14.21
CA ASN C 840 18.94 36.49 -15.28
C ASN C 840 18.15 37.60 -15.94
N MET C 841 16.82 37.47 -16.00
CA MET C 841 16.00 38.52 -16.59
C MET C 841 16.09 39.81 -15.80
N VAL C 842 16.16 39.70 -14.47
CA VAL C 842 16.17 40.88 -13.60
C VAL C 842 17.56 41.52 -13.59
N ILE C 843 18.61 40.71 -13.41
CA ILE C 843 19.96 41.25 -13.19
C ILE C 843 20.78 41.37 -14.47
N ASN C 844 20.30 40.81 -15.59
CA ASN C 844 21.02 40.87 -16.85
C ASN C 844 20.06 41.16 -17.99
N GLY C 845 19.01 41.95 -17.71
CA GLY C 845 18.03 42.32 -18.69
C GLY C 845 17.66 43.79 -18.58
N GLN C 846 18.54 44.66 -19.09
CA GLN C 846 18.27 46.09 -19.02
C GLN C 846 17.02 46.46 -19.81
N PHE C 847 16.77 45.76 -20.91
CA PHE C 847 15.53 45.98 -21.65
C PHE C 847 14.32 45.55 -20.83
N PHE C 848 14.41 44.39 -20.17
CA PHE C 848 13.33 43.93 -19.30
C PHE C 848 13.01 44.96 -18.23
N GLN C 849 14.04 45.50 -17.57
CA GLN C 849 13.81 46.49 -16.52
C GLN C 849 13.18 47.76 -17.07
N SER C 850 13.66 48.23 -18.22
CA SER C 850 13.20 49.51 -18.73
C SER C 850 11.81 49.41 -19.36
N LYS C 851 11.49 48.29 -20.01
CA LYS C 851 10.19 48.19 -20.67
C LYS C 851 9.09 47.75 -19.71
N TYR C 852 9.40 46.90 -18.72
CA TYR C 852 8.40 46.34 -17.81
C TYR C 852 8.77 46.64 -16.36
N PRO C 853 8.90 47.92 -16.01
CA PRO C 853 9.34 48.25 -14.64
C PRO C 853 8.43 47.68 -13.56
N THR C 854 7.13 47.56 -13.81
CA THR C 854 6.22 47.07 -12.78
C THR C 854 6.24 45.55 -12.64
N LEU C 855 6.93 44.83 -13.53
CA LEU C 855 7.07 43.39 -13.40
C LEU C 855 8.15 42.97 -12.41
N ILE C 856 9.03 43.88 -11.99
CA ILE C 856 10.21 43.46 -11.23
C ILE C 856 9.80 42.96 -9.84
N SER C 857 8.86 43.64 -9.19
CA SER C 857 8.53 43.29 -7.82
C SER C 857 7.93 41.88 -7.74
N SER C 858 6.95 41.60 -8.60
CA SER C 858 6.37 40.26 -8.59
C SER C 858 7.37 39.20 -9.03
N THR C 859 8.27 39.55 -9.97
CA THR C 859 9.32 38.61 -10.34
C THR C 859 10.26 38.34 -9.17
N MET C 860 10.61 39.39 -8.41
CA MET C 860 11.49 39.18 -7.26
C MET C 860 10.81 38.36 -6.17
N ASN C 861 9.52 38.61 -5.93
CA ASN C 861 8.79 37.78 -4.97
C ASN C 861 8.89 36.31 -5.35
N SER C 862 8.71 36.00 -6.63
CA SER C 862 8.81 34.61 -7.08
C SER C 862 10.24 34.09 -6.92
N ILE C 863 11.23 34.88 -7.29
CA ILE C 863 12.63 34.46 -7.16
C ILE C 863 12.94 34.14 -5.70
N ILE C 864 12.60 35.05 -4.80
CA ILE C 864 12.96 34.88 -3.39
C ILE C 864 12.25 33.67 -2.80
N GLU C 865 10.95 33.55 -3.05
CA GLU C 865 10.21 32.39 -2.57
C GLU C 865 10.85 31.10 -3.06
N THR C 866 11.20 31.05 -4.35
CA THR C 866 11.77 29.83 -4.92
C THR C 866 13.14 29.53 -4.33
N ALA C 867 13.97 30.57 -4.17
CA ALA C 867 15.34 30.36 -3.69
C ALA C 867 15.40 30.08 -2.19
N SER C 868 14.43 30.59 -1.43
CA SER C 868 14.42 30.46 0.01
C SER C 868 13.62 29.26 0.51
N SER C 869 12.97 28.52 -0.38
CA SER C 869 12.20 27.35 0.02
C SER C 869 13.12 26.14 0.20
N ILE C 872 11.84 22.85 -1.66
CA ILE C 872 11.76 21.77 -0.69
C ILE C 872 11.73 20.42 -1.40
N ALA C 873 12.16 19.38 -0.68
CA ALA C 873 12.06 18.01 -1.17
C ALA C 873 10.63 17.49 -1.14
N ASN C 874 9.66 18.26 -0.65
CA ASN C 874 8.27 17.85 -0.64
C ASN C 874 7.61 17.98 -2.00
N LEU C 875 8.20 18.75 -2.92
CA LEU C 875 7.62 18.92 -4.25
C LEU C 875 7.84 17.67 -5.10
N LYS C 876 6.95 17.48 -6.06
CA LYS C 876 7.08 16.38 -7.00
C LYS C 876 8.43 16.45 -7.70
N ASN C 877 9.18 15.34 -7.63
CA ASN C 877 10.58 15.35 -8.02
C ASN C 877 10.82 15.07 -9.51
N ASP C 878 9.83 14.51 -10.22
CA ASP C 878 10.04 14.11 -11.61
C ASP C 878 8.78 14.47 -12.41
N TYR C 879 8.73 13.99 -13.65
CA TYR C 879 7.65 14.29 -14.58
C TYR C 879 6.92 13.02 -15.04
N VAL C 880 6.87 12.01 -14.18
CA VAL C 880 6.18 10.77 -14.50
C VAL C 880 4.69 11.04 -14.62
N GLU C 886 -1.40 -0.09 -15.36
CA GLU C 886 -2.06 1.21 -15.35
C GLU C 886 -2.95 1.38 -16.58
N GLU C 887 -2.33 1.35 -17.76
CA GLU C 887 -3.01 1.51 -19.02
C GLU C 887 -2.82 0.26 -19.88
N ILE C 888 -3.55 0.21 -20.99
CA ILE C 888 -3.57 -0.97 -21.85
C ILE C 888 -2.30 -1.00 -22.69
N SER C 889 -1.54 -2.09 -22.56
CA SER C 889 -0.43 -2.34 -23.47
C SER C 889 -0.96 -2.71 -24.84
N THR C 890 -0.48 -2.02 -25.87
CA THR C 890 -0.74 -2.38 -27.26
C THR C 890 0.59 -2.60 -27.95
N PHE C 891 0.56 -3.30 -29.07
CA PHE C 891 1.81 -3.71 -29.70
C PHE C 891 2.68 -2.50 -30.02
N GLY C 892 3.95 -2.56 -29.60
CA GLY C 892 4.89 -1.51 -29.87
C GLY C 892 4.84 -0.33 -28.92
N SER C 893 4.14 -0.44 -27.80
CA SER C 893 3.96 0.68 -26.89
C SER C 893 5.07 0.79 -25.83
N HIS C 894 6.07 -0.09 -25.85
CA HIS C 894 7.08 -0.15 -24.81
C HIS C 894 8.45 0.26 -25.36
N PHE C 895 9.12 1.17 -24.65
CA PHE C 895 10.47 1.61 -24.96
C PHE C 895 11.42 1.16 -23.86
N SER C 896 12.58 0.64 -24.24
CA SER C 896 13.58 0.16 -23.28
C SER C 896 14.90 0.85 -23.55
N LYS C 897 15.40 1.55 -22.53
CA LYS C 897 16.62 2.33 -22.63
C LYS C 897 17.86 1.43 -22.56
N LEU C 898 18.84 1.71 -23.43
CA LEU C 898 20.10 0.99 -23.43
C LEU C 898 21.08 1.72 -22.51
N VAL C 899 21.45 1.09 -21.40
CA VAL C 899 22.33 1.74 -20.43
C VAL C 899 23.75 1.86 -20.97
N SER C 900 24.17 0.97 -21.88
CA SER C 900 25.54 1.02 -22.39
C SER C 900 25.83 2.32 -23.12
N ILE C 901 24.80 3.02 -23.59
CA ILE C 901 24.98 4.22 -24.39
C ILE C 901 24.06 5.31 -23.86
N SER C 902 23.79 5.29 -22.57
CA SER C 902 22.93 6.31 -21.97
C SER C 902 23.66 7.65 -21.93
N GLU C 903 22.87 8.72 -22.03
CA GLU C 903 23.39 10.08 -21.97
C GLU C 903 22.81 10.78 -20.75
N LYS C 904 23.64 11.57 -20.09
CA LYS C 904 23.16 12.35 -18.96
C LYS C 904 22.49 13.63 -19.46
N PRO C 905 21.53 14.17 -18.68
CA PRO C 905 20.84 15.39 -19.12
C PRO C 905 21.82 16.53 -19.38
N PHE C 906 21.42 17.44 -20.25
CA PHE C 906 22.19 18.63 -20.55
C PHE C 906 22.01 19.63 -19.40
N ASP C 907 23.08 19.88 -18.64
CA ASP C 907 23.07 20.92 -17.63
C ASP C 907 23.80 22.14 -18.18
N PRO C 908 23.10 23.24 -18.48
CA PRO C 908 23.78 24.44 -18.95
C PRO C 908 24.50 25.22 -17.86
N LEU C 909 24.36 24.82 -16.61
CA LEU C 909 24.91 25.57 -15.47
C LEU C 909 25.69 24.61 -14.57
N PRO C 910 26.70 23.94 -15.12
CA PRO C 910 27.38 22.88 -14.35
C PRO C 910 28.18 23.41 -13.16
N GLU C 911 28.63 24.65 -13.20
CA GLU C 911 29.38 25.21 -12.08
C GLU C 911 28.50 25.50 -10.86
N ILE C 912 27.20 25.20 -10.93
CA ILE C 912 26.26 25.45 -9.85
C ILE C 912 25.62 24.11 -9.50
N ASP C 913 26.02 23.53 -8.38
CA ASP C 913 25.41 22.27 -7.95
C ASP C 913 23.98 22.53 -7.51
N VAL C 914 23.08 21.62 -7.90
CA VAL C 914 21.66 21.81 -7.63
C VAL C 914 21.32 21.69 -6.15
N ASN C 915 22.27 21.23 -5.34
CA ASN C 915 21.98 20.90 -3.94
C ASN C 915 21.97 22.15 -3.07
N ASN C 916 23.12 22.82 -2.94
CA ASN C 916 23.22 24.05 -2.17
C ASN C 916 23.77 25.21 -2.98
N GLY C 917 24.41 24.96 -4.12
CA GLY C 917 25.00 26.05 -4.88
C GLY C 917 24.00 27.05 -5.41
N VAL C 918 22.76 26.61 -5.66
CA VAL C 918 21.76 27.51 -6.23
C VAL C 918 21.47 28.67 -5.28
N ARG C 919 21.17 28.34 -4.02
CA ARG C 919 20.84 29.39 -3.06
C ARG C 919 22.00 30.37 -2.90
N LEU C 920 23.22 29.85 -2.80
CA LEU C 920 24.39 30.72 -2.71
C LEU C 920 24.56 31.55 -3.97
N TYR C 921 24.38 30.94 -5.15
CA TYR C 921 24.51 31.67 -6.40
C TYR C 921 23.54 32.85 -6.45
N VAL C 922 22.27 32.59 -6.16
CA VAL C 922 21.27 33.65 -6.20
C VAL C 922 21.66 34.79 -5.27
N ALA C 923 22.08 34.46 -4.04
CA ALA C 923 22.43 35.50 -3.09
C ALA C 923 23.62 36.32 -3.57
N GLU C 924 24.63 35.65 -4.14
CA GLU C 924 25.79 36.37 -4.65
C GLU C 924 25.44 37.20 -5.87
N ALA C 925 24.54 36.70 -6.71
CA ALA C 925 24.15 37.45 -7.90
C ALA C 925 23.33 38.68 -7.53
N LEU C 926 22.45 38.55 -6.54
CA LEU C 926 21.67 39.70 -6.09
C LEU C 926 22.56 40.73 -5.43
N ASN C 927 23.48 40.30 -4.57
CA ASN C 927 24.40 41.24 -3.92
C ASN C 927 25.23 41.97 -4.97
N LYS C 928 25.75 41.24 -5.96
CA LYS C 928 26.53 41.89 -7.01
C LYS C 928 25.70 42.89 -7.78
N TYR C 929 24.50 42.51 -8.20
CA TYR C 929 23.66 43.43 -8.96
C TYR C 929 23.34 44.67 -8.14
N ASN C 930 23.05 44.49 -6.84
CA ASN C 930 22.84 45.63 -5.97
C ASN C 930 24.07 46.51 -5.89
N ALA C 931 25.26 45.90 -5.79
CA ALA C 931 26.48 46.68 -5.74
C ALA C 931 26.70 47.45 -7.03
N ILE C 932 26.50 46.79 -8.18
CA ILE C 932 26.68 47.46 -9.46
C ILE C 932 25.67 48.59 -9.64
N SER C 933 24.53 48.53 -8.94
CA SER C 933 23.51 49.56 -9.02
C SER C 933 23.75 50.71 -8.05
N GLY C 934 24.95 50.82 -7.51
CA GLY C 934 25.21 51.83 -6.49
C GLY C 934 24.38 51.64 -5.23
N ASN C 935 24.11 50.38 -4.88
CA ASN C 935 23.39 50.05 -3.64
C ASN C 935 22.04 50.77 -3.58
N THR C 936 21.28 50.67 -4.66
CA THR C 936 19.93 51.19 -4.70
C THR C 936 18.88 50.14 -5.03
N PHE C 937 19.26 49.00 -5.63
CA PHE C 937 18.28 48.01 -6.03
C PHE C 937 17.60 47.38 -4.83
N LEU C 938 18.39 46.82 -3.90
CA LEU C 938 17.78 46.12 -2.76
C LEU C 938 16.94 47.08 -1.92
N ASN C 939 17.44 48.28 -1.66
CA ASN C 939 16.68 49.24 -0.86
C ASN C 939 15.39 49.63 -1.56
N THR C 940 15.43 49.76 -2.89
CA THR C 940 14.24 50.18 -3.64
C THR C 940 13.21 49.07 -3.77
N ILE C 941 13.64 47.82 -3.86
CA ILE C 941 12.70 46.72 -4.11
C ILE C 941 12.22 46.08 -2.82
N LEU C 942 13.01 46.16 -1.74
CA LEU C 942 12.61 45.54 -0.48
C LEU C 942 11.23 45.99 0.01
N PRO C 943 10.87 47.27 0.00
CA PRO C 943 9.53 47.65 0.46
C PRO C 943 8.42 47.16 -0.45
N GLN C 944 8.73 46.78 -1.69
CA GLN C 944 7.72 46.31 -2.63
C GLN C 944 7.44 44.82 -2.52
N LEU C 945 8.24 44.09 -1.74
CA LEU C 945 8.06 42.66 -1.56
C LEU C 945 7.08 42.39 -0.43
N THR C 946 6.49 41.20 -0.45
CA THR C 946 5.64 40.77 0.65
C THR C 946 6.45 40.77 1.94
N GLN C 947 5.72 40.88 3.07
CA GLN C 947 6.39 40.81 4.36
C GLN C 947 7.24 39.56 4.47
N GLU C 948 6.67 38.41 4.07
CA GLU C 948 7.38 37.14 4.18
C GLU C 948 8.69 37.15 3.41
N ASN C 949 8.69 37.74 2.21
CA ASN C 949 9.86 37.68 1.35
C ASN C 949 10.92 38.72 1.72
N GLN C 950 10.52 39.83 2.33
CA GLN C 950 11.52 40.77 2.85
C GLN C 950 12.41 40.10 3.89
N VAL C 951 11.83 39.18 4.67
CA VAL C 951 12.63 38.43 5.64
C VAL C 951 13.51 37.42 4.95
N LYS C 952 12.91 36.57 4.10
CA LYS C 952 13.68 35.57 3.37
C LYS C 952 14.83 36.20 2.60
N LEU C 953 14.61 37.38 2.02
CA LEU C 953 15.65 38.03 1.24
C LEU C 953 16.83 38.44 2.11
N ASN C 954 16.54 38.98 3.30
CA ASN C 954 17.62 39.36 4.21
C ASN C 954 18.39 38.14 4.69
N GLN C 955 17.71 37.02 4.90
CA GLN C 955 18.41 35.78 5.22
C GLN C 955 19.32 35.36 4.07
N LEU C 956 18.90 35.60 2.83
CA LEU C 956 19.75 35.27 1.68
C LEU C 956 20.99 36.15 1.63
N LEU C 957 20.80 37.47 1.75
CA LEU C 957 21.92 38.39 1.61
C LEU C 957 22.82 38.35 2.85
N VAL C 958 22.23 38.19 4.03
CA VAL C 958 23.00 38.14 5.27
C VAL C 958 23.32 36.68 5.61
N GLY C 959 23.00 35.78 4.70
CA GLY C 959 23.25 34.37 4.92
C GLY C 959 24.72 34.04 5.07
#